data_6OES
#
_entry.id   6OES
#
_cell.length_a   1.0
_cell.length_b   1.0
_cell.length_c   1.0
_cell.angle_alpha   90.00
_cell.angle_beta   90.00
_cell.angle_gamma   90.00
#
_symmetry.space_group_name_H-M   'P 1'
#
loop_
_entity.id
_entity.type
_entity.pdbx_description
1 polymer 'V(D)J recombination-activating protein 1'
2 polymer 'V(D)J recombination-activating protein 2'
3 polymer 'DNA (35-MER)'
4 polymer "DNA (5'-D(*CP*CP*TP*GP*GP*AP*TP*CP*TP*GP*GP*CP*CP*TP*G)-3')"
5 polymer 'DNA (34-MER)'
6 polymer "DNA (5'-D(P*CP*AP*CP*AP*GP*TP*GP*AP*TP*AP*CP*AP*GP*CP*C)-3')"
7 polymer "DNA (5'-D(P*CP*AP*CP*AP*GP*TP*GP*AP*TP*GP*CP*AP*AP*A)-3')"
8 non-polymer 'CALCIUM ION'
9 non-polymer 'ZINC ION'
10 water water
#
loop_
_entity_poly.entity_id
_entity_poly.type
_entity_poly.pdbx_seq_one_letter_code
_entity_poly.pdbx_strand_id
1 'polypeptide(L)'
;MAASLPSTLSFSSAPDEIQHPQIKFSEWKFKLFRVRSFEKAPEEAQKEKDSSEGKPYLEQSPVVPEKPGGQNSILTQRAL
KLHPKFSKKFHADGKSSDKAVHQARLRHFCRICGNRFKSDGHSRRYPVHGPVDAKTQSLFRKKEKRVTSWPDLIARIFRI
DVKADVDSIHPTEFCHDCWSIMHRKFSSSHSQVYFPRKVTVEWHPHTPSCDICFTAHRGLKRKRHQPNVQLSKKLKTVLN
HARRDRRKRTQARVSSKEVLKKISNCSKIHLSTKLLAVDFPAHFVKSISCQICEHILADPVETSCKHLFCRICILRCLKV
MGSYCPSCRYPCFPTDLESPVKSFLNILNSLMVKCPAQDCNEEVSLEKYNHHVSSHKESKETLVHINKGGRPRQHLLSLT
RRAQKHRLRELKIQVKEFADKEEGGDVKAVCLTLFLLALRARNEHRQADELEAIMQGRGSGLQPAVCLAIRVNTFLSCSQ
YHKMYRTVKAITGRQIFQPLHALRNAEKVLLPGYHPFEWQPPLKNVSSRTDVGIIDGLSGLASSVDEYPVDTIAKRFRYD
SALVSALMDMEEDILEGMRSQDLDDYLNGPFTVVVKESCDGMGDVSEKHGSGPAVPEKAVRFSFTVMRITIEHGSQNVKV
FEEPKPNSELCCKPLCLMLADESDHETLTAILSPLIAEREAMKSSELTLEMGGIPRTFKFIFRGTGYDEKLVREVEGLEA
SGSVYICTLCDTTRLEASQNLVFHSITRSHAENLQRYEVWRSNPYHESVEELRDRVKGVSAKPFIETVPSIDALHCDIGN
AAEFYKIFQLEIGEVYKHPNASKEERKRWQATLDKHLRKRMNLKPIMRMNGNFARKLMTQETVDAVCELIPSEERHEALR
ELMDLYLKMKPVWRSSCPAKECPESLCQYSFNSQRFAELLSTKFKYRYEGKITNYFHKTLAHVPEIIERDGSIGAWASEG
NQSGNKLFRRFRKMNARQSKCYEMEDVLKHHWLYTSKYLQKFMNAHNALKSSGFTMNSKETLGDPLGIEDSLESQDSMEF
;
A,C
2 'polypeptide(L)'
;MSLQMVTVGHNIALIQPGFSLMNFDGQVFFFGQKGWPKRSCPTGVFHFDIKQNHLKLKPAIFSKDSCYLPPLRYPATCSY
KGSIDSDKHQYIIHGGKTPNNELSDKIYIMSVACKNNKKVTFRCTEKDLVGDVPEPRYGHSIDVVYSRGKSMGVLFGGRS
YMPSTQRTTEKWNSVADCLPHVFLIDFEFGCATSYILPELQDGLSFHVSIARNDTVYILGGHSLASNIRPANLYRIRVDL
PLGTPAVNCTVLPGGISVSSAILTQTNNDEFVIVGGYQLENQKRMVCSLVSLGDNTIEISEMETPDWTSDIKHSKIWFGS
NMGNGTIFLGIPGDNKQAMSEAFYFYTLRCSEEDLSEDQKIVSNSQTSTEDPGDSTPFEDSEEFCFSAEATSFDGDDEFD
TYNEDDEDDESVTGYWITCCPTCDVDINTWVPFYSTELNKPAMIYCSHGDGHWVHAQCMDLEERTLIHLSEGSNKYYCNE
HVQIARALQTPKRNPPLQKPPMKSLHKKGSGKVLTPAKKSFLRRLFD
;
B,D
3 'polydeoxyribonucleotide'
;(DC)(DG)(DG)(DG)(DT)(DT)(DT)(DT)(DT)(DG)(DT)(DT)(DA)(DA)(DG)(DG)(DG)(DC)(DT)(DG)
(DT)(DA)(DT)(DC)(DA)(DC)(DT)(DG)(DT)(DG)(DC)(DG)(DG)(DC)(DG)(DC)(DA)(DG)(DG)(DC)
(DC)(DA)(DG)(DA)(DT)(DC)(DC)(DA)(DG)(DG)
;
F
4 'polydeoxyribonucleotide' (DC)(DC)(DT)(DG)(DG)(DA)(DT)(DC)(DT)(DG)(DG)(DC)(DC)(DT)(DG) J,I
5 'polydeoxyribonucleotide'
;(DC)(DG)(DG)(DG)(DT)(DT)(DT)(DT)(DT)(DG)(DT)(DC)(DT)(DG)(DG)(DC)(DT)(DT)(DC)(DA)
(DC)(DA)(DC)(DT)(DT)(DG)(DA)(DT)(DT)(DT)(DG)(DC)(DA)(DT)(DC)(DA)(DC)(DT)(DG)(DT)
(DG)(DC)(DG)(DC)(DC)(DG)(DC)(DA)(DG)(DG)(DC)(DC)(DA)(DG)(DA)(DT)(DC)(DC)(DA)(DG)
(DG)
;
G
6 'polydeoxyribonucleotide'
;(DC)(DA)(DC)(DA)(DG)(DT)(DG)(DA)(DT)(DA)(DC)(DA)(DG)(DC)(DC)(DC)(DT)(DT)(DA)(DA)
(DC)(DA)(DA)(DA)(DA)(DA)(DC)(DC)(DC)(DG)
;
L
7 'polydeoxyribonucleotide'
;(DC)(DA)(DC)(DA)(DG)(DT)(DG)(DA)(DT)(DG)(DC)(DA)(DA)(DA)(DT)(DC)(DA)(DA)(DG)(DT)
(DG)(DT)(DG)(DA)(DA)(DG)(DC)(DC)(DA)(DG)(DA)(DC)(DA)(DA)(DA)(DA)(DA)(DC)(DC)(DC)
(DG)
;
M
#
loop_
_chem_comp.id
_chem_comp.type
_chem_comp.name
_chem_comp.formula
CA non-polymer 'CALCIUM ION' 'Ca 2'
DA DNA linking 2'-DEOXYADENOSINE-5'-MONOPHOSPHATE 'C10 H14 N5 O6 P'
DC DNA linking 2'-DEOXYCYTIDINE-5'-MONOPHOSPHATE 'C9 H14 N3 O7 P'
DG DNA linking 2'-DEOXYGUANOSINE-5'-MONOPHOSPHATE 'C10 H14 N5 O7 P'
DT DNA linking THYMIDINE-5'-MONOPHOSPHATE 'C10 H15 N2 O8 P'
ZN non-polymer 'ZINC ION' 'Zn 2'
#
# COMPACT_ATOMS: atom_id res chain seq x y z
N GLY A 461 29.53 14.05 -32.93
CA GLY A 461 29.28 15.30 -32.23
C GLY A 461 27.82 15.70 -32.22
N LEU A 462 27.20 15.63 -31.04
CA LEU A 462 25.81 16.02 -30.86
C LEU A 462 25.74 17.37 -30.17
N GLN A 463 24.73 18.16 -30.53
CA GLN A 463 24.49 19.42 -29.87
C GLN A 463 23.95 19.16 -28.47
N PRO A 464 24.24 20.05 -27.50
CA PRO A 464 23.77 19.82 -26.12
C PRO A 464 22.26 19.88 -25.95
N ALA A 465 21.54 20.55 -26.85
CA ALA A 465 20.08 20.46 -26.83
C ALA A 465 19.61 19.07 -27.23
N VAL A 466 20.32 18.42 -28.16
CA VAL A 466 19.96 17.08 -28.59
C VAL A 466 20.23 16.07 -27.48
N CYS A 467 21.39 16.20 -26.80
CA CYS A 467 21.67 15.32 -25.67
C CYS A 467 20.73 15.59 -24.51
N LEU A 468 20.28 16.84 -24.35
CA LEU A 468 19.29 17.15 -23.32
C LEU A 468 17.96 16.49 -23.61
N ALA A 469 17.53 16.53 -24.88
CA ALA A 469 16.27 15.88 -25.26
C ALA A 469 16.35 14.37 -25.13
N ILE A 470 17.50 13.78 -25.48
CA ILE A 470 17.70 12.35 -25.35
C ILE A 470 17.76 11.93 -23.88
N ARG A 471 18.33 12.78 -23.03
CA ARG A 471 18.37 12.46 -21.60
C ARG A 471 17.00 12.57 -20.94
N VAL A 472 16.23 13.60 -21.28
CA VAL A 472 14.96 13.77 -20.55
C VAL A 472 13.85 12.93 -21.16
N ASN A 473 13.91 12.57 -22.43
CA ASN A 473 12.78 11.85 -23.01
C ASN A 473 12.89 10.34 -22.86
N THR A 474 14.09 9.81 -22.69
CA THR A 474 14.28 8.38 -22.45
C THR A 474 14.38 8.07 -20.96
N PHE A 475 13.94 9.00 -20.11
CA PHE A 475 13.86 8.84 -18.65
C PHE A 475 15.21 8.55 -18.00
N LEU A 476 16.29 9.04 -18.61
CA LEU A 476 17.61 8.89 -18.04
C LEU A 476 17.84 9.93 -16.96
N SER A 477 18.54 9.54 -15.90
CA SER A 477 18.94 10.49 -14.88
C SER A 477 20.27 11.12 -15.27
N CYS A 478 20.78 12.01 -14.41
CA CYS A 478 22.10 12.56 -14.66
C CYS A 478 23.18 11.54 -14.33
N SER A 479 22.96 10.72 -13.31
CA SER A 479 23.94 9.73 -12.89
C SER A 479 24.06 8.56 -13.86
N GLN A 480 23.06 8.33 -14.69
CA GLN A 480 23.11 7.29 -15.72
C GLN A 480 23.56 7.83 -17.07
N TYR A 481 23.15 9.06 -17.40
CA TYR A 481 23.68 9.73 -18.59
C TYR A 481 25.18 9.98 -18.45
N HIS A 482 25.66 10.23 -17.23
CA HIS A 482 27.09 10.41 -17.04
C HIS A 482 27.86 9.13 -17.30
N LYS A 483 27.31 7.98 -16.89
CA LYS A 483 27.96 6.70 -17.16
C LYS A 483 27.94 6.38 -18.65
N MET A 484 26.82 6.66 -19.32
CA MET A 484 26.72 6.41 -20.76
C MET A 484 27.68 7.29 -21.55
N TYR A 485 27.73 8.58 -21.20
CA TYR A 485 28.64 9.53 -21.85
C TYR A 485 30.10 9.17 -21.59
N ARG A 486 30.42 8.76 -20.37
CA ARG A 486 31.78 8.40 -20.02
C ARG A 486 32.25 7.15 -20.75
N THR A 487 31.37 6.15 -20.88
CA THR A 487 31.74 4.93 -21.59
C THR A 487 31.86 5.18 -23.10
N VAL A 488 30.95 5.97 -23.66
CA VAL A 488 31.01 6.28 -25.10
C VAL A 488 32.25 7.10 -25.43
N LYS A 489 32.63 8.02 -24.54
CA LYS A 489 33.84 8.81 -24.77
C LYS A 489 35.10 7.96 -24.57
N ALA A 490 35.14 7.13 -23.54
CA ALA A 490 36.35 6.38 -23.25
C ALA A 490 36.56 5.19 -24.18
N ILE A 491 35.53 4.72 -24.86
CA ILE A 491 35.65 3.58 -25.76
C ILE A 491 35.82 4.01 -27.21
N THR A 492 34.98 4.93 -27.68
CA THR A 492 35.07 5.39 -29.06
C THR A 492 36.11 6.49 -29.26
N GLY A 493 36.70 7.02 -28.20
CA GLY A 493 37.63 8.09 -28.39
C GLY A 493 36.95 9.44 -28.40
N ARG A 494 36.58 9.89 -29.59
CA ARG A 494 35.92 11.18 -29.81
C ARG A 494 34.62 11.29 -29.02
N GLN A 495 34.29 12.52 -28.65
CA GLN A 495 33.20 12.82 -27.72
C GLN A 495 31.90 12.96 -28.50
N ILE A 496 31.07 11.92 -28.47
CA ILE A 496 29.81 11.95 -29.21
C ILE A 496 28.79 12.84 -28.50
N PHE A 497 28.55 12.56 -27.22
CA PHE A 497 27.61 13.34 -26.44
C PHE A 497 28.29 14.60 -25.90
N GLN A 498 27.60 15.28 -24.99
CA GLN A 498 28.11 16.45 -24.30
C GLN A 498 28.12 16.18 -22.80
N PRO A 499 29.02 16.81 -22.04
CA PRO A 499 29.02 16.61 -20.58
C PRO A 499 27.83 17.26 -19.89
N LEU A 500 27.76 17.09 -18.57
CA LEU A 500 26.55 17.47 -17.84
C LEU A 500 26.41 18.99 -17.71
N HIS A 501 27.51 19.72 -17.65
CA HIS A 501 27.42 21.17 -17.49
C HIS A 501 26.93 21.85 -18.77
N ALA A 502 27.22 21.26 -19.93
CA ALA A 502 26.68 21.79 -21.19
C ALA A 502 25.17 21.61 -21.25
N LEU A 503 24.67 20.49 -20.73
CA LEU A 503 23.23 20.26 -20.69
C LEU A 503 22.57 21.16 -19.66
N ARG A 504 23.25 21.42 -18.54
CA ARG A 504 22.74 22.35 -17.53
C ARG A 504 22.68 23.77 -18.07
N ASN A 505 23.66 24.15 -18.89
CA ASN A 505 23.59 25.47 -19.53
C ASN A 505 22.52 25.51 -20.60
N ALA A 506 22.30 24.39 -21.29
CA ALA A 506 21.31 24.36 -22.36
C ALA A 506 19.88 24.34 -21.86
N GLU A 507 19.63 23.85 -20.65
CA GLU A 507 18.27 23.82 -20.14
C GLU A 507 17.81 25.14 -19.54
N LYS A 508 18.69 26.13 -19.42
CA LYS A 508 18.29 27.43 -18.89
C LYS A 508 17.46 28.23 -19.88
N VAL A 509 17.53 27.91 -21.17
CA VAL A 509 16.72 28.59 -22.16
C VAL A 509 15.27 28.17 -22.06
N LEU A 510 15.02 26.93 -21.66
CA LEU A 510 13.68 26.38 -21.66
C LEU A 510 12.94 26.60 -20.34
N LEU A 511 13.66 26.86 -19.26
CA LEU A 511 13.04 27.13 -17.98
C LEU A 511 12.38 28.52 -17.99
N PRO A 512 11.38 28.75 -17.13
CA PRO A 512 10.83 30.09 -17.03
C PRO A 512 11.79 31.05 -16.35
N GLY A 513 11.70 32.32 -16.74
CA GLY A 513 12.57 33.35 -16.23
C GLY A 513 13.75 33.68 -17.10
N TYR A 514 13.61 33.57 -18.42
CA TYR A 514 14.71 33.79 -19.34
C TYR A 514 14.40 34.83 -20.40
N HIS A 515 13.23 34.83 -20.92
CA HIS A 515 12.89 35.70 -22.04
C HIS A 515 12.29 37.01 -21.54
N PRO A 516 12.54 38.11 -22.24
CA PRO A 516 11.89 39.37 -21.87
C PRO A 516 10.45 39.42 -22.32
N PHE A 517 9.59 39.89 -21.43
CA PHE A 517 8.16 40.05 -21.73
C PHE A 517 7.66 41.32 -21.07
N GLU A 518 6.50 41.75 -21.53
CA GLU A 518 5.91 43.00 -20.99
C GLU A 518 4.38 42.90 -21.04
N TRP A 519 3.72 43.28 -19.95
CA TRP A 519 2.24 43.26 -19.86
C TRP A 519 1.71 44.66 -20.13
N GLN A 520 0.50 44.78 -20.69
CA GLN A 520 -0.06 46.11 -21.03
C GLN A 520 -1.58 46.12 -20.83
N PRO A 521 -2.12 46.69 -19.73
CA PRO A 521 -1.33 47.50 -18.80
C PRO A 521 -0.69 46.60 -17.73
N PRO A 522 0.30 47.09 -16.95
CA PRO A 522 0.96 46.26 -15.95
C PRO A 522 -0.01 45.57 -15.00
N LEU A 523 0.30 44.33 -14.69
CA LEU A 523 -0.59 43.55 -13.83
C LEU A 523 -0.59 44.11 -12.41
N LYS A 524 -1.75 44.06 -11.78
CA LYS A 524 -1.88 44.51 -10.41
C LYS A 524 -1.25 43.49 -9.46
N ASN A 525 -0.54 44.00 -8.46
CA ASN A 525 0.01 43.25 -7.34
C ASN A 525 1.04 42.20 -7.75
N VAL A 526 1.67 42.32 -8.91
CA VAL A 526 2.82 41.47 -9.23
C VAL A 526 3.99 42.39 -9.55
N SER A 527 5.19 41.82 -9.51
CA SER A 527 6.38 42.56 -9.92
C SER A 527 6.61 42.35 -11.41
N SER A 528 7.14 43.38 -12.06
CA SER A 528 7.44 43.31 -13.48
C SER A 528 8.83 42.75 -13.77
N ARG A 529 9.49 42.19 -12.76
CA ARG A 529 10.78 41.55 -12.97
C ARG A 529 10.60 40.27 -13.77
N THR A 530 11.47 40.07 -14.76
CA THR A 530 11.28 39.02 -15.75
C THR A 530 12.25 37.85 -15.60
N ASP A 531 13.07 37.85 -14.56
CA ASP A 531 14.06 36.79 -14.35
C ASP A 531 13.71 35.93 -13.14
N VAL A 532 12.42 35.71 -12.94
CA VAL A 532 11.92 34.97 -11.79
C VAL A 532 11.61 33.55 -12.22
N GLY A 533 12.25 32.58 -11.58
CA GLY A 533 12.03 31.18 -11.88
C GLY A 533 11.29 30.43 -10.79
N ILE A 534 11.93 29.41 -10.22
CA ILE A 534 11.34 28.66 -9.12
C ILE A 534 11.41 29.52 -7.86
N ILE A 535 10.25 29.76 -7.25
CA ILE A 535 10.17 30.49 -6.00
C ILE A 535 9.46 29.64 -4.96
N ASP A 536 9.51 30.10 -3.71
CA ASP A 536 8.84 29.40 -2.62
C ASP A 536 7.33 29.54 -2.76
N GLY A 537 6.62 28.42 -2.63
CA GLY A 537 5.18 28.43 -2.77
C GLY A 537 4.43 29.01 -1.59
N LEU A 538 5.10 29.17 -0.45
CA LEU A 538 4.47 29.77 0.73
C LEU A 538 4.19 31.25 0.55
N SER A 539 4.94 31.91 -0.35
CA SER A 539 4.81 33.33 -0.67
C SER A 539 5.02 34.21 0.55
N GLY A 540 6.09 33.94 1.29
CA GLY A 540 6.42 34.72 2.46
C GLY A 540 5.51 34.49 3.64
N LEU A 541 4.91 33.30 3.73
CA LEU A 541 4.01 32.99 4.84
C LEU A 541 4.81 32.87 6.13
N ALA A 542 4.36 33.60 7.15
CA ALA A 542 5.13 33.75 8.38
C ALA A 542 5.05 32.47 9.20
N SER A 543 6.21 31.87 9.43
CA SER A 543 6.33 30.62 10.17
C SER A 543 6.76 30.84 11.62
N SER A 544 6.32 31.94 12.22
CA SER A 544 6.66 32.22 13.60
C SER A 544 5.87 31.31 14.55
N VAL A 545 6.34 31.24 15.79
CA VAL A 545 5.76 30.31 16.76
C VAL A 545 4.44 30.82 17.32
N ASP A 546 4.12 32.10 17.12
CA ASP A 546 2.89 32.68 17.64
C ASP A 546 1.71 32.48 16.72
N GLU A 547 1.94 32.15 15.45
CA GLU A 547 0.91 32.13 14.44
C GLU A 547 0.42 30.71 14.18
N TYR A 548 -0.39 30.56 13.14
CA TYR A 548 -0.87 29.26 12.72
C TYR A 548 0.30 28.40 12.26
N PRO A 549 0.45 27.18 12.76
CA PRO A 549 1.63 26.38 12.41
C PRO A 549 1.56 25.85 10.99
N VAL A 550 2.69 25.93 10.30
CA VAL A 550 2.81 25.45 8.92
C VAL A 550 3.62 24.17 8.92
N ASP A 551 3.23 23.24 8.05
CA ASP A 551 3.89 21.96 7.91
C ASP A 551 3.95 21.57 6.43
N THR A 552 4.30 22.53 5.58
CA THR A 552 4.11 22.37 4.15
C THR A 552 5.36 22.84 3.41
N ILE A 553 5.80 22.04 2.45
CA ILE A 553 6.86 22.40 1.53
C ILE A 553 6.24 22.61 0.16
N ALA A 554 6.46 23.79 -0.41
CA ALA A 554 5.83 24.14 -1.68
C ALA A 554 6.79 24.93 -2.55
N LYS A 555 6.82 24.59 -3.84
CA LYS A 555 7.63 25.28 -4.82
C LYS A 555 6.78 25.52 -6.05
N ARG A 556 7.01 26.65 -6.71
CA ARG A 556 6.17 27.01 -7.85
C ARG A 556 6.92 27.95 -8.77
N PHE A 557 6.43 28.05 -10.00
CA PHE A 557 6.80 29.12 -10.91
C PHE A 557 5.84 30.28 -10.72
N ARG A 558 6.25 31.45 -11.22
CA ARG A 558 5.29 32.51 -11.42
C ARG A 558 4.41 32.15 -12.60
N TYR A 559 3.20 32.71 -12.61
CA TYR A 559 2.22 32.29 -13.61
C TYR A 559 2.49 32.91 -14.98
N ASP A 560 2.87 34.20 -15.00
CA ASP A 560 3.21 34.83 -16.27
C ASP A 560 4.53 34.31 -16.82
N SER A 561 5.48 33.97 -15.96
CA SER A 561 6.74 33.39 -16.43
C SER A 561 6.53 32.01 -17.03
N ALA A 562 5.64 31.21 -16.42
CA ALA A 562 5.30 29.92 -16.99
C ALA A 562 4.57 30.07 -18.31
N LEU A 563 3.71 31.07 -18.42
CA LEU A 563 2.99 31.30 -19.68
C LEU A 563 3.92 31.75 -20.80
N VAL A 564 4.88 32.64 -20.50
CA VAL A 564 5.78 33.08 -21.56
C VAL A 564 6.76 31.97 -21.93
N SER A 565 7.12 31.10 -20.99
CA SER A 565 8.00 29.98 -21.34
C SER A 565 7.27 28.96 -22.19
N ALA A 566 5.98 28.71 -21.91
CA ALA A 566 5.20 27.80 -22.73
C ALA A 566 4.98 28.36 -24.13
N LEU A 567 4.74 29.66 -24.24
CA LEU A 567 4.54 30.25 -25.56
C LEU A 567 5.83 30.28 -26.37
N MET A 568 6.96 30.54 -25.71
CA MET A 568 8.23 30.53 -26.43
C MET A 568 8.69 29.12 -26.76
N ASP A 569 8.20 28.09 -26.06
CA ASP A 569 8.43 26.72 -26.50
C ASP A 569 7.54 26.38 -27.69
N MET A 570 6.32 26.91 -27.71
CA MET A 570 5.35 26.59 -28.75
C MET A 570 5.52 27.47 -29.99
N GLU A 571 6.48 28.42 -29.95
CA GLU A 571 6.83 29.32 -31.05
C GLU A 571 6.90 28.70 -32.45
N GLU A 572 7.62 27.57 -32.59
CA GLU A 572 7.76 26.95 -33.91
C GLU A 572 6.43 26.35 -34.38
N ASP A 573 5.64 25.80 -33.46
CA ASP A 573 4.33 25.27 -33.82
C ASP A 573 3.37 26.38 -34.21
N ILE A 574 3.47 27.54 -33.55
CA ILE A 574 2.62 28.68 -33.86
C ILE A 574 2.95 29.24 -35.23
N LEU A 575 4.25 29.34 -35.54
CA LEU A 575 4.67 29.81 -36.86
C LEU A 575 4.29 28.81 -37.96
N GLU A 576 4.39 27.51 -37.65
CA GLU A 576 3.98 26.49 -38.62
C GLU A 576 2.47 26.51 -38.85
N GLY A 577 1.69 26.79 -37.80
CA GLY A 577 0.26 26.90 -37.98
C GLY A 577 -0.14 28.13 -38.77
N MET A 578 0.56 29.25 -38.55
CA MET A 578 0.31 30.45 -39.36
C MET A 578 0.73 30.26 -40.80
N ARG A 579 1.74 29.41 -41.05
CA ARG A 579 2.08 29.09 -42.43
C ARG A 579 1.03 28.19 -43.06
N SER A 580 0.61 27.14 -42.36
CA SER A 580 -0.26 26.12 -42.94
C SER A 580 -1.73 26.53 -42.99
N GLN A 581 -2.14 27.55 -42.25
CA GLN A 581 -3.53 28.00 -42.29
C GLN A 581 -3.79 29.04 -43.37
N ASP A 582 -2.90 29.14 -44.37
CA ASP A 582 -2.93 30.16 -45.43
C ASP A 582 -2.94 31.58 -44.86
N LEU A 583 -2.14 31.80 -43.82
CA LEU A 583 -1.94 33.12 -43.24
C LEU A 583 -0.52 33.59 -43.49
N ASP A 584 -0.19 34.75 -42.93
CA ASP A 584 1.07 35.42 -43.11
C ASP A 584 2.04 34.89 -42.05
N ASP A 585 3.24 35.48 -41.97
CA ASP A 585 4.22 35.07 -40.96
C ASP A 585 4.64 36.19 -40.02
N TYR A 586 4.53 37.45 -40.44
CA TYR A 586 4.83 38.58 -39.56
C TYR A 586 3.58 39.19 -38.96
N LEU A 587 2.49 38.43 -38.87
CA LEU A 587 1.28 38.93 -38.22
C LEU A 587 1.50 39.08 -36.72
N ASN A 588 1.07 40.20 -36.18
CA ASN A 588 1.19 40.49 -34.76
C ASN A 588 -0.17 40.81 -34.18
N GLY A 589 -1.18 40.06 -34.58
CA GLY A 589 -2.54 40.31 -34.14
C GLY A 589 -2.78 39.85 -32.71
N PRO A 590 -3.97 40.13 -32.19
CA PRO A 590 -4.30 39.69 -30.84
C PRO A 590 -4.56 38.20 -30.76
N PHE A 591 -3.50 37.42 -30.56
CA PHE A 591 -3.64 35.99 -30.33
C PHE A 591 -4.39 35.73 -29.02
N THR A 592 -5.32 34.78 -29.07
CA THR A 592 -6.11 34.39 -27.92
C THR A 592 -5.74 32.97 -27.53
N VAL A 593 -5.08 32.82 -26.38
CA VAL A 593 -4.62 31.53 -25.89
C VAL A 593 -5.67 30.97 -24.95
N VAL A 594 -6.05 29.71 -25.16
CA VAL A 594 -6.98 29.00 -24.28
C VAL A 594 -6.18 27.95 -23.54
N VAL A 595 -6.17 28.00 -22.20
CA VAL A 595 -5.44 27.04 -21.41
C VAL A 595 -6.44 26.24 -20.57
N LYS A 596 -5.97 25.12 -20.03
CA LYS A 596 -6.79 24.24 -19.21
C LYS A 596 -6.04 23.94 -17.93
N GLU A 597 -6.61 24.33 -16.80
CA GLU A 597 -5.96 24.21 -15.50
C GLU A 597 -6.53 23.04 -14.72
N SER A 598 -5.67 22.37 -13.97
CA SER A 598 -6.03 21.16 -13.26
C SER A 598 -5.42 21.16 -11.87
N CYS A 599 -6.10 20.51 -10.94
CA CYS A 599 -5.61 20.35 -9.58
C CYS A 599 -6.14 19.02 -9.03
N ASP A 600 -5.26 18.27 -8.38
CA ASP A 600 -5.65 16.99 -7.80
C ASP A 600 -4.67 16.64 -6.70
N GLY A 601 -5.20 16.28 -5.53
CA GLY A 601 -4.37 15.76 -4.47
C GLY A 601 -3.95 14.33 -4.73
N MET A 602 -2.86 13.93 -4.09
CA MET A 602 -2.37 12.57 -4.20
C MET A 602 -2.15 11.99 -2.81
N GLY A 603 -2.14 10.67 -2.73
CA GLY A 603 -1.94 9.97 -1.48
C GLY A 603 -0.74 9.05 -1.57
N ASP A 604 -0.35 8.53 -0.39
CA ASP A 604 0.77 7.61 -0.20
C ASP A 604 2.09 8.20 -0.71
N VAL A 605 2.24 9.52 -0.62
CA VAL A 605 3.51 10.18 -0.94
C VAL A 605 4.30 10.20 0.36
N SER A 606 5.14 9.18 0.54
CA SER A 606 5.82 8.98 1.81
C SER A 606 6.89 10.04 2.02
N GLU A 607 6.81 10.76 3.13
CA GLU A 607 7.79 11.79 3.44
C GLU A 607 9.09 11.15 3.91
N LYS A 608 10.14 11.96 3.91
CA LYS A 608 11.48 11.48 4.15
C LYS A 608 11.91 11.74 5.60
N HIS A 609 13.04 11.16 5.97
CA HIS A 609 13.68 11.49 7.23
C HIS A 609 14.44 12.80 7.11
N GLY A 610 14.89 13.31 8.24
CA GLY A 610 15.76 14.46 8.26
C GLY A 610 15.09 15.70 8.82
N SER A 611 15.86 16.77 8.87
CA SER A 611 15.39 18.03 9.43
C SER A 611 14.41 18.71 8.49
N GLY A 612 13.37 19.30 9.07
CA GLY A 612 12.34 19.96 8.32
C GLY A 612 11.02 19.96 9.06
N PRO A 613 9.95 20.38 8.39
CA PRO A 613 8.63 20.40 9.04
C PRO A 613 8.07 18.99 9.18
N ALA A 614 7.02 18.89 10.01
CA ALA A 614 6.28 17.64 10.18
C ALA A 614 5.27 17.55 9.05
N VAL A 615 5.77 17.21 7.87
CA VAL A 615 5.03 17.27 6.62
C VAL A 615 4.05 16.09 6.53
N PRO A 616 2.82 16.28 6.07
CA PRO A 616 1.93 15.15 5.85
C PRO A 616 2.37 14.31 4.66
N GLU A 617 1.76 13.13 4.54
CA GLU A 617 2.12 12.17 3.52
C GLU A 617 1.26 12.28 2.27
N LYS A 618 0.81 13.48 1.93
CA LYS A 618 0.07 13.73 0.70
C LYS A 618 0.80 14.75 -0.15
N ALA A 619 0.21 15.09 -1.29
CA ALA A 619 0.76 16.07 -2.21
C ALA A 619 -0.36 16.62 -3.06
N VAL A 620 -0.26 17.90 -3.42
CA VAL A 620 -1.24 18.56 -4.28
C VAL A 620 -0.49 19.22 -5.43
N ARG A 621 -0.88 18.88 -6.67
CA ARG A 621 -0.26 19.42 -7.86
C ARG A 621 -1.22 20.36 -8.57
N PHE A 622 -0.70 21.48 -9.06
CA PHE A 622 -1.44 22.39 -9.92
C PHE A 622 -0.74 22.47 -11.26
N SER A 623 -1.48 22.29 -12.35
CA SER A 623 -0.90 22.20 -13.67
C SER A 623 -1.74 23.01 -14.65
N PHE A 624 -1.17 23.24 -15.83
CA PHE A 624 -1.92 23.86 -16.92
C PHE A 624 -1.47 23.26 -18.24
N THR A 625 -2.28 23.48 -19.27
CA THR A 625 -2.05 22.90 -20.59
C THR A 625 -2.57 23.87 -21.63
N VAL A 626 -1.70 24.34 -22.52
CA VAL A 626 -2.14 25.23 -23.58
C VAL A 626 -2.92 24.41 -24.60
N MET A 627 -4.19 24.75 -24.78
CA MET A 627 -5.13 23.93 -25.53
C MET A 627 -5.33 24.39 -26.96
N ARG A 628 -5.45 25.70 -27.20
CA ARG A 628 -5.82 26.20 -28.50
C ARG A 628 -5.44 27.67 -28.59
N ILE A 629 -4.72 28.04 -29.65
CA ILE A 629 -4.34 29.43 -29.90
C ILE A 629 -4.99 29.87 -31.20
N THR A 630 -5.76 30.96 -31.14
CA THR A 630 -6.41 31.53 -32.32
C THR A 630 -5.79 32.89 -32.63
N ILE A 631 -6.29 33.50 -33.71
CA ILE A 631 -5.90 34.84 -34.11
C ILE A 631 -7.11 35.48 -34.77
N GLU A 632 -7.22 36.80 -34.65
CA GLU A 632 -8.23 37.57 -35.36
C GLU A 632 -7.68 37.95 -36.72
N HIS A 633 -8.24 37.39 -37.78
CA HIS A 633 -7.87 37.74 -39.15
C HIS A 633 -9.16 38.03 -39.91
N GLY A 634 -9.37 39.30 -40.24
CA GLY A 634 -10.64 39.73 -40.77
C GLY A 634 -11.68 39.74 -39.68
N SER A 635 -12.74 38.95 -39.84
CA SER A 635 -13.76 38.79 -38.80
C SER A 635 -13.71 37.43 -38.15
N GLN A 636 -13.43 36.38 -38.90
CA GLN A 636 -13.41 35.03 -38.37
C GLN A 636 -12.11 34.77 -37.61
N ASN A 637 -12.21 33.93 -36.59
CA ASN A 637 -11.06 33.49 -35.81
C ASN A 637 -10.57 32.16 -36.37
N VAL A 638 -9.37 32.13 -36.92
CA VAL A 638 -8.78 30.89 -37.41
C VAL A 638 -7.85 30.35 -36.32
N LYS A 639 -7.67 29.04 -36.33
CA LYS A 639 -6.96 28.34 -35.26
C LYS A 639 -5.56 27.97 -35.75
N VAL A 640 -4.55 28.66 -35.22
CA VAL A 640 -3.17 28.38 -35.60
C VAL A 640 -2.56 27.26 -34.78
N PHE A 641 -3.27 26.76 -33.78
CA PHE A 641 -2.76 25.68 -32.94
C PHE A 641 -3.94 24.94 -32.33
N GLU A 642 -3.77 23.63 -32.17
CA GLU A 642 -4.71 22.80 -31.44
C GLU A 642 -3.96 21.56 -30.97
N GLU A 643 -4.08 21.25 -29.69
CA GLU A 643 -3.35 20.12 -29.13
C GLU A 643 -3.91 18.81 -29.67
N PRO A 644 -3.11 17.95 -30.29
CA PRO A 644 -3.64 16.71 -30.88
C PRO A 644 -3.94 15.64 -29.84
N LYS A 645 -3.15 15.60 -28.76
CA LYS A 645 -3.31 14.62 -27.70
C LYS A 645 -3.50 15.38 -26.39
N PRO A 646 -4.72 15.81 -26.08
CA PRO A 646 -4.93 16.74 -24.97
C PRO A 646 -4.85 16.10 -23.60
N ASN A 647 -5.21 14.82 -23.48
CA ASN A 647 -5.16 14.11 -22.22
C ASN A 647 -3.85 13.36 -22.03
N SER A 648 -2.78 13.83 -22.66
CA SER A 648 -1.49 13.18 -22.56
C SER A 648 -0.67 13.77 -21.43
N GLU A 649 0.34 13.01 -21.00
CA GLU A 649 1.28 13.51 -20.02
C GLU A 649 2.38 14.36 -20.63
N LEU A 650 2.46 14.42 -21.95
CA LEU A 650 3.50 15.19 -22.62
C LEU A 650 3.22 16.68 -22.64
N CYS A 651 1.97 17.08 -22.41
CA CYS A 651 1.59 18.48 -22.56
C CYS A 651 1.00 19.08 -21.30
N CYS A 652 0.92 18.33 -20.20
CA CYS A 652 0.41 18.86 -18.94
C CYS A 652 1.58 19.44 -18.16
N LYS A 653 1.77 20.74 -18.26
CA LYS A 653 2.93 21.39 -17.69
C LYS A 653 2.70 21.68 -16.21
N PRO A 654 3.64 21.37 -15.33
CA PRO A 654 3.45 21.62 -13.91
C PRO A 654 3.61 23.10 -13.58
N LEU A 655 2.93 23.51 -12.53
CA LEU A 655 2.95 24.91 -12.12
C LEU A 655 3.24 25.11 -10.65
N CYS A 656 2.73 24.25 -9.78
CA CYS A 656 2.96 24.36 -8.35
C CYS A 656 2.85 22.98 -7.73
N LEU A 657 3.83 22.62 -6.90
CA LEU A 657 3.86 21.34 -6.23
C LEU A 657 4.01 21.56 -4.74
N MET A 658 3.01 21.15 -3.97
CA MET A 658 3.00 21.32 -2.52
C MET A 658 2.72 19.99 -1.86
N LEU A 659 3.09 19.89 -0.59
CA LEU A 659 2.91 18.67 0.20
C LEU A 659 1.99 18.96 1.37
N ALA A 660 0.68 18.88 1.09
CA ALA A 660 -0.33 19.07 2.12
C ALA A 660 -1.59 18.33 1.69
N ASP A 661 -2.49 18.14 2.65
CA ASP A 661 -3.75 17.47 2.38
C ASP A 661 -4.65 18.37 1.55
N GLU A 662 -5.41 17.76 0.64
CA GLU A 662 -6.35 18.52 -0.18
C GLU A 662 -7.60 18.93 0.60
N SER A 663 -7.84 18.32 1.76
CA SER A 663 -8.97 18.68 2.61
C SER A 663 -8.61 19.70 3.68
N ASP A 664 -7.32 19.98 3.87
CA ASP A 664 -6.88 21.03 4.77
C ASP A 664 -7.13 22.34 4.04
N HIS A 665 -8.21 23.02 4.40
CA HIS A 665 -8.65 24.18 3.63
C HIS A 665 -7.73 25.39 3.84
N GLU A 666 -7.25 25.59 5.06
CA GLU A 666 -6.46 26.78 5.39
C GLU A 666 -5.13 26.77 4.65
N THR A 667 -4.43 25.64 4.66
CA THR A 667 -3.18 25.51 3.93
C THR A 667 -3.40 25.60 2.42
N LEU A 668 -4.52 25.05 1.94
CA LEU A 668 -4.80 25.06 0.51
C LEU A 668 -5.04 26.47 0.00
N THR A 669 -5.83 27.28 0.73
CA THR A 669 -6.00 28.67 0.32
C THR A 669 -4.71 29.48 0.51
N ALA A 670 -3.95 29.18 1.58
CA ALA A 670 -2.72 29.94 1.84
C ALA A 670 -1.66 29.70 0.78
N ILE A 671 -1.68 28.55 0.13
CA ILE A 671 -0.75 28.33 -0.99
C ILE A 671 -1.36 28.76 -2.31
N LEU A 672 -2.64 28.50 -2.56
CA LEU A 672 -3.21 28.72 -3.88
C LEU A 672 -3.71 30.14 -4.11
N SER A 673 -3.74 30.99 -3.10
CA SER A 673 -4.18 32.37 -3.31
C SER A 673 -3.25 33.27 -4.14
N PRO A 674 -1.90 33.16 -4.09
CA PRO A 674 -1.11 33.92 -5.08
C PRO A 674 -1.33 33.50 -6.52
N LEU A 675 -1.64 32.23 -6.77
CA LEU A 675 -1.88 31.78 -8.14
C LEU A 675 -3.16 32.38 -8.69
N ILE A 676 -4.22 32.40 -7.89
CA ILE A 676 -5.48 33.00 -8.34
C ILE A 676 -5.34 34.52 -8.38
N ALA A 677 -4.46 35.10 -7.56
CA ALA A 677 -4.18 36.52 -7.65
C ALA A 677 -3.52 36.88 -8.98
N GLU A 678 -2.48 36.13 -9.37
CA GLU A 678 -1.82 36.36 -10.66
C GLU A 678 -2.76 36.08 -11.83
N ARG A 679 -3.60 35.04 -11.70
CA ARG A 679 -4.52 34.67 -12.76
C ARG A 679 -5.60 35.72 -12.96
N GLU A 680 -6.17 36.24 -11.87
CA GLU A 680 -7.14 37.32 -11.95
C GLU A 680 -6.48 38.62 -12.39
N ALA A 681 -5.19 38.80 -12.09
CA ALA A 681 -4.48 39.98 -12.56
C ALA A 681 -4.30 39.97 -14.07
N MET A 682 -3.95 38.82 -14.64
CA MET A 682 -3.73 38.75 -16.07
C MET A 682 -4.95 38.27 -16.85
N LYS A 683 -6.11 38.14 -16.18
CA LYS A 683 -7.35 37.89 -16.91
C LYS A 683 -7.82 39.07 -17.74
N SER A 684 -7.29 40.27 -17.53
CA SER A 684 -7.76 41.46 -18.23
C SER A 684 -6.60 42.31 -18.71
N SER A 685 -5.58 41.69 -19.31
CA SER A 685 -4.42 42.40 -19.81
C SER A 685 -3.97 41.77 -21.12
N GLU A 686 -2.91 42.33 -21.71
CA GLU A 686 -2.39 41.91 -23.00
C GLU A 686 -0.88 41.79 -22.90
N LEU A 687 -0.37 40.62 -23.26
CA LEU A 687 1.06 40.30 -23.11
C LEU A 687 1.76 40.46 -24.45
N THR A 688 2.78 41.31 -24.48
CA THR A 688 3.60 41.50 -25.68
C THR A 688 4.84 40.64 -25.58
N LEU A 689 5.10 39.85 -26.63
CA LEU A 689 6.20 38.90 -26.63
C LEU A 689 6.85 38.88 -28.01
N GLU A 690 8.18 38.98 -28.04
CA GLU A 690 8.93 38.98 -29.28
C GLU A 690 9.12 37.54 -29.74
N MET A 691 8.41 37.15 -30.79
CA MET A 691 8.39 35.77 -31.27
C MET A 691 9.02 35.74 -32.66
N GLY A 692 10.28 35.32 -32.73
CA GLY A 692 10.97 35.27 -34.00
C GLY A 692 11.40 36.62 -34.51
N GLY A 693 11.71 37.55 -33.62
CA GLY A 693 12.15 38.88 -33.99
C GLY A 693 11.05 39.90 -34.14
N ILE A 694 9.79 39.49 -34.04
CA ILE A 694 8.64 40.37 -34.19
C ILE A 694 7.84 40.33 -32.89
N PRO A 695 7.49 41.47 -32.31
CA PRO A 695 6.67 41.46 -31.09
C PRO A 695 5.21 41.16 -31.42
N ARG A 696 4.61 40.26 -30.65
CA ARG A 696 3.22 39.85 -30.85
C ARG A 696 2.47 39.89 -29.53
N THR A 697 1.16 40.11 -29.63
CA THR A 697 0.31 40.33 -28.46
C THR A 697 -0.53 39.09 -28.18
N PHE A 698 -0.71 38.79 -26.88
CA PHE A 698 -1.37 37.57 -26.44
C PHE A 698 -2.43 37.87 -25.39
N LYS A 699 -3.67 37.47 -25.67
CA LYS A 699 -4.74 37.45 -24.69
C LYS A 699 -4.95 36.03 -24.21
N PHE A 700 -5.47 35.87 -22.99
CA PHE A 700 -5.58 34.56 -22.37
C PHE A 700 -7.00 34.31 -21.88
N ILE A 701 -7.44 33.07 -22.01
CA ILE A 701 -8.71 32.60 -21.49
C ILE A 701 -8.41 31.36 -20.65
N PHE A 702 -8.56 31.48 -19.34
CA PHE A 702 -8.28 30.38 -18.43
C PHE A 702 -9.56 29.59 -18.14
N ARG A 703 -9.45 28.27 -18.22
CA ARG A 703 -10.61 27.39 -18.09
C ARG A 703 -10.23 26.27 -17.14
N GLY A 704 -10.72 26.33 -15.90
CA GLY A 704 -10.43 25.29 -14.94
C GLY A 704 -11.42 24.15 -15.01
N THR A 705 -11.03 23.07 -15.70
CA THR A 705 -11.88 21.90 -15.86
C THR A 705 -11.25 20.60 -15.38
N GLY A 706 -9.99 20.62 -14.97
CA GLY A 706 -9.32 19.40 -14.59
C GLY A 706 -9.46 19.05 -13.13
N TYR A 707 -10.68 19.13 -12.61
CA TYR A 707 -10.97 18.89 -11.21
C TYR A 707 -12.00 17.78 -11.09
N ASP A 708 -11.87 16.96 -10.05
CA ASP A 708 -12.94 16.02 -9.74
C ASP A 708 -14.06 16.74 -8.99
N GLU A 709 -15.13 16.01 -8.68
CA GLU A 709 -16.32 16.65 -8.12
C GLU A 709 -16.11 17.07 -6.68
N LYS A 710 -15.32 16.32 -5.91
CA LYS A 710 -15.11 16.64 -4.51
C LYS A 710 -14.34 17.96 -4.33
N LEU A 711 -13.32 18.18 -5.16
CA LEU A 711 -12.58 19.43 -5.10
C LEU A 711 -13.41 20.61 -5.60
N VAL A 712 -14.32 20.37 -6.54
CA VAL A 712 -15.23 21.43 -6.99
C VAL A 712 -16.19 21.82 -5.87
N ARG A 713 -16.72 20.84 -5.15
CA ARG A 713 -17.55 21.11 -3.97
C ARG A 713 -16.77 21.86 -2.90
N GLU A 714 -15.47 21.54 -2.76
CA GLU A 714 -14.67 22.18 -1.71
C GLU A 714 -14.36 23.63 -2.06
N VAL A 715 -13.86 23.89 -3.26
CA VAL A 715 -13.40 25.23 -3.60
C VAL A 715 -14.49 26.12 -4.17
N GLU A 716 -15.69 25.60 -4.43
CA GLU A 716 -16.78 26.42 -4.92
C GLU A 716 -17.74 26.83 -3.83
N GLY A 717 -17.47 26.50 -2.57
CA GLY A 717 -18.35 26.88 -1.49
C GLY A 717 -19.63 26.07 -1.42
N LEU A 718 -19.62 24.84 -1.91
CA LEU A 718 -20.78 23.96 -1.89
C LEU A 718 -20.60 22.89 -0.82
N GLU A 719 -21.70 22.20 -0.54
CA GLU A 719 -21.67 21.13 0.45
C GLU A 719 -21.04 19.87 -0.14
N ALA A 720 -20.87 18.85 0.70
CA ALA A 720 -20.26 17.62 0.25
C ALA A 720 -21.23 16.82 -0.62
N SER A 721 -20.73 15.70 -1.16
CA SER A 721 -21.45 14.95 -2.18
C SER A 721 -22.67 14.23 -1.64
N GLY A 722 -22.73 13.97 -0.33
CA GLY A 722 -23.87 13.29 0.24
C GLY A 722 -25.05 14.17 0.56
N SER A 723 -25.08 15.41 0.06
CA SER A 723 -26.13 16.35 0.41
C SER A 723 -27.38 16.08 -0.41
N VAL A 724 -28.38 16.95 -0.28
CA VAL A 724 -29.57 16.85 -1.10
C VAL A 724 -29.41 17.65 -2.39
N TYR A 725 -28.60 18.70 -2.39
CA TYR A 725 -28.25 19.44 -3.61
C TYR A 725 -27.07 18.73 -4.24
N ILE A 726 -27.28 18.11 -5.39
CA ILE A 726 -26.33 17.12 -5.88
C ILE A 726 -25.48 17.62 -7.03
N CYS A 727 -25.99 18.55 -7.83
CA CYS A 727 -25.34 18.92 -9.06
C CYS A 727 -24.60 20.23 -8.88
N THR A 728 -23.35 20.29 -9.35
CA THR A 728 -22.56 21.51 -9.34
C THR A 728 -22.83 22.40 -10.54
N LEU A 729 -23.90 22.13 -11.30
CA LEU A 729 -24.28 22.93 -12.45
C LEU A 729 -25.69 23.49 -12.36
N CYS A 730 -26.53 22.96 -11.47
CA CYS A 730 -27.90 23.45 -11.36
C CYS A 730 -28.38 23.33 -9.92
N ASP A 731 -29.50 23.99 -9.63
CA ASP A 731 -30.10 23.98 -8.30
C ASP A 731 -31.26 22.98 -8.26
N THR A 732 -30.90 21.71 -8.23
CA THR A 732 -31.89 20.65 -8.10
C THR A 732 -31.64 19.86 -6.83
N THR A 733 -32.67 19.12 -6.41
CA THR A 733 -32.57 18.24 -5.25
C THR A 733 -32.50 16.80 -5.72
N ARG A 734 -32.06 15.92 -4.82
CA ARG A 734 -31.92 14.51 -5.16
C ARG A 734 -33.27 13.85 -5.39
N LEU A 735 -34.32 14.31 -4.71
CA LEU A 735 -35.65 13.77 -4.96
C LEU A 735 -36.20 14.24 -6.29
N GLU A 736 -35.99 15.52 -6.62
CA GLU A 736 -36.44 16.05 -7.90
C GLU A 736 -35.59 15.57 -9.06
N ALA A 737 -34.36 15.12 -8.80
CA ALA A 737 -33.53 14.59 -9.87
C ALA A 737 -34.00 13.21 -10.30
N SER A 738 -34.61 12.46 -9.39
CA SER A 738 -35.10 11.11 -9.67
C SER A 738 -36.52 11.09 -10.20
N GLN A 739 -37.10 12.26 -10.46
CA GLN A 739 -38.44 12.36 -11.02
C GLN A 739 -38.48 13.01 -12.38
N ASN A 740 -37.62 13.99 -12.64
CA ASN A 740 -37.51 14.62 -13.95
C ASN A 740 -36.47 13.92 -14.82
N LEU A 741 -35.24 13.79 -14.30
CA LEU A 741 -34.15 12.91 -14.76
C LEU A 741 -33.49 13.35 -16.06
N VAL A 742 -34.08 14.29 -16.79
CA VAL A 742 -33.50 14.82 -18.02
C VAL A 742 -33.49 16.33 -17.97
N PHE A 743 -34.67 16.92 -17.79
CA PHE A 743 -34.89 18.34 -18.05
C PHE A 743 -34.29 19.23 -16.98
N HIS A 744 -33.03 19.61 -17.16
CA HIS A 744 -32.36 20.55 -16.27
C HIS A 744 -31.44 21.42 -17.11
N SER A 745 -31.27 22.68 -16.69
CA SER A 745 -30.38 23.61 -17.36
C SER A 745 -29.27 24.04 -16.42
N ILE A 746 -28.16 24.50 -17.01
CA ILE A 746 -27.00 24.93 -16.23
C ILE A 746 -27.26 26.33 -15.69
N THR A 747 -27.27 26.46 -14.37
CA THR A 747 -27.55 27.74 -13.72
C THR A 747 -26.44 28.24 -12.81
N ARG A 748 -25.65 27.34 -12.22
CA ARG A 748 -24.66 27.76 -11.25
C ARG A 748 -23.44 28.38 -11.94
N SER A 749 -22.78 29.29 -11.22
CA SER A 749 -21.58 29.96 -11.70
C SER A 749 -20.77 30.40 -10.49
N HIS A 750 -19.71 31.18 -10.74
CA HIS A 750 -18.86 31.64 -9.65
C HIS A 750 -19.40 32.91 -9.00
N ALA A 751 -19.89 33.84 -9.82
CA ALA A 751 -20.48 35.07 -9.29
C ALA A 751 -21.76 34.79 -8.53
N GLU A 752 -22.55 33.82 -9.01
CA GLU A 752 -23.75 33.40 -8.29
C GLU A 752 -23.40 32.76 -6.95
N ASN A 753 -22.31 32.00 -6.90
CA ASN A 753 -21.90 31.40 -5.63
C ASN A 753 -21.39 32.44 -4.65
N LEU A 754 -20.71 33.48 -5.16
CA LEU A 754 -20.26 34.57 -4.29
C LEU A 754 -21.44 35.36 -3.74
N GLN A 755 -22.42 35.66 -4.59
CA GLN A 755 -23.62 36.36 -4.14
C GLN A 755 -24.42 35.52 -3.14
N ARG A 756 -24.46 34.21 -3.35
CA ARG A 756 -25.20 33.35 -2.44
C ARG A 756 -24.48 33.19 -1.11
N TYR A 757 -23.14 33.20 -1.11
CA TYR A 757 -22.43 33.24 0.17
C TYR A 757 -22.67 34.55 0.90
N GLU A 758 -22.74 35.66 0.17
CA GLU A 758 -23.02 36.94 0.84
C GLU A 758 -24.44 36.99 1.39
N VAL A 759 -25.39 36.35 0.70
CA VAL A 759 -26.74 36.24 1.23
C VAL A 759 -26.76 35.36 2.49
N TRP A 760 -26.00 34.26 2.48
CA TRP A 760 -25.93 33.40 3.65
C TRP A 760 -25.28 34.10 4.83
N ARG A 761 -24.22 34.87 4.57
CA ARG A 761 -23.44 35.47 5.64
C ARG A 761 -24.14 36.70 6.23
N SER A 762 -24.72 37.55 5.39
CA SER A 762 -25.38 38.75 5.89
C SER A 762 -26.76 38.44 6.49
N ASN A 763 -27.47 37.45 5.93
CA ASN A 763 -28.84 37.05 6.25
C ASN A 763 -29.79 38.24 6.22
N PRO A 764 -30.11 38.78 5.04
CA PRO A 764 -30.88 40.03 5.00
C PRO A 764 -32.38 39.84 5.16
N TYR A 765 -32.93 38.67 4.89
CA TYR A 765 -34.36 38.44 4.92
C TYR A 765 -34.84 37.83 6.23
N HIS A 766 -33.93 37.63 7.20
CA HIS A 766 -34.23 37.23 8.57
C HIS A 766 -34.97 35.89 8.62
N GLU A 767 -34.24 34.85 8.23
CA GLU A 767 -34.76 33.49 8.22
C GLU A 767 -33.95 32.60 9.14
N SER A 768 -34.47 31.40 9.38
CA SER A 768 -33.77 30.39 10.17
C SER A 768 -32.76 29.66 9.29
N VAL A 769 -32.26 28.51 9.76
CA VAL A 769 -31.21 27.79 9.05
C VAL A 769 -31.78 27.15 7.77
N GLU A 770 -32.95 26.51 7.87
CA GLU A 770 -33.48 25.73 6.77
C GLU A 770 -33.97 26.61 5.63
N GLU A 771 -34.64 27.71 5.95
CA GLU A 771 -35.11 28.62 4.91
C GLU A 771 -33.96 29.34 4.23
N LEU A 772 -32.90 29.67 4.98
CA LEU A 772 -31.74 30.31 4.38
C LEU A 772 -30.97 29.34 3.49
N ARG A 773 -30.91 28.06 3.88
CA ARG A 773 -30.27 27.06 3.04
C ARG A 773 -31.07 26.81 1.77
N ASP A 774 -32.40 26.81 1.88
CA ASP A 774 -33.25 26.70 0.69
C ASP A 774 -33.13 27.94 -0.20
N ARG A 775 -32.88 29.10 0.40
CA ARG A 775 -32.70 30.32 -0.39
C ARG A 775 -31.37 30.30 -1.14
N VAL A 776 -30.27 29.94 -0.46
CA VAL A 776 -28.96 30.00 -1.08
C VAL A 776 -28.57 28.71 -1.78
N LYS A 777 -29.39 27.66 -1.68
CA LYS A 777 -29.21 26.38 -2.37
C LYS A 777 -27.88 25.72 -2.05
N GLY A 778 -27.59 25.62 -0.75
CA GLY A 778 -26.43 24.88 -0.29
C GLY A 778 -25.13 25.63 -0.30
N VAL A 779 -25.09 26.86 -0.78
CA VAL A 779 -23.86 27.64 -0.80
C VAL A 779 -23.68 28.24 0.60
N SER A 780 -22.86 27.57 1.41
CA SER A 780 -22.65 27.97 2.80
C SER A 780 -21.19 28.29 3.10
N ALA A 781 -20.39 28.53 2.05
CA ALA A 781 -18.97 28.84 2.23
C ALA A 781 -18.54 29.73 1.08
N LYS A 782 -17.45 30.43 1.29
CA LYS A 782 -17.00 31.38 0.28
C LYS A 782 -16.13 30.66 -0.77
N PRO A 783 -16.43 30.79 -2.05
CA PRO A 783 -15.55 30.24 -3.07
C PRO A 783 -14.29 31.06 -3.20
N PHE A 784 -13.18 30.38 -3.51
CA PHE A 784 -11.92 31.06 -3.71
C PHE A 784 -11.19 30.67 -4.98
N ILE A 785 -11.74 29.76 -5.78
CA ILE A 785 -11.17 29.38 -7.06
C ILE A 785 -12.30 29.34 -8.07
N GLU A 786 -12.15 30.07 -9.18
CA GLU A 786 -13.14 30.07 -10.23
C GLU A 786 -12.96 28.84 -11.11
N THR A 787 -13.99 28.01 -11.19
CA THR A 787 -13.97 26.81 -12.01
C THR A 787 -15.08 26.86 -13.03
N VAL A 788 -14.94 26.07 -14.08
CA VAL A 788 -15.96 25.99 -15.12
C VAL A 788 -16.95 24.91 -14.75
N PRO A 789 -18.26 25.16 -14.86
CA PRO A 789 -19.24 24.08 -14.64
C PRO A 789 -19.23 23.08 -15.80
N SER A 790 -18.65 21.90 -15.56
CA SER A 790 -18.55 20.87 -16.58
C SER A 790 -18.49 19.51 -15.90
N ILE A 791 -18.18 18.47 -16.67
CA ILE A 791 -18.15 17.10 -16.19
C ILE A 791 -16.75 16.53 -16.43
N ASP A 792 -16.15 16.00 -15.37
CA ASP A 792 -14.92 15.23 -15.53
C ASP A 792 -15.26 13.88 -16.17
N ALA A 793 -14.69 13.59 -17.33
CA ALA A 793 -15.10 12.42 -18.10
C ALA A 793 -14.59 11.12 -17.49
N LEU A 794 -13.36 11.15 -16.94
CA LEU A 794 -12.75 9.94 -16.39
C LEU A 794 -13.50 9.45 -15.16
N HIS A 795 -13.77 10.37 -14.22
CA HIS A 795 -14.47 9.97 -13.00
C HIS A 795 -15.94 9.69 -13.26
N CYS A 796 -16.53 10.32 -14.28
CA CYS A 796 -17.89 9.97 -14.68
C CYS A 796 -17.96 8.55 -15.21
N ASP A 797 -16.97 8.15 -16.02
CA ASP A 797 -16.92 6.79 -16.54
C ASP A 797 -16.71 5.78 -15.42
N ILE A 798 -15.83 6.10 -14.46
CA ILE A 798 -15.57 5.20 -13.34
C ILE A 798 -16.81 5.06 -12.43
N GLY A 799 -17.49 6.17 -12.17
CA GLY A 799 -18.68 6.12 -11.32
C GLY A 799 -19.85 5.41 -11.97
N ASN A 800 -20.03 5.60 -13.28
CA ASN A 800 -21.08 4.87 -14.00
C ASN A 800 -20.77 3.38 -14.04
N ALA A 801 -19.49 3.02 -14.16
CA ALA A 801 -19.12 1.61 -14.16
C ALA A 801 -19.34 0.97 -12.80
N ALA A 802 -19.07 1.71 -11.71
CA ALA A 802 -19.31 1.15 -10.38
C ALA A 802 -20.79 1.01 -10.08
N GLU A 803 -21.61 1.96 -10.59
CA GLU A 803 -23.06 1.83 -10.44
C GLU A 803 -23.60 0.64 -11.23
N PHE A 804 -23.07 0.41 -12.43
CA PHE A 804 -23.47 -0.78 -13.19
C PHE A 804 -22.99 -2.06 -12.53
N TYR A 805 -21.84 -2.03 -11.84
CA TYR A 805 -21.38 -3.18 -11.08
C TYR A 805 -22.34 -3.51 -9.95
N LYS A 806 -22.85 -2.49 -9.27
CA LYS A 806 -23.85 -2.72 -8.23
C LYS A 806 -25.16 -3.23 -8.82
N ILE A 807 -25.54 -2.75 -10.01
CA ILE A 807 -26.74 -3.24 -10.69
C ILE A 807 -26.58 -4.72 -11.04
N PHE A 808 -25.39 -5.10 -11.51
CA PHE A 808 -25.12 -6.50 -11.84
C PHE A 808 -25.14 -7.39 -10.59
N GLN A 809 -24.67 -6.87 -9.46
CA GLN A 809 -24.75 -7.65 -8.23
C GLN A 809 -26.19 -7.78 -7.73
N LEU A 810 -27.03 -6.77 -7.94
CA LEU A 810 -28.40 -6.85 -7.47
C LEU A 810 -29.31 -7.64 -8.39
N GLU A 811 -28.98 -7.74 -9.68
CA GLU A 811 -29.87 -8.44 -10.61
C GLU A 811 -29.67 -9.94 -10.60
N ILE A 812 -28.48 -10.43 -10.26
CA ILE A 812 -28.29 -11.87 -10.13
C ILE A 812 -28.75 -12.39 -8.77
N GLY A 813 -29.12 -11.50 -7.85
CA GLY A 813 -29.59 -11.89 -6.55
C GLY A 813 -31.07 -11.82 -6.35
N GLU A 814 -31.84 -11.46 -7.38
CA GLU A 814 -33.30 -11.40 -7.38
C GLU A 814 -33.83 -10.46 -6.29
N VAL A 815 -33.25 -9.25 -6.25
CA VAL A 815 -33.67 -8.27 -5.26
C VAL A 815 -35.03 -7.67 -5.65
N TYR A 816 -35.32 -7.60 -6.95
CA TYR A 816 -36.61 -7.10 -7.42
C TYR A 816 -37.77 -8.02 -7.04
N LYS A 817 -37.50 -9.29 -6.74
CA LYS A 817 -38.50 -10.20 -6.22
C LYS A 817 -38.41 -10.36 -4.71
N HIS A 818 -37.20 -10.40 -4.16
CA HIS A 818 -37.00 -10.48 -2.71
C HIS A 818 -36.37 -9.18 -2.23
N PRO A 819 -37.16 -8.23 -1.71
CA PRO A 819 -36.58 -6.94 -1.33
C PRO A 819 -35.70 -6.99 -0.09
N ASN A 820 -35.86 -7.99 0.77
CA ASN A 820 -35.00 -8.15 1.93
C ASN A 820 -33.91 -9.17 1.64
N ALA A 821 -32.74 -8.93 2.22
CA ALA A 821 -31.60 -9.82 2.07
C ALA A 821 -30.62 -9.56 3.19
N SER A 822 -29.94 -10.62 3.62
CA SER A 822 -28.89 -10.50 4.63
C SER A 822 -27.60 -10.02 3.99
N LYS A 823 -26.55 -9.91 4.79
CA LYS A 823 -25.28 -9.44 4.25
C LYS A 823 -24.48 -10.54 3.58
N GLU A 824 -24.61 -11.77 4.07
CA GLU A 824 -23.92 -12.89 3.44
C GLU A 824 -24.50 -13.22 2.07
N GLU A 825 -25.79 -12.92 1.87
CA GLU A 825 -26.38 -13.04 0.54
C GLU A 825 -25.71 -12.08 -0.45
N ARG A 826 -25.48 -10.85 -0.03
CA ARG A 826 -24.82 -9.87 -0.90
C ARG A 826 -23.37 -10.23 -1.14
N LYS A 827 -22.69 -10.76 -0.11
CA LYS A 827 -21.32 -11.24 -0.30
C LYS A 827 -21.27 -12.43 -1.26
N ARG A 828 -22.29 -13.29 -1.23
CA ARG A 828 -22.33 -14.44 -2.14
C ARG A 828 -22.59 -13.99 -3.56
N TRP A 829 -23.46 -12.98 -3.75
CA TRP A 829 -23.67 -12.46 -5.10
C TRP A 829 -22.42 -11.79 -5.65
N GLN A 830 -21.68 -11.09 -4.79
CA GLN A 830 -20.42 -10.49 -5.20
C GLN A 830 -19.39 -11.56 -5.56
N ALA A 831 -19.34 -12.66 -4.79
CA ALA A 831 -18.41 -13.74 -5.07
C ALA A 831 -18.73 -14.44 -6.38
N THR A 832 -20.02 -14.67 -6.66
CA THR A 832 -20.43 -15.29 -7.92
C THR A 832 -20.10 -14.38 -9.10
N LEU A 833 -20.33 -13.08 -8.96
CA LEU A 833 -20.02 -12.15 -10.05
C LEU A 833 -18.51 -12.06 -10.30
N ASP A 834 -17.71 -12.06 -9.24
CA ASP A 834 -16.26 -11.99 -9.41
C ASP A 834 -15.70 -13.26 -10.05
N LYS A 835 -16.18 -14.43 -9.62
CA LYS A 835 -15.74 -15.69 -10.21
C LYS A 835 -16.13 -15.79 -11.67
N HIS A 836 -17.36 -15.39 -12.02
CA HIS A 836 -17.77 -15.51 -13.40
C HIS A 836 -17.14 -14.45 -14.29
N LEU A 837 -16.78 -13.30 -13.73
CA LEU A 837 -16.06 -12.30 -14.52
C LEU A 837 -14.62 -12.75 -14.79
N ARG A 838 -13.98 -13.41 -13.82
CA ARG A 838 -12.69 -14.03 -14.10
C ARG A 838 -12.81 -15.16 -15.11
N LYS A 839 -13.92 -15.89 -15.09
CA LYS A 839 -14.09 -17.00 -16.02
C LYS A 839 -14.31 -16.51 -17.45
N ARG A 840 -15.11 -15.46 -17.63
CA ARG A 840 -15.53 -15.07 -18.96
C ARG A 840 -14.77 -13.87 -19.52
N MET A 841 -14.57 -12.81 -18.73
CA MET A 841 -14.01 -11.57 -19.25
C MET A 841 -12.53 -11.41 -18.97
N ASN A 842 -11.91 -12.36 -18.26
CA ASN A 842 -10.51 -12.30 -17.81
C ASN A 842 -10.23 -11.03 -17.03
N LEU A 843 -11.11 -10.73 -16.07
CA LEU A 843 -11.04 -9.54 -15.25
C LEU A 843 -10.86 -9.95 -13.80
N LYS A 844 -9.70 -9.66 -13.23
CA LYS A 844 -9.47 -9.96 -11.83
C LYS A 844 -10.30 -9.03 -10.94
N PRO A 845 -10.67 -9.48 -9.75
CA PRO A 845 -11.49 -8.62 -8.87
C PRO A 845 -10.64 -7.54 -8.21
N ILE A 846 -11.08 -6.30 -8.31
CA ILE A 846 -10.46 -5.17 -7.64
C ILE A 846 -11.49 -4.50 -6.74
N MET A 847 -11.01 -3.85 -5.69
CA MET A 847 -11.92 -3.15 -4.78
C MET A 847 -12.05 -1.67 -5.09
N ARG A 848 -11.12 -1.09 -5.83
CA ARG A 848 -11.21 0.30 -6.27
C ARG A 848 -11.33 0.30 -7.79
N MET A 849 -12.44 0.83 -8.28
CA MET A 849 -12.74 0.78 -9.71
C MET A 849 -11.79 1.66 -10.50
N ASN A 850 -11.05 1.03 -11.42
CA ASN A 850 -10.12 1.74 -12.29
C ASN A 850 -10.84 2.20 -13.55
N GLY A 851 -10.07 2.73 -14.49
CA GLY A 851 -10.61 3.15 -15.76
C GLY A 851 -10.49 2.06 -16.81
N ASN A 852 -9.48 1.19 -16.66
CA ASN A 852 -9.35 0.06 -17.58
C ASN A 852 -10.40 -1.00 -17.30
N PHE A 853 -10.67 -1.25 -16.02
CA PHE A 853 -11.81 -2.10 -15.63
C PHE A 853 -13.13 -1.50 -16.10
N ALA A 854 -13.23 -0.16 -16.11
CA ALA A 854 -14.42 0.49 -16.63
C ALA A 854 -14.55 0.31 -18.13
N ARG A 855 -13.44 0.43 -18.87
CA ARG A 855 -13.51 0.29 -20.32
C ARG A 855 -13.76 -1.15 -20.74
N LYS A 856 -13.31 -2.12 -19.94
CA LYS A 856 -13.56 -3.51 -20.26
C LYS A 856 -14.93 -3.99 -19.77
N LEU A 857 -15.46 -3.39 -18.71
CA LEU A 857 -16.71 -3.85 -18.13
C LEU A 857 -17.92 -3.40 -18.95
N MET A 858 -17.88 -2.17 -19.49
CA MET A 858 -19.03 -1.63 -20.23
C MET A 858 -19.02 -2.16 -21.67
N THR A 859 -19.30 -3.45 -21.79
CA THR A 859 -19.42 -4.13 -23.07
C THR A 859 -20.65 -5.02 -23.04
N GLN A 860 -21.16 -5.33 -24.23
CA GLN A 860 -22.29 -6.24 -24.32
C GLN A 860 -21.89 -7.68 -24.01
N GLU A 861 -20.61 -8.00 -24.20
CA GLU A 861 -20.12 -9.34 -23.88
C GLU A 861 -20.13 -9.60 -22.38
N THR A 862 -19.84 -8.57 -21.58
CA THR A 862 -19.97 -8.68 -20.14
C THR A 862 -21.43 -8.85 -19.73
N VAL A 863 -22.35 -8.22 -20.46
CA VAL A 863 -23.78 -8.40 -20.20
C VAL A 863 -24.21 -9.83 -20.52
N ASP A 864 -23.65 -10.42 -21.59
CA ASP A 864 -23.94 -11.83 -21.88
C ASP A 864 -23.39 -12.75 -20.80
N ALA A 865 -22.19 -12.44 -20.29
CA ALA A 865 -21.61 -13.23 -19.20
C ALA A 865 -22.44 -13.14 -17.94
N VAL A 866 -22.90 -11.94 -17.56
CA VAL A 866 -23.71 -11.79 -16.36
C VAL A 866 -25.10 -12.39 -16.57
N CYS A 867 -25.64 -12.30 -17.79
CA CYS A 867 -26.95 -12.84 -18.09
C CYS A 867 -26.94 -14.36 -18.12
N GLU A 868 -25.76 -14.99 -18.23
CA GLU A 868 -25.66 -16.42 -17.95
C GLU A 868 -26.02 -16.78 -16.51
N LEU A 869 -25.89 -15.85 -15.56
CA LEU A 869 -26.13 -16.13 -14.15
C LEU A 869 -27.52 -15.72 -13.67
N ILE A 870 -28.38 -15.24 -14.55
CA ILE A 870 -29.72 -14.78 -14.18
C ILE A 870 -30.74 -15.75 -14.78
N PRO A 871 -31.68 -16.27 -13.99
CA PRO A 871 -32.64 -17.25 -14.52
C PRO A 871 -33.71 -16.63 -15.41
N SER A 872 -34.11 -15.41 -15.12
CA SER A 872 -35.21 -14.79 -15.86
C SER A 872 -34.74 -14.24 -17.20
N GLU A 873 -35.69 -14.05 -18.10
CA GLU A 873 -35.39 -13.53 -19.44
C GLU A 873 -35.77 -12.06 -19.61
N GLU A 874 -36.78 -11.59 -18.86
CA GLU A 874 -37.09 -10.17 -18.91
C GLU A 874 -36.01 -9.35 -18.21
N ARG A 875 -35.34 -9.92 -17.21
CA ARG A 875 -34.20 -9.22 -16.63
C ARG A 875 -33.02 -9.22 -17.61
N HIS A 876 -32.90 -10.27 -18.42
CA HIS A 876 -31.91 -10.30 -19.49
C HIS A 876 -32.14 -9.18 -20.49
N GLU A 877 -33.40 -9.03 -20.95
CA GLU A 877 -33.66 -7.98 -21.93
C GLU A 877 -33.54 -6.59 -21.30
N ALA A 878 -33.85 -6.45 -20.01
CA ALA A 878 -33.70 -5.16 -19.33
C ALA A 878 -32.23 -4.74 -19.24
N LEU A 879 -31.34 -5.67 -18.85
CA LEU A 879 -29.91 -5.36 -18.82
C LEU A 879 -29.35 -5.13 -20.22
N ARG A 880 -29.86 -5.84 -21.23
CA ARG A 880 -29.37 -5.64 -22.59
C ARG A 880 -29.73 -4.26 -23.12
N GLU A 881 -30.97 -3.80 -22.89
CA GLU A 881 -31.30 -2.45 -23.34
C GLU A 881 -30.61 -1.39 -22.50
N LEU A 882 -30.35 -1.66 -21.22
CA LEU A 882 -29.63 -0.68 -20.40
C LEU A 882 -28.20 -0.49 -20.89
N MET A 883 -27.49 -1.58 -21.18
CA MET A 883 -26.13 -1.45 -21.69
C MET A 883 -26.11 -0.92 -23.13
N ASP A 884 -27.14 -1.22 -23.92
CA ASP A 884 -27.19 -0.67 -25.27
C ASP A 884 -27.38 0.85 -25.25
N LEU A 885 -28.21 1.35 -24.33
CA LEU A 885 -28.38 2.78 -24.20
C LEU A 885 -27.13 3.45 -23.64
N TYR A 886 -26.45 2.78 -22.70
CA TYR A 886 -25.22 3.34 -22.15
C TYR A 886 -24.13 3.41 -23.21
N LEU A 887 -24.02 2.40 -24.07
CA LEU A 887 -23.01 2.44 -25.12
C LEU A 887 -23.42 3.34 -26.28
N LYS A 888 -24.71 3.65 -26.42
CA LYS A 888 -25.09 4.68 -27.37
C LYS A 888 -24.79 6.08 -26.85
N MET A 889 -24.81 6.27 -25.53
CA MET A 889 -24.56 7.60 -24.96
C MET A 889 -23.11 7.87 -24.61
N LYS A 890 -22.30 6.83 -24.38
CA LYS A 890 -20.91 7.05 -23.94
C LYS A 890 -19.95 7.71 -24.93
N PRO A 891 -19.98 7.49 -26.26
CA PRO A 891 -18.98 8.17 -27.11
C PRO A 891 -19.16 9.66 -27.26
N VAL A 892 -20.17 10.29 -26.66
CA VAL A 892 -20.32 11.73 -26.80
C VAL A 892 -19.43 12.46 -25.79
N TRP A 893 -19.34 11.96 -24.56
CA TRP A 893 -18.51 12.60 -23.56
C TRP A 893 -17.15 11.93 -23.39
N ARG A 894 -16.68 11.21 -24.41
CA ARG A 894 -15.31 10.73 -24.44
C ARG A 894 -14.56 11.12 -25.70
N SER A 895 -15.24 11.37 -26.80
CA SER A 895 -14.57 11.78 -28.03
C SER A 895 -14.19 13.25 -27.96
N SER A 896 -13.05 13.58 -28.57
CA SER A 896 -12.51 14.93 -28.51
C SER A 896 -13.21 15.89 -29.46
N CYS A 897 -13.99 15.38 -30.41
CA CYS A 897 -14.78 16.22 -31.30
C CYS A 897 -16.01 15.43 -31.75
N PRO A 898 -17.04 15.38 -30.92
CA PRO A 898 -18.22 14.55 -31.24
C PRO A 898 -19.09 15.11 -32.36
N ALA A 899 -18.85 16.33 -32.83
CA ALA A 899 -19.58 16.84 -33.97
C ALA A 899 -18.96 16.41 -35.29
N LYS A 900 -17.86 15.66 -35.26
CA LYS A 900 -17.19 15.19 -36.47
C LYS A 900 -16.99 13.69 -36.54
N GLU A 901 -16.74 13.02 -35.41
CA GLU A 901 -16.49 11.58 -35.43
C GLU A 901 -17.65 10.75 -34.91
N CYS A 902 -18.64 11.36 -34.25
CA CYS A 902 -19.88 10.67 -33.90
C CYS A 902 -21.04 11.67 -33.83
N PRO A 903 -21.46 12.23 -34.98
CA PRO A 903 -22.53 13.24 -34.94
C PRO A 903 -23.92 12.63 -34.81
N GLU A 904 -24.13 11.42 -35.32
CA GLU A 904 -25.43 10.77 -35.15
C GLU A 904 -25.65 10.34 -33.70
N SER A 905 -24.58 9.96 -33.00
CA SER A 905 -24.70 9.62 -31.59
C SER A 905 -24.88 10.86 -30.72
N LEU A 906 -24.37 12.01 -31.18
CA LEU A 906 -24.62 13.27 -30.49
C LEU A 906 -26.04 13.77 -30.74
N CYS A 907 -26.58 13.52 -31.93
N CYS A 907 -26.59 13.52 -31.92
CA CYS A 907 -27.92 14.00 -32.27
CA CYS A 907 -27.92 14.01 -32.25
C CYS A 907 -29.00 13.24 -31.51
C CYS A 907 -29.01 13.24 -31.51
N GLN A 908 -28.76 11.97 -31.18
CA GLN A 908 -29.73 11.12 -30.51
C GLN A 908 -29.46 10.99 -29.02
N TYR A 909 -28.83 11.99 -28.39
CA TYR A 909 -28.48 11.87 -26.98
C TYR A 909 -29.68 12.10 -26.08
N SER A 910 -30.56 13.03 -26.44
CA SER A 910 -31.70 13.34 -25.58
C SER A 910 -32.75 12.22 -25.62
N PHE A 911 -32.97 11.64 -26.81
CA PHE A 911 -33.90 10.53 -26.94
C PHE A 911 -33.40 9.30 -26.18
N ASN A 912 -32.11 9.00 -26.30
CA ASN A 912 -31.54 7.87 -25.57
C ASN A 912 -31.48 8.15 -24.07
N SER A 913 -31.33 9.41 -23.68
CA SER A 913 -31.34 9.74 -22.26
C SER A 913 -32.73 9.59 -21.65
N GLN A 914 -33.76 9.98 -22.41
CA GLN A 914 -35.13 9.79 -21.92
C GLN A 914 -35.49 8.30 -21.87
N ARG A 915 -35.01 7.52 -22.83
CA ARG A 915 -35.26 6.07 -22.79
C ARG A 915 -34.52 5.40 -21.63
N PHE A 916 -33.29 5.85 -21.35
CA PHE A 916 -32.52 5.36 -20.21
C PHE A 916 -33.20 5.72 -18.89
N ALA A 917 -33.73 6.95 -18.80
CA ALA A 917 -34.40 7.38 -17.58
C ALA A 917 -35.71 6.63 -17.36
N GLU A 918 -36.45 6.37 -18.44
CA GLU A 918 -37.68 5.60 -18.31
C GLU A 918 -37.38 4.15 -17.92
N LEU A 919 -36.28 3.60 -18.45
CA LEU A 919 -35.91 2.24 -18.09
C LEU A 919 -35.46 2.14 -16.64
N LEU A 920 -34.74 3.15 -16.14
CA LEU A 920 -34.37 3.17 -14.73
C LEU A 920 -35.58 3.37 -13.83
N SER A 921 -36.56 4.16 -14.27
CA SER A 921 -37.74 4.40 -13.45
C SER A 921 -38.64 3.19 -13.41
N THR A 922 -38.72 2.42 -14.50
CA THR A 922 -39.65 1.29 -14.56
C THR A 922 -39.00 -0.02 -14.15
N LYS A 923 -37.96 -0.46 -14.87
CA LYS A 923 -37.45 -1.81 -14.67
C LYS A 923 -36.46 -1.92 -13.53
N PHE A 924 -36.11 -0.83 -12.87
CA PHE A 924 -35.17 -0.85 -11.76
C PHE A 924 -35.68 0.03 -10.62
N LYS A 925 -36.98 0.01 -10.38
CA LYS A 925 -37.57 0.90 -9.37
C LYS A 925 -37.32 0.43 -7.95
N TYR A 926 -36.65 -0.70 -7.74
CA TYR A 926 -36.19 -1.09 -6.41
C TYR A 926 -34.90 -0.38 -6.03
N ARG A 927 -34.30 0.39 -6.94
CA ARG A 927 -32.98 0.96 -6.72
C ARG A 927 -32.97 2.46 -6.96
N TYR A 928 -33.84 2.94 -7.84
CA TYR A 928 -33.85 4.34 -8.25
C TYR A 928 -35.23 4.95 -8.05
N GLU A 929 -35.82 4.70 -6.90
CA GLU A 929 -37.08 5.32 -6.50
C GLU A 929 -36.76 6.30 -5.37
N GLY A 930 -36.69 7.58 -5.72
CA GLY A 930 -36.40 8.61 -4.76
C GLY A 930 -34.94 8.91 -4.54
N LYS A 931 -34.04 8.28 -5.30
CA LYS A 931 -32.62 8.57 -5.20
C LYS A 931 -31.95 8.23 -6.52
N ILE A 932 -30.82 8.90 -6.77
CA ILE A 932 -30.04 8.70 -7.98
C ILE A 932 -28.61 9.11 -7.64
N THR A 933 -27.65 8.61 -8.41
CA THR A 933 -26.29 9.07 -8.25
C THR A 933 -26.08 10.40 -8.97
N ASN A 934 -25.06 11.13 -8.53
CA ASN A 934 -24.78 12.45 -9.10
C ASN A 934 -24.25 12.33 -10.52
N TYR A 935 -23.47 11.30 -10.81
CA TYR A 935 -22.92 11.15 -12.14
C TYR A 935 -23.95 10.67 -13.14
N PHE A 936 -24.97 9.94 -12.69
CA PHE A 936 -26.07 9.60 -13.58
C PHE A 936 -26.86 10.84 -13.97
N HIS A 937 -27.08 11.75 -13.01
CA HIS A 937 -27.79 13.00 -13.31
C HIS A 937 -26.95 13.90 -14.20
N LYS A 938 -25.64 13.94 -13.98
CA LYS A 938 -24.73 14.70 -14.83
C LYS A 938 -24.71 14.14 -16.24
N THR A 939 -24.75 12.82 -16.39
CA THR A 939 -24.71 12.21 -17.70
C THR A 939 -26.04 12.37 -18.43
N LEU A 940 -27.15 12.33 -17.71
CA LEU A 940 -28.45 12.36 -18.36
C LEU A 940 -29.01 13.76 -18.56
N ALA A 941 -28.48 14.77 -17.86
CA ALA A 941 -29.10 16.09 -17.89
C ALA A 941 -28.34 17.12 -18.71
N HIS A 942 -27.06 17.34 -18.43
CA HIS A 942 -26.37 18.56 -18.83
C HIS A 942 -25.41 18.36 -20.01
N VAL A 943 -25.29 17.17 -20.56
CA VAL A 943 -24.28 16.85 -21.57
C VAL A 943 -24.50 17.58 -22.91
N PRO A 944 -25.71 17.65 -23.51
CA PRO A 944 -25.84 18.46 -24.73
C PRO A 944 -25.61 19.95 -24.52
N GLU A 945 -25.88 20.46 -23.33
CA GLU A 945 -25.59 21.87 -23.04
C GLU A 945 -24.09 22.14 -22.97
N ILE A 946 -23.33 21.22 -22.34
CA ILE A 946 -21.89 21.37 -22.28
C ILE A 946 -21.26 21.17 -23.64
N ILE A 947 -21.85 20.32 -24.49
CA ILE A 947 -21.35 20.17 -25.85
C ILE A 947 -21.64 21.43 -26.68
N GLU A 948 -22.83 22.01 -26.52
CA GLU A 948 -23.16 23.23 -27.26
C GLU A 948 -22.35 24.43 -26.76
N ARG A 949 -21.92 24.40 -25.51
CA ARG A 949 -21.09 25.49 -24.99
C ARG A 949 -19.62 25.31 -25.38
N ASP A 950 -19.01 24.21 -24.96
CA ASP A 950 -17.57 24.02 -25.07
C ASP A 950 -17.13 23.36 -26.37
N GLY A 951 -17.96 22.52 -26.97
CA GLY A 951 -17.59 21.77 -28.14
C GLY A 951 -17.09 20.36 -27.86
N SER A 952 -16.59 20.10 -26.65
CA SER A 952 -16.05 18.79 -26.34
C SER A 952 -16.05 18.57 -24.84
N ILE A 953 -16.46 17.38 -24.43
CA ILE A 953 -16.16 16.84 -23.11
C ILE A 953 -15.14 15.72 -23.32
N GLY A 954 -14.24 15.56 -22.37
CA GLY A 954 -13.26 14.49 -22.50
C GLY A 954 -11.93 15.03 -22.95
N ALA A 955 -11.95 16.01 -23.86
CA ALA A 955 -10.75 16.78 -24.12
C ALA A 955 -10.36 17.61 -22.91
N TRP A 956 -11.36 18.21 -22.25
CA TRP A 956 -11.16 19.02 -21.06
C TRP A 956 -11.21 18.20 -19.78
N ALA A 957 -10.93 16.90 -19.85
CA ALA A 957 -10.98 16.03 -18.69
C ALA A 957 -9.68 16.14 -17.88
N SER A 958 -9.69 15.49 -16.73
CA SER A 958 -8.55 15.50 -15.82
C SER A 958 -7.68 14.27 -15.97
N GLU A 959 -7.62 13.69 -17.16
CA GLU A 959 -6.89 12.44 -17.34
C GLU A 959 -5.40 12.67 -17.59
N GLY A 960 -5.06 13.74 -18.30
CA GLY A 960 -3.66 14.11 -18.45
C GLY A 960 -3.03 14.54 -17.14
N ASN A 961 -3.83 15.10 -16.23
CA ASN A 961 -3.34 15.42 -14.90
C ASN A 961 -3.02 14.16 -14.11
N GLN A 962 -3.81 13.09 -14.28
CA GLN A 962 -3.49 11.84 -13.58
C GLN A 962 -2.30 11.14 -14.22
N SER A 963 -2.12 11.29 -15.53
CA SER A 963 -0.89 10.78 -16.14
C SER A 963 0.33 11.56 -15.67
N GLY A 964 0.18 12.86 -15.45
CA GLY A 964 1.23 13.63 -14.79
C GLY A 964 1.47 13.19 -13.36
N ASN A 965 0.41 12.75 -12.67
CA ASN A 965 0.58 12.16 -11.34
C ASN A 965 1.36 10.85 -11.40
N LYS A 966 1.21 10.11 -12.49
CA LYS A 966 2.04 8.92 -12.71
C LYS A 966 3.50 9.31 -12.93
N LEU A 967 3.73 10.40 -13.67
CA LEU A 967 5.08 10.89 -13.88
C LEU A 967 5.73 11.45 -12.62
N PHE A 968 4.91 11.98 -11.71
CA PHE A 968 5.41 12.64 -10.51
C PHE A 968 6.13 11.67 -9.58
N ARG A 969 5.57 10.48 -9.40
CA ARG A 969 6.21 9.48 -8.52
C ARG A 969 7.51 8.99 -9.11
N ARG A 970 7.57 8.84 -10.43
CA ARG A 970 8.79 8.40 -11.10
C ARG A 970 9.88 9.46 -11.00
N PHE A 971 9.53 10.74 -11.20
CA PHE A 971 10.52 11.80 -11.08
C PHE A 971 10.93 12.03 -9.63
N ARG A 972 10.04 11.76 -8.68
CA ARG A 972 10.39 11.87 -7.27
C ARG A 972 11.32 10.74 -6.84
N LYS A 973 11.15 9.56 -7.42
CA LYS A 973 12.03 8.45 -7.06
C LYS A 973 13.39 8.56 -7.74
N MET A 974 13.42 8.79 -9.05
CA MET A 974 14.65 8.56 -9.82
C MET A 974 15.14 9.77 -10.58
N ASN A 975 14.60 10.96 -10.32
CA ASN A 975 15.06 12.14 -11.05
C ASN A 975 15.15 13.37 -10.15
N ALA A 976 15.39 13.18 -8.86
CA ALA A 976 15.46 14.30 -7.94
C ALA A 976 16.41 13.95 -6.81
N ARG A 977 16.88 14.99 -6.13
CA ARG A 977 17.63 14.80 -4.90
C ARG A 977 16.73 14.23 -3.82
N GLN A 978 17.28 13.33 -3.01
CA GLN A 978 16.47 12.71 -1.96
C GLN A 978 16.55 13.49 -0.65
N SER A 979 16.38 14.80 -0.72
CA SER A 979 16.40 15.63 0.48
C SER A 979 15.05 16.31 0.61
N LYS A 980 14.68 16.59 1.87
CA LYS A 980 13.36 17.15 2.14
C LYS A 980 13.27 18.60 1.69
N CYS A 981 14.39 19.31 1.66
CA CYS A 981 14.42 20.71 1.25
C CYS A 981 14.72 20.89 -0.23
N TYR A 982 14.90 19.80 -0.98
CA TYR A 982 15.34 19.87 -2.36
C TYR A 982 14.52 19.07 -3.35
N GLU A 983 13.54 18.28 -2.89
CA GLU A 983 12.85 17.37 -3.80
C GLU A 983 11.88 18.12 -4.72
N MET A 984 11.22 19.14 -4.22
CA MET A 984 10.13 19.74 -4.97
C MET A 984 10.65 20.65 -6.08
N GLU A 985 11.77 21.33 -5.84
CA GLU A 985 12.42 22.14 -6.87
C GLU A 985 12.92 21.28 -8.02
N ASP A 986 13.54 20.15 -7.71
CA ASP A 986 14.07 19.26 -8.74
C ASP A 986 12.96 18.59 -9.52
N VAL A 987 11.90 18.14 -8.83
CA VAL A 987 10.78 17.49 -9.51
C VAL A 987 10.05 18.49 -10.39
N LEU A 988 9.88 19.73 -9.90
CA LEU A 988 9.21 20.76 -10.69
C LEU A 988 10.01 21.14 -11.93
N LYS A 989 11.34 21.26 -11.78
CA LYS A 989 12.19 21.58 -12.92
C LYS A 989 12.19 20.46 -13.95
N HIS A 990 12.33 19.21 -13.50
CA HIS A 990 12.40 18.09 -14.45
C HIS A 990 11.05 17.80 -15.10
N HIS A 991 9.95 18.00 -14.38
CA HIS A 991 8.65 17.82 -14.99
C HIS A 991 8.32 18.96 -15.94
N TRP A 992 8.82 20.17 -15.69
CA TRP A 992 8.69 21.23 -16.67
C TRP A 992 9.53 20.93 -17.90
N LEU A 993 10.69 20.33 -17.70
CA LEU A 993 11.62 20.07 -18.80
C LEU A 993 11.17 18.89 -19.64
N TYR A 994 10.43 17.96 -19.05
CA TYR A 994 9.93 16.79 -19.79
C TYR A 994 8.85 17.18 -20.77
N THR A 995 8.00 18.14 -20.41
CA THR A 995 6.86 18.54 -21.23
C THR A 995 7.20 19.63 -22.23
N SER A 996 8.49 19.83 -22.53
CA SER A 996 8.91 20.88 -23.44
C SER A 996 8.70 20.42 -24.87
N LYS A 997 7.92 21.19 -25.63
CA LYS A 997 7.67 20.85 -27.03
C LYS A 997 8.88 21.07 -27.91
N TYR A 998 9.85 21.87 -27.46
CA TYR A 998 11.07 22.07 -28.23
C TYR A 998 11.96 20.83 -28.18
N LEU A 999 11.98 20.14 -27.04
CA LEU A 999 12.79 18.93 -26.91
C LEU A 999 12.11 17.71 -27.50
N GLN A 1000 10.78 17.73 -27.64
CA GLN A 1000 10.08 16.59 -28.21
C GLN A 1000 10.18 16.55 -29.73
N LYS A 1001 10.60 17.63 -30.37
CA LYS A 1001 10.78 17.62 -31.81
C LYS A 1001 12.10 16.99 -32.22
N PHE A 1002 13.08 16.93 -31.32
CA PHE A 1002 14.33 16.25 -31.63
C PHE A 1002 14.14 14.75 -31.66
N MET A 1003 13.17 14.24 -30.90
CA MET A 1003 12.87 12.82 -30.88
C MET A 1003 11.92 12.40 -31.99
N ASN A 1004 11.54 13.32 -32.87
CA ASN A 1004 10.75 13.03 -34.05
C ASN A 1004 11.46 13.48 -35.31
N ALA A 1005 12.79 13.51 -35.28
CA ALA A 1005 13.57 13.91 -36.44
C ALA A 1005 13.61 12.84 -37.51
N HIS A 1006 13.29 11.59 -37.17
CA HIS A 1006 13.38 10.50 -38.14
C HIS A 1006 12.20 10.53 -39.10
N ASN A 1007 11.03 10.97 -38.66
CA ASN A 1007 9.88 11.11 -39.54
C ASN A 1007 9.80 12.50 -40.17
N ALA A 1008 10.92 13.21 -40.25
CA ALA A 1008 10.93 14.56 -40.82
C ALA A 1008 11.82 14.60 -42.06
N MET B 1 -2.62 24.85 41.85
CA MET B 1 -2.72 24.73 40.41
C MET B 1 -2.74 23.28 39.96
N SER B 2 -3.92 22.79 39.58
CA SER B 2 -4.10 21.40 39.18
C SER B 2 -4.22 21.33 37.67
N LEU B 3 -3.39 20.49 37.04
CA LEU B 3 -3.40 20.28 35.61
C LEU B 3 -4.02 18.91 35.33
N GLN B 4 -5.03 18.88 34.45
CA GLN B 4 -5.81 17.68 34.25
C GLN B 4 -6.09 17.48 32.76
N MET B 5 -5.88 16.26 32.28
CA MET B 5 -6.03 15.95 30.87
C MET B 5 -7.49 15.63 30.54
N VAL B 6 -7.94 16.11 29.38
CA VAL B 6 -9.35 16.07 28.99
C VAL B 6 -9.47 15.29 27.69
N THR B 7 -10.35 14.29 27.67
CA THR B 7 -10.65 13.53 26.47
C THR B 7 -11.79 14.20 25.71
N VAL B 8 -11.70 14.19 24.39
CA VAL B 8 -12.66 14.88 23.53
C VAL B 8 -13.41 13.82 22.73
N GLY B 9 -14.66 14.12 22.39
CA GLY B 9 -15.53 13.18 21.69
C GLY B 9 -15.23 12.96 20.22
N HIS B 10 -16.27 12.80 19.40
CA HIS B 10 -16.13 12.38 18.02
C HIS B 10 -15.79 13.53 17.06
N ASN B 11 -15.47 14.71 17.58
CA ASN B 11 -15.13 15.87 16.77
C ASN B 11 -13.90 16.57 17.33
N ILE B 12 -12.82 15.80 17.50
CA ILE B 12 -11.51 16.32 17.87
C ILE B 12 -11.01 17.35 16.85
N ALA B 13 -11.29 17.13 15.56
CA ALA B 13 -10.66 17.92 14.51
C ALA B 13 -11.33 19.24 14.25
N LEU B 14 -12.20 19.76 15.13
CA LEU B 14 -12.71 21.11 14.98
C LEU B 14 -11.90 22.13 15.75
N ILE B 15 -11.23 21.72 16.82
CA ILE B 15 -10.41 22.63 17.61
C ILE B 15 -9.08 22.83 16.91
N GLN B 16 -8.78 24.07 16.56
CA GLN B 16 -7.57 24.47 15.88
C GLN B 16 -6.88 25.54 16.72
N PRO B 17 -5.59 25.80 16.48
CA PRO B 17 -4.95 26.95 17.11
C PRO B 17 -5.60 28.26 16.68
N GLY B 18 -6.07 29.02 17.67
CA GLY B 18 -6.75 30.27 17.42
C GLY B 18 -8.23 30.30 17.75
N PHE B 19 -8.75 29.27 18.41
CA PHE B 19 -10.15 29.28 18.81
C PHE B 19 -10.37 30.25 19.97
N SER B 20 -11.64 30.56 20.22
CA SER B 20 -12.00 31.50 21.27
C SER B 20 -13.21 30.97 22.03
N LEU B 21 -13.11 30.95 23.35
CA LEU B 21 -14.19 30.49 24.22
C LEU B 21 -14.88 31.69 24.84
N MET B 22 -16.18 31.80 24.63
CA MET B 22 -17.00 32.82 25.27
C MET B 22 -17.78 32.21 26.42
N ASN B 23 -18.26 33.08 27.32
CA ASN B 23 -18.92 32.63 28.53
C ASN B 23 -20.26 33.34 28.69
N PHE B 24 -21.33 32.56 28.83
CA PHE B 24 -22.66 33.13 28.97
C PHE B 24 -23.38 32.39 30.10
N ASP B 25 -23.70 33.14 31.17
CA ASP B 25 -24.44 32.65 32.34
C ASP B 25 -23.75 31.47 33.02
N GLY B 26 -22.42 31.45 33.00
CA GLY B 26 -21.67 30.34 33.54
C GLY B 26 -21.40 29.21 32.57
N GLN B 27 -22.06 29.19 31.42
CA GLN B 27 -21.81 28.17 30.41
C GLN B 27 -20.72 28.63 29.46
N VAL B 28 -19.91 27.69 28.99
CA VAL B 28 -18.80 27.96 28.08
C VAL B 28 -19.21 27.55 26.69
N PHE B 29 -18.88 28.38 25.70
CA PHE B 29 -19.18 28.10 24.31
C PHE B 29 -17.90 28.15 23.48
N PHE B 30 -18.02 27.77 22.21
CA PHE B 30 -16.89 27.58 21.32
C PHE B 30 -17.12 28.33 20.03
N PHE B 31 -16.05 28.88 19.48
CA PHE B 31 -16.14 29.62 18.22
C PHE B 31 -14.77 29.57 17.53
N GLY B 32 -14.79 29.49 16.20
CA GLY B 32 -13.56 29.47 15.44
C GLY B 32 -13.10 28.06 15.12
N GLN B 33 -13.98 27.26 14.52
CA GLN B 33 -13.68 25.88 14.19
C GLN B 33 -12.75 25.81 12.98
N LYS B 34 -12.23 24.62 12.72
CA LYS B 34 -11.35 24.39 11.59
C LYS B 34 -12.17 24.10 10.35
N GLY B 35 -11.95 24.87 9.29
CA GLY B 35 -12.72 24.74 8.07
C GLY B 35 -14.04 25.47 8.16
N TRP B 36 -14.75 25.46 7.04
CA TRP B 36 -16.06 26.09 6.98
C TRP B 36 -17.08 25.22 7.75
N PRO B 37 -18.15 25.83 8.26
CA PRO B 37 -19.14 25.06 9.03
C PRO B 37 -19.87 24.03 8.19
N LYS B 38 -19.97 22.83 8.75
CA LYS B 38 -20.57 21.69 8.07
C LYS B 38 -22.09 21.75 8.19
N ARG B 39 -22.75 20.67 7.74
CA ARG B 39 -24.19 20.58 7.82
C ARG B 39 -24.66 20.06 9.18
N SER B 40 -23.79 19.39 9.92
CA SER B 40 -24.11 19.00 11.28
C SER B 40 -24.16 20.18 12.24
N CYS B 41 -23.44 21.26 11.92
CA CYS B 41 -23.50 22.49 12.71
C CYS B 41 -23.29 23.66 11.77
N PRO B 42 -24.36 24.20 11.20
CA PRO B 42 -24.22 25.27 10.19
C PRO B 42 -23.78 26.61 10.76
N THR B 43 -23.83 26.80 12.07
CA THR B 43 -23.46 28.08 12.67
C THR B 43 -21.99 28.14 13.05
N GLY B 44 -21.38 27.01 13.41
CA GLY B 44 -20.01 26.99 13.85
C GLY B 44 -19.82 27.27 15.32
N VAL B 45 -20.86 27.64 16.04
CA VAL B 45 -20.80 27.90 17.47
C VAL B 45 -21.21 26.65 18.21
N PHE B 46 -20.40 26.20 19.16
CA PHE B 46 -20.59 24.94 19.83
C PHE B 46 -20.76 25.13 21.33
N HIS B 47 -21.23 24.09 22.00
N HIS B 47 -21.26 24.09 21.98
CA HIS B 47 -21.44 24.13 23.44
CA HIS B 47 -21.44 24.03 23.42
C HIS B 47 -20.26 23.46 24.12
C HIS B 47 -20.18 23.43 24.03
N PHE B 48 -19.33 24.26 24.63
CA PHE B 48 -18.11 23.76 25.26
C PHE B 48 -18.46 23.20 26.63
N ASP B 49 -18.54 21.88 26.72
CA ASP B 49 -19.03 21.20 27.92
C ASP B 49 -18.00 20.18 28.38
N ILE B 50 -17.27 20.49 29.45
CA ILE B 50 -16.35 19.57 30.09
C ILE B 50 -16.95 19.19 31.43
N LYS B 51 -17.22 17.90 31.62
CA LYS B 51 -17.70 17.37 32.90
C LYS B 51 -17.21 15.92 33.02
N GLN B 52 -16.70 15.60 34.20
CA GLN B 52 -15.88 14.42 34.55
C GLN B 52 -14.86 14.10 33.44
N ASN B 53 -14.09 15.14 33.11
CA ASN B 53 -12.94 15.13 32.20
C ASN B 53 -13.27 14.68 30.78
N HIS B 54 -14.50 14.81 30.33
CA HIS B 54 -14.87 14.48 28.96
C HIS B 54 -15.48 15.70 28.30
N LEU B 55 -15.04 15.99 27.08
CA LEU B 55 -15.48 17.18 26.35
C LEU B 55 -16.42 16.76 25.23
N LYS B 56 -17.60 17.33 25.21
CA LYS B 56 -18.60 17.10 24.17
C LYS B 56 -18.97 18.45 23.56
N LEU B 57 -18.80 18.56 22.24
CA LEU B 57 -19.18 19.76 21.52
C LEU B 57 -20.56 19.54 20.92
N LYS B 58 -21.55 20.23 21.47
CA LYS B 58 -22.91 20.18 20.96
C LYS B 58 -23.20 21.43 20.15
N PRO B 59 -23.98 21.31 19.06
CA PRO B 59 -24.29 22.49 18.25
C PRO B 59 -25.18 23.48 18.98
N ALA B 60 -25.06 24.74 18.59
CA ALA B 60 -25.86 25.83 19.16
C ALA B 60 -26.45 26.63 18.00
N ILE B 61 -27.77 26.74 17.97
CA ILE B 61 -28.45 27.42 16.88
C ILE B 61 -28.40 28.93 17.08
N PHE B 62 -28.74 29.68 16.04
CA PHE B 62 -28.86 31.12 16.10
C PHE B 62 -30.33 31.51 16.05
N SER B 63 -30.58 32.78 16.32
CA SER B 63 -31.93 33.31 16.20
C SER B 63 -32.24 33.60 14.74
N LYS B 64 -33.47 34.03 14.46
CA LYS B 64 -33.85 34.32 13.09
C LYS B 64 -33.30 35.65 12.59
N ASP B 65 -32.92 36.56 13.48
CA ASP B 65 -32.40 37.87 13.10
C ASP B 65 -30.88 37.90 13.09
N SER B 66 -30.23 36.75 13.24
CA SER B 66 -28.79 36.68 13.36
C SER B 66 -28.12 36.79 11.99
N CYS B 67 -26.84 37.12 12.02
CA CYS B 67 -25.96 37.06 10.87
C CYS B 67 -25.05 35.85 11.03
N TYR B 68 -24.94 35.04 9.99
CA TYR B 68 -24.16 33.80 10.06
C TYR B 68 -22.72 34.13 9.72
N LEU B 69 -21.89 34.15 10.73
CA LEU B 69 -20.54 34.69 10.68
C LEU B 69 -19.53 33.59 10.34
N PRO B 70 -18.44 33.95 9.65
CA PRO B 70 -17.43 32.95 9.33
C PRO B 70 -16.59 32.60 10.55
N PRO B 71 -15.94 31.45 10.57
CA PRO B 71 -15.05 31.13 11.69
C PRO B 71 -13.78 31.96 11.64
N LEU B 72 -13.69 32.97 12.50
CA LEU B 72 -12.53 33.84 12.56
C LEU B 72 -11.44 33.18 13.38
N ARG B 73 -10.20 33.28 12.91
CA ARG B 73 -9.13 32.46 13.43
C ARG B 73 -8.23 33.16 14.45
N TYR B 74 -8.19 34.49 14.48
CA TYR B 74 -7.47 35.21 15.53
C TYR B 74 -8.14 36.55 15.78
N PRO B 75 -9.34 36.53 16.38
CA PRO B 75 -10.08 37.78 16.55
C PRO B 75 -9.66 38.53 17.81
N ALA B 76 -10.36 39.61 18.12
CA ALA B 76 -10.17 40.33 19.37
C ALA B 76 -11.48 40.28 20.14
N THR B 77 -11.50 39.50 21.22
CA THR B 77 -12.72 39.25 21.97
C THR B 77 -12.71 40.04 23.27
N CYS B 78 -13.91 40.51 23.65
CA CYS B 78 -14.08 41.19 24.92
C CYS B 78 -15.52 41.05 25.36
N SER B 79 -15.72 41.02 26.67
CA SER B 79 -17.05 40.98 27.26
C SER B 79 -17.54 42.39 27.53
N TYR B 80 -18.86 42.59 27.41
CA TYR B 80 -19.45 43.92 27.47
C TYR B 80 -20.78 43.83 28.19
N LYS B 81 -20.78 44.11 29.48
CA LYS B 81 -22.00 44.08 30.28
C LYS B 81 -22.69 45.44 30.27
N LYS B 88 -28.21 41.63 28.52
CA LYS B 88 -27.34 42.80 28.49
C LYS B 88 -25.88 42.39 28.36
N HIS B 89 -25.53 41.20 28.85
CA HIS B 89 -24.18 40.69 28.71
C HIS B 89 -23.96 40.16 27.30
N GLN B 90 -22.90 40.63 26.65
CA GLN B 90 -22.63 40.24 25.27
C GLN B 90 -21.13 40.22 25.02
N TYR B 91 -20.76 39.84 23.80
CA TYR B 91 -19.37 39.69 23.39
C TYR B 91 -19.14 40.47 22.10
N ILE B 92 -17.99 41.13 22.02
CA ILE B 92 -17.58 41.89 20.86
C ILE B 92 -16.37 41.21 20.26
N ILE B 93 -16.44 40.88 18.97
CA ILE B 93 -15.32 40.30 18.25
C ILE B 93 -15.00 41.17 17.04
N HIS B 94 -13.71 41.31 16.74
CA HIS B 94 -13.23 42.17 15.67
C HIS B 94 -12.02 41.51 15.04
N GLY B 95 -11.91 41.62 13.73
CA GLY B 95 -10.77 41.06 13.03
C GLY B 95 -10.85 39.56 12.92
N GLY B 96 -9.68 38.96 12.69
CA GLY B 96 -9.57 37.52 12.55
C GLY B 96 -9.35 37.11 11.11
N LYS B 97 -9.10 35.81 10.93
CA LYS B 97 -8.83 35.24 9.62
C LYS B 97 -9.97 34.34 9.19
N THR B 98 -10.60 34.69 8.07
CA THR B 98 -11.50 33.81 7.36
C THR B 98 -10.72 32.57 6.89
N PRO B 99 -11.37 31.40 6.83
CA PRO B 99 -10.68 30.18 6.34
C PRO B 99 -10.12 30.27 4.91
N ASN B 100 -10.47 31.28 4.13
CA ASN B 100 -9.80 31.56 2.87
C ASN B 100 -8.59 32.49 3.05
N ASN B 101 -8.12 32.65 4.29
CA ASN B 101 -6.95 33.46 4.65
C ASN B 101 -7.08 34.93 4.24
N GLU B 102 -8.28 35.47 4.34
CA GLU B 102 -8.48 36.91 4.22
C GLU B 102 -8.91 37.47 5.57
N LEU B 103 -8.46 38.68 5.85
CA LEU B 103 -8.74 39.33 7.13
C LEU B 103 -10.03 40.11 7.03
N SER B 104 -10.75 40.19 8.14
CA SER B 104 -12.05 40.85 8.19
C SER B 104 -11.97 42.10 9.06
N ASP B 105 -12.83 43.07 8.75
CA ASP B 105 -12.94 44.31 9.50
C ASP B 105 -14.30 44.46 10.17
N LYS B 106 -15.11 43.42 10.19
CA LYS B 106 -16.44 43.50 10.74
C LYS B 106 -16.41 43.41 12.26
N ILE B 107 -17.49 43.88 12.88
CA ILE B 107 -17.71 43.74 14.32
C ILE B 107 -18.99 42.95 14.51
N TYR B 108 -18.87 41.78 15.13
CA TYR B 108 -20.03 40.96 15.44
C TYR B 108 -20.30 40.99 16.94
N ILE B 109 -21.59 41.10 17.28
CA ILE B 109 -22.03 41.17 18.67
C ILE B 109 -22.82 39.90 18.98
N MET B 110 -22.25 39.05 19.82
CA MET B 110 -22.87 37.79 20.17
C MET B 110 -23.55 37.90 21.53
N SER B 111 -24.85 37.62 21.57
CA SER B 111 -25.61 37.66 22.81
C SER B 111 -26.66 36.56 22.78
N VAL B 112 -27.12 36.19 23.96
CA VAL B 112 -28.11 35.12 24.11
C VAL B 112 -29.48 35.68 23.75
N ALA B 113 -30.14 35.06 22.77
CA ALA B 113 -31.47 35.46 22.38
C ALA B 113 -32.53 34.85 23.28
N CYS B 114 -32.50 33.54 23.45
CA CYS B 114 -33.42 32.86 24.36
C CYS B 114 -32.74 31.60 24.89
N LYS B 115 -33.04 31.27 26.14
CA LYS B 115 -32.46 30.11 26.80
C LYS B 115 -33.57 29.18 27.24
N ASN B 116 -33.41 27.90 26.93
CA ASN B 116 -34.30 26.82 27.32
C ASN B 116 -33.52 25.87 28.23
N ASN B 117 -34.11 24.71 28.50
CA ASN B 117 -33.49 23.74 29.40
C ASN B 117 -32.23 23.17 28.74
N LYS B 118 -31.09 23.78 29.10
CA LYS B 118 -29.73 23.37 28.66
C LYS B 118 -29.59 23.44 27.14
N LYS B 119 -30.25 24.42 26.52
CA LYS B 119 -30.09 24.67 25.08
C LYS B 119 -30.25 26.16 24.84
N VAL B 120 -29.24 26.78 24.26
CA VAL B 120 -29.14 28.24 24.16
C VAL B 120 -29.19 28.64 22.68
N THR B 121 -29.95 29.68 22.39
CA THR B 121 -30.04 30.27 21.07
C THR B 121 -29.38 31.65 21.09
N PHE B 122 -28.42 31.86 20.20
CA PHE B 122 -27.64 33.09 20.17
C PHE B 122 -28.21 34.11 19.20
N ARG B 123 -27.74 35.35 19.34
CA ARG B 123 -28.06 36.43 18.43
C ARG B 123 -26.76 37.10 18.02
N CYS B 124 -26.43 37.02 16.74
CA CYS B 124 -25.19 37.59 16.19
C CYS B 124 -25.56 38.77 15.30
N THR B 125 -25.11 39.96 15.67
CA THR B 125 -25.41 41.16 14.92
C THR B 125 -24.13 41.80 14.43
N GLU B 126 -24.12 42.19 13.15
CA GLU B 126 -22.99 42.86 12.54
C GLU B 126 -23.17 44.37 12.66
N LYS B 127 -22.17 45.06 13.20
CA LYS B 127 -22.26 46.48 13.47
C LYS B 127 -21.50 47.28 12.43
N ASP B 128 -22.14 48.31 11.87
CA ASP B 128 -21.48 49.24 10.98
C ASP B 128 -20.45 50.07 11.74
N LEU B 129 -19.29 50.28 11.11
CA LEU B 129 -18.23 51.07 11.70
C LEU B 129 -17.86 52.18 10.71
N VAL B 130 -18.15 53.43 11.09
CA VAL B 130 -17.86 54.58 10.25
C VAL B 130 -16.86 55.47 10.98
N GLY B 131 -16.12 56.26 10.20
CA GLY B 131 -15.15 57.17 10.77
C GLY B 131 -13.72 56.74 10.54
N ASP B 132 -12.85 56.95 11.54
CA ASP B 132 -11.46 56.53 11.46
C ASP B 132 -11.39 55.04 11.81
N VAL B 133 -11.77 54.22 10.84
CA VAL B 133 -11.91 52.78 11.05
C VAL B 133 -10.54 52.12 11.06
N PRO B 134 -10.35 51.06 11.84
CA PRO B 134 -9.11 50.30 11.74
C PRO B 134 -9.14 49.38 10.54
N GLU B 135 -7.94 49.10 10.00
CA GLU B 135 -7.82 48.20 8.87
C GLU B 135 -8.03 46.75 9.33
N PRO B 136 -8.33 45.83 8.41
CA PRO B 136 -8.44 44.41 8.79
C PRO B 136 -7.13 43.87 9.34
N ARG B 137 -7.21 43.20 10.49
CA ARG B 137 -6.03 42.77 11.20
C ARG B 137 -6.36 41.55 12.05
N TYR B 138 -5.33 40.99 12.67
CA TYR B 138 -5.49 39.90 13.61
C TYR B 138 -4.39 39.99 14.65
N GLY B 139 -4.57 39.26 15.75
CA GLY B 139 -3.60 39.27 16.83
C GLY B 139 -3.64 40.49 17.70
N HIS B 140 -4.69 41.29 17.63
CA HIS B 140 -4.84 42.51 18.38
C HIS B 140 -5.75 42.28 19.58
N SER B 141 -6.12 43.35 20.27
CA SER B 141 -6.93 43.25 21.47
C SER B 141 -7.96 44.37 21.50
N ILE B 142 -9.04 44.15 22.25
CA ILE B 142 -10.08 45.15 22.45
C ILE B 142 -10.58 45.01 23.88
N ASP B 143 -10.95 46.14 24.49
CA ASP B 143 -11.46 46.18 25.85
C ASP B 143 -12.47 47.32 25.98
N VAL B 144 -13.30 47.23 27.01
CA VAL B 144 -14.32 48.24 27.29
C VAL B 144 -13.95 48.95 28.58
N VAL B 145 -13.99 50.28 28.55
CA VAL B 145 -13.69 51.11 29.70
C VAL B 145 -14.94 51.87 30.10
N TYR B 146 -15.04 52.19 31.39
CA TYR B 146 -16.17 52.90 31.96
C TYR B 146 -15.67 54.18 32.60
N SER B 147 -16.04 55.32 32.04
CA SER B 147 -15.65 56.62 32.56
C SER B 147 -16.84 57.55 32.54
N ARG B 148 -17.30 57.95 33.74
CA ARG B 148 -18.39 58.91 33.94
C ARG B 148 -19.69 58.44 33.30
N GLY B 149 -20.05 57.18 33.55
CA GLY B 149 -21.31 56.65 33.08
C GLY B 149 -21.40 56.35 31.60
N LYS B 150 -20.27 56.33 30.90
CA LYS B 150 -20.24 56.02 29.48
C LYS B 150 -19.28 54.86 29.24
N SER B 151 -19.43 54.23 28.08
CA SER B 151 -18.61 53.09 27.69
C SER B 151 -17.91 53.38 26.38
N MET B 152 -16.71 52.82 26.23
CA MET B 152 -15.92 53.03 25.02
C MET B 152 -15.04 51.81 24.81
N GLY B 153 -14.86 51.42 23.54
CA GLY B 153 -14.03 50.30 23.18
C GLY B 153 -12.66 50.75 22.75
N VAL B 154 -11.64 50.25 23.46
CA VAL B 154 -10.26 50.63 23.22
C VAL B 154 -9.56 49.52 22.44
N LEU B 155 -9.20 49.82 21.20
CA LEU B 155 -8.53 48.86 20.32
C LEU B 155 -7.08 49.27 20.11
N PHE B 156 -6.17 48.32 20.29
CA PHE B 156 -4.76 48.51 20.02
C PHE B 156 -4.39 47.68 18.79
N GLY B 157 -3.21 47.97 18.23
CA GLY B 157 -2.86 47.42 16.94
C GLY B 157 -2.45 45.96 16.99
N GLY B 158 -2.44 45.35 15.81
CA GLY B 158 -2.07 43.96 15.64
C GLY B 158 -1.24 43.71 14.39
N ARG B 159 -1.51 42.62 13.69
CA ARG B 159 -0.80 42.26 12.46
C ARG B 159 -1.76 42.29 11.29
N SER B 160 -1.28 42.79 10.16
CA SER B 160 -2.07 42.86 8.94
C SER B 160 -1.16 42.57 7.76
N TYR B 161 -1.76 42.52 6.58
CA TYR B 161 -0.98 42.34 5.37
C TYR B 161 -0.42 43.68 4.90
N MET B 162 0.36 43.62 3.83
CA MET B 162 0.82 44.83 3.18
C MET B 162 -0.35 45.53 2.50
N PRO B 163 -0.29 46.85 2.35
CA PRO B 163 -1.38 47.56 1.64
C PRO B 163 -1.43 47.21 0.17
N SER B 164 -2.53 47.63 -0.47
CA SER B 164 -2.83 47.19 -1.82
C SER B 164 -1.91 47.79 -2.87
N THR B 165 -1.18 48.85 -2.55
CA THR B 165 -0.19 49.42 -3.43
C THR B 165 1.23 48.98 -3.10
N GLN B 166 1.38 47.97 -2.24
CA GLN B 166 2.70 47.54 -1.81
C GLN B 166 2.78 46.02 -1.70
N ARG B 167 1.73 45.31 -2.10
CA ARG B 167 1.63 43.87 -1.92
C ARG B 167 1.89 43.19 -3.26
N THR B 168 2.91 42.33 -3.29
CA THR B 168 3.25 41.55 -4.47
C THR B 168 2.87 40.10 -4.26
N THR B 169 2.64 39.39 -5.37
CA THR B 169 2.25 37.99 -5.28
C THR B 169 3.38 37.06 -4.91
N GLU B 170 4.63 37.50 -5.03
CA GLU B 170 5.74 36.71 -4.53
C GLU B 170 5.87 36.78 -3.02
N LYS B 171 5.26 37.79 -2.40
CA LYS B 171 5.22 37.97 -0.95
C LYS B 171 3.80 38.26 -0.51
N TRP B 172 2.88 37.42 -0.96
CA TRP B 172 1.45 37.66 -0.78
C TRP B 172 1.03 37.45 0.66
N ASN B 173 1.59 36.44 1.33
CA ASN B 173 1.21 36.10 2.69
C ASN B 173 2.14 36.72 3.72
N SER B 174 2.94 37.70 3.34
CA SER B 174 3.82 38.37 4.28
C SER B 174 3.04 39.38 5.11
N VAL B 175 3.21 39.35 6.42
CA VAL B 175 2.49 40.22 7.33
C VAL B 175 3.44 41.30 7.85
N ALA B 176 2.84 42.41 8.28
CA ALA B 176 3.55 43.50 8.90
C ALA B 176 2.70 44.04 10.04
N ASP B 177 3.38 44.53 11.09
CA ASP B 177 2.68 45.04 12.26
C ASP B 177 1.92 46.31 11.92
N CYS B 178 0.79 46.49 12.61
CA CYS B 178 -0.05 47.65 12.37
C CYS B 178 0.57 48.89 13.01
N LEU B 179 -0.04 50.04 12.72
CA LEU B 179 0.41 51.28 13.33
C LEU B 179 0.02 51.30 14.81
N PRO B 180 0.81 51.97 15.65
CA PRO B 180 0.56 51.94 17.10
C PRO B 180 -0.53 52.89 17.57
N HIS B 181 -1.40 53.33 16.67
CA HIS B 181 -2.54 54.18 17.03
C HIS B 181 -3.51 53.42 17.92
N VAL B 182 -4.28 54.19 18.70
CA VAL B 182 -5.29 53.66 19.60
C VAL B 182 -6.65 54.14 19.13
N PHE B 183 -7.58 53.23 18.94
CA PHE B 183 -8.91 53.53 18.44
C PHE B 183 -9.92 53.50 19.57
N LEU B 184 -10.83 54.46 19.58
CA LEU B 184 -11.91 54.52 20.55
C LEU B 184 -13.21 54.18 19.84
N ILE B 185 -13.71 52.98 20.09
CA ILE B 185 -14.88 52.45 19.39
C ILE B 185 -16.10 52.64 20.27
N ASP B 186 -17.09 53.36 19.76
CA ASP B 186 -18.35 53.55 20.48
C ASP B 186 -19.36 52.54 19.94
N PHE B 187 -19.94 51.76 20.85
CA PHE B 187 -20.86 50.71 20.45
C PHE B 187 -22.30 51.19 20.36
N GLU B 188 -22.59 52.43 20.78
CA GLU B 188 -23.91 53.01 20.55
C GLU B 188 -24.14 53.43 19.11
N PHE B 189 -23.17 54.10 18.50
CA PHE B 189 -23.35 54.66 17.17
C PHE B 189 -22.46 54.03 16.11
N GLY B 190 -21.43 53.29 16.50
CA GLY B 190 -20.57 52.65 15.53
C GLY B 190 -19.54 53.60 14.94
N CYS B 191 -19.01 54.49 15.78
CA CYS B 191 -17.99 55.44 15.37
C CYS B 191 -16.65 55.06 16.00
N ALA B 192 -15.57 55.43 15.33
CA ALA B 192 -14.23 55.12 15.80
C ALA B 192 -13.31 56.28 15.46
N THR B 193 -12.56 56.75 16.46
CA THR B 193 -11.58 57.80 16.28
C THR B 193 -10.21 57.30 16.70
N SER B 194 -9.19 57.61 15.91
CA SER B 194 -7.83 57.19 16.18
C SER B 194 -7.08 58.27 16.96
N TYR B 195 -6.03 57.84 17.66
CA TYR B 195 -5.23 58.74 18.47
C TYR B 195 -3.77 58.34 18.39
N ILE B 196 -2.93 59.27 17.94
CA ILE B 196 -1.48 59.05 17.89
C ILE B 196 -0.90 59.45 19.23
N LEU B 197 -0.28 58.51 19.92
CA LEU B 197 0.30 58.75 21.23
C LEU B 197 1.82 58.61 21.14
N PRO B 198 2.60 59.56 21.67
CA PRO B 198 4.06 59.50 21.50
C PRO B 198 4.74 58.45 22.38
N GLU B 199 4.07 57.91 23.39
CA GLU B 199 4.68 56.89 24.22
C GLU B 199 4.66 55.50 23.60
N LEU B 200 3.95 55.33 22.48
CA LEU B 200 3.85 54.05 21.80
C LEU B 200 4.51 54.18 20.43
N GLN B 201 5.73 53.67 20.31
CA GLN B 201 6.47 53.79 19.05
C GLN B 201 6.50 52.49 18.25
N ASP B 202 6.60 51.34 18.92
CA ASP B 202 6.67 50.06 18.23
C ASP B 202 5.28 49.46 18.05
N GLY B 203 5.14 48.66 17.00
CA GLY B 203 3.95 47.86 16.85
C GLY B 203 3.96 46.67 17.79
N LEU B 204 2.77 46.14 18.06
CA LEU B 204 2.63 45.10 19.06
C LEU B 204 1.57 44.11 18.61
N SER B 205 1.76 42.84 18.97
CA SER B 205 0.84 41.78 18.59
C SER B 205 0.90 40.67 19.62
N PHE B 206 -0.25 39.99 19.76
CA PHE B 206 -0.43 38.85 20.67
C PHE B 206 -0.10 39.22 22.12
N HIS B 207 -0.55 40.40 22.54
CA HIS B 207 -0.30 40.92 23.86
C HIS B 207 -1.49 40.69 24.78
N VAL B 208 -1.29 41.00 26.06
CA VAL B 208 -2.30 40.85 27.08
C VAL B 208 -2.81 42.23 27.46
N SER B 209 -4.13 42.35 27.62
CA SER B 209 -4.76 43.64 27.90
C SER B 209 -5.81 43.46 28.99
N ILE B 210 -5.52 44.01 30.17
CA ILE B 210 -6.40 43.93 31.33
C ILE B 210 -7.14 45.25 31.47
N ALA B 211 -8.43 45.18 31.79
CA ALA B 211 -9.30 46.35 31.80
C ALA B 211 -9.76 46.64 33.22
N ARG B 212 -9.35 47.80 33.75
CA ARG B 212 -9.88 48.37 34.97
C ARG B 212 -11.04 49.29 34.57
N ASN B 213 -11.44 50.21 35.46
CA ASN B 213 -12.59 51.09 35.22
C ASN B 213 -12.38 51.96 33.98
N ASP B 214 -11.34 52.79 33.98
CA ASP B 214 -11.06 53.68 32.85
C ASP B 214 -9.67 53.48 32.28
N THR B 215 -8.95 52.43 32.69
CA THR B 215 -7.62 52.16 32.19
C THR B 215 -7.59 50.84 31.44
N VAL B 216 -6.61 50.71 30.56
CA VAL B 216 -6.29 49.45 29.88
C VAL B 216 -4.79 49.21 30.07
N TYR B 217 -4.45 48.15 30.77
CA TYR B 217 -3.05 47.80 30.99
C TYR B 217 -2.60 46.83 29.91
N ILE B 218 -1.75 47.31 29.01
CA ILE B 218 -1.24 46.51 27.90
C ILE B 218 0.18 46.11 28.21
N LEU B 219 0.42 44.81 28.34
CA LEU B 219 1.73 44.28 28.67
C LEU B 219 2.05 43.11 27.74
N GLY B 220 3.34 42.84 27.61
CA GLY B 220 3.80 41.79 26.72
C GLY B 220 3.73 42.23 25.26
N GLY B 221 3.72 41.23 24.39
CA GLY B 221 3.61 41.46 22.96
C GLY B 221 4.87 41.06 22.23
N HIS B 222 4.80 41.20 20.90
CA HIS B 222 5.90 40.87 20.02
C HIS B 222 5.85 41.78 18.79
N SER B 223 6.99 42.36 18.44
CA SER B 223 7.09 43.26 17.30
C SER B 223 7.76 42.56 16.13
N LEU B 224 7.38 42.95 14.91
CA LEU B 224 7.91 42.31 13.72
C LEU B 224 9.10 43.05 13.12
N ALA B 225 9.23 44.35 13.38
CA ALA B 225 10.30 45.14 12.76
C ALA B 225 11.65 44.79 13.37
N SER B 226 11.74 44.79 14.70
CA SER B 226 12.97 44.45 15.39
C SER B 226 13.04 42.99 15.82
N ASN B 227 11.91 42.27 15.77
CA ASN B 227 11.81 40.84 16.04
C ASN B 227 12.26 40.49 17.47
N ILE B 228 11.78 41.27 18.42
CA ILE B 228 12.00 40.98 19.84
C ILE B 228 10.65 41.04 20.56
N ARG B 229 10.63 40.47 21.76
CA ARG B 229 9.47 40.56 22.63
C ARG B 229 9.80 41.52 23.77
N PRO B 230 9.35 42.77 23.70
CA PRO B 230 9.77 43.74 24.71
C PRO B 230 9.04 43.57 26.03
N ALA B 231 9.76 43.84 27.12
CA ALA B 231 9.18 43.77 28.46
C ALA B 231 8.67 45.15 28.88
N ASN B 232 7.73 45.65 28.11
CA ASN B 232 7.16 46.97 28.32
C ASN B 232 5.73 46.85 28.86
N LEU B 233 5.32 47.87 29.61
CA LEU B 233 3.99 47.91 30.20
C LEU B 233 3.45 49.32 30.01
N TYR B 234 2.25 49.42 29.44
CA TYR B 234 1.62 50.70 29.14
C TYR B 234 0.25 50.75 29.80
N ARG B 235 -0.06 51.85 30.47
CA ARG B 235 -1.38 52.11 31.00
C ARG B 235 -2.04 53.19 30.14
N ILE B 236 -3.14 52.84 29.49
CA ILE B 236 -3.86 53.76 28.63
C ILE B 236 -5.07 54.24 29.44
N ARG B 237 -4.97 55.46 29.95
N ARG B 237 -4.98 55.47 29.95
CA ARG B 237 -6.07 56.07 30.70
CA ARG B 237 -6.07 56.07 30.71
C ARG B 237 -6.95 56.85 29.74
C ARG B 237 -6.96 56.87 29.77
N VAL B 238 -8.25 56.57 29.78
CA VAL B 238 -9.24 57.22 28.94
C VAL B 238 -10.16 58.04 29.83
N ASP B 239 -10.25 59.33 29.57
CA ASP B 239 -11.22 60.20 30.20
C ASP B 239 -12.35 60.50 29.22
N LEU B 240 -13.58 60.46 29.71
CA LEU B 240 -14.78 60.63 28.89
C LEU B 240 -15.58 61.82 29.39
N PRO B 241 -15.21 63.05 29.01
CA PRO B 241 -16.03 64.21 29.39
C PRO B 241 -17.16 64.41 28.40
N LEU B 242 -17.88 65.54 28.52
CA LEU B 242 -18.92 65.86 27.57
C LEU B 242 -18.36 66.15 26.18
N GLY B 243 -17.15 66.70 26.10
CA GLY B 243 -16.52 66.98 24.83
C GLY B 243 -15.76 65.80 24.25
N THR B 244 -14.64 66.08 23.60
CA THR B 244 -13.81 65.03 23.03
C THR B 244 -13.10 64.25 24.14
N PRO B 245 -12.86 62.96 23.95
CA PRO B 245 -12.15 62.18 24.95
C PRO B 245 -10.66 62.52 24.99
N ALA B 246 -10.05 62.20 26.12
CA ALA B 246 -8.63 62.43 26.35
C ALA B 246 -7.96 61.09 26.62
N VAL B 247 -7.08 60.68 25.71
CA VAL B 247 -6.37 59.42 25.80
C VAL B 247 -4.92 59.71 26.21
N ASN B 248 -4.49 59.12 27.31
CA ASN B 248 -3.15 59.34 27.84
C ASN B 248 -2.49 58.00 28.13
N CYS B 249 -1.37 57.73 27.49
CA CYS B 249 -0.59 56.53 27.75
C CYS B 249 0.52 56.85 28.75
N THR B 250 0.92 55.82 29.50
CA THR B 250 1.96 55.98 30.51
C THR B 250 2.79 54.72 30.56
N VAL B 251 4.10 54.86 30.39
CA VAL B 251 5.01 53.72 30.47
C VAL B 251 5.33 53.44 31.94
N LEU B 252 5.20 52.19 32.35
CA LEU B 252 5.50 51.79 33.71
C LEU B 252 6.57 50.70 33.72
N PRO B 253 7.38 50.62 34.78
CA PRO B 253 8.28 49.49 34.92
C PRO B 253 7.59 48.29 35.52
N GLY B 254 8.16 47.11 35.26
CA GLY B 254 7.61 45.88 35.80
C GLY B 254 6.99 44.97 34.74
N GLY B 255 7.16 45.34 33.47
CA GLY B 255 6.60 44.53 32.40
C GLY B 255 7.38 43.24 32.21
N ILE B 256 6.76 42.31 31.49
CA ILE B 256 7.33 40.99 31.25
C ILE B 256 7.39 40.74 29.75
N SER B 257 8.42 40.00 29.33
CA SER B 257 8.61 39.66 27.92
C SER B 257 7.72 38.46 27.61
N VAL B 258 6.57 38.73 27.01
CA VAL B 258 5.49 37.76 26.88
C VAL B 258 4.82 37.93 25.53
N SER B 259 4.54 36.82 24.86
CA SER B 259 3.75 36.84 23.64
C SER B 259 2.83 35.62 23.61
N SER B 260 1.61 35.83 23.12
CA SER B 260 0.57 34.81 22.99
C SER B 260 0.27 34.13 24.32
N ALA B 261 -0.02 34.92 25.34
CA ALA B 261 -0.33 34.38 26.66
C ALA B 261 -1.84 34.27 26.85
N ILE B 262 -2.23 33.56 27.91
CA ILE B 262 -3.62 33.36 28.25
C ILE B 262 -3.90 34.10 29.55
N LEU B 263 -5.00 34.85 29.58
CA LEU B 263 -5.35 35.70 30.70
C LEU B 263 -6.67 35.23 31.30
N THR B 264 -6.70 35.07 32.62
CA THR B 264 -7.92 34.71 33.32
C THR B 264 -8.11 35.63 34.52
N GLN B 265 -9.34 35.65 35.02
CA GLN B 265 -9.71 36.46 36.18
C GLN B 265 -10.22 35.51 37.26
N THR B 266 -9.33 35.13 38.17
CA THR B 266 -9.70 34.18 39.22
C THR B 266 -10.49 34.87 40.33
N ASN B 267 -10.00 36.01 40.80
CA ASN B 267 -10.65 36.79 41.84
C ASN B 267 -10.93 38.18 41.30
N ASN B 268 -11.71 38.96 42.04
N ASN B 268 -11.71 38.96 42.04
CA ASN B 268 -11.94 40.35 41.68
CA ASN B 268 -11.94 40.35 41.68
C ASN B 268 -10.66 41.15 41.87
C ASN B 268 -10.66 41.14 41.87
N ASP B 269 -10.31 41.96 40.86
CA ASP B 269 -9.05 42.73 40.80
C ASP B 269 -7.82 41.84 40.95
N GLU B 270 -7.84 40.66 40.36
CA GLU B 270 -6.75 39.70 40.45
C GLU B 270 -6.74 38.85 39.19
N PHE B 271 -5.64 38.89 38.45
CA PHE B 271 -5.55 38.23 37.15
C PHE B 271 -4.30 37.36 37.12
N VAL B 272 -4.35 36.30 36.31
CA VAL B 272 -3.26 35.33 36.20
C VAL B 272 -2.86 35.21 34.74
N ILE B 273 -1.57 35.35 34.46
CA ILE B 273 -1.00 35.15 33.13
C ILE B 273 -0.50 33.72 33.04
N VAL B 274 -1.07 32.93 32.11
CA VAL B 274 -0.69 31.54 31.93
C VAL B 274 -0.21 31.36 30.49
N GLY B 275 0.92 30.67 30.33
CA GLY B 275 1.39 30.30 29.02
C GLY B 275 2.03 31.43 28.27
N GLY B 276 2.46 31.13 27.05
CA GLY B 276 3.07 32.09 26.17
C GLY B 276 4.46 31.67 25.76
N TYR B 277 5.13 32.57 25.05
CA TYR B 277 6.48 32.34 24.54
C TYR B 277 7.39 33.48 24.95
N GLN B 278 8.49 33.16 25.62
CA GLN B 278 9.48 34.18 25.94
C GLN B 278 10.44 34.40 24.79
N LEU B 279 10.88 33.33 24.14
CA LEU B 279 11.67 33.43 22.92
C LEU B 279 11.06 32.53 21.84
N GLU B 280 11.78 32.35 20.74
CA GLU B 280 11.24 31.52 19.65
C GLU B 280 11.31 30.04 20.01
N ASN B 281 12.52 29.54 20.24
CA ASN B 281 12.72 28.15 20.62
C ASN B 281 12.53 27.90 22.11
N GLN B 282 12.36 28.95 22.90
CA GLN B 282 12.21 28.84 24.35
C GLN B 282 10.77 29.14 24.72
N LYS B 283 10.20 28.30 25.56
CA LYS B 283 8.80 28.37 25.97
C LYS B 283 8.72 28.86 27.41
N ARG B 284 7.62 29.54 27.72
CA ARG B 284 7.46 30.15 29.04
C ARG B 284 6.66 29.22 29.94
N MET B 285 7.34 28.59 30.90
CA MET B 285 6.71 27.63 31.80
C MET B 285 6.31 28.25 33.13
N VAL B 286 6.50 29.55 33.31
CA VAL B 286 6.15 30.22 34.55
C VAL B 286 4.82 30.95 34.36
N CYS B 287 4.20 31.32 35.47
CA CYS B 287 2.96 32.07 35.47
C CYS B 287 3.12 33.33 36.28
N SER B 288 2.33 34.35 35.94
CA SER B 288 2.44 35.66 36.55
C SER B 288 1.10 36.06 37.17
N LEU B 289 1.14 36.51 38.41
CA LEU B 289 -0.05 36.92 39.15
C LEU B 289 -0.14 38.44 39.12
N VAL B 290 -1.19 38.96 38.50
CA VAL B 290 -1.42 40.40 38.38
C VAL B 290 -2.56 40.78 39.30
N SER B 291 -2.29 41.68 40.23
CA SER B 291 -3.29 42.19 41.18
C SER B 291 -3.52 43.67 40.90
N LEU B 292 -4.69 44.00 40.38
CA LEU B 292 -5.03 45.38 40.07
C LEU B 292 -5.34 46.15 41.35
N GLY B 293 -5.23 47.47 41.25
CA GLY B 293 -5.60 48.34 42.35
C GLY B 293 -6.38 49.55 41.87
N ASP B 294 -6.28 50.65 42.59
CA ASP B 294 -6.89 51.89 42.11
C ASP B 294 -5.95 52.66 41.21
N ASN B 295 -4.65 52.66 41.54
CA ASN B 295 -3.65 53.30 40.70
C ASN B 295 -2.48 52.39 40.36
N THR B 296 -2.06 51.52 41.26
CA THR B 296 -0.85 50.74 41.10
C THR B 296 -1.20 49.28 40.82
N ILE B 297 -0.36 48.65 39.99
CA ILE B 297 -0.44 47.21 39.75
C ILE B 297 0.92 46.61 40.08
N GLU B 298 0.91 45.33 40.39
CA GLU B 298 2.13 44.59 40.64
C GLU B 298 2.02 43.19 40.08
N ILE B 299 3.13 42.70 39.55
CA ILE B 299 3.20 41.40 38.89
C ILE B 299 4.20 40.56 39.66
N SER B 300 3.71 39.53 40.34
CA SER B 300 4.55 38.71 41.20
C SER B 300 4.58 37.29 40.68
N GLU B 301 5.39 36.47 41.34
CA GLU B 301 5.54 35.08 40.97
C GLU B 301 4.47 34.26 41.67
N MET B 302 3.92 33.28 40.99
CA MET B 302 3.20 32.21 41.67
C MET B 302 4.00 30.92 41.50
N GLU B 303 3.51 29.83 42.08
CA GLU B 303 4.22 28.57 41.96
C GLU B 303 4.00 27.96 40.58
N THR B 304 5.00 27.25 40.10
CA THR B 304 4.89 26.60 38.80
C THR B 304 4.00 25.38 38.90
N PRO B 305 2.99 25.24 38.04
CA PRO B 305 2.17 24.03 38.04
C PRO B 305 2.94 22.86 37.48
N ASP B 306 2.50 21.66 37.86
CA ASP B 306 3.20 20.43 37.50
C ASP B 306 2.91 20.13 36.04
N TRP B 307 3.76 20.67 35.15
CA TRP B 307 3.67 20.34 33.74
C TRP B 307 4.09 18.89 33.51
N THR B 308 3.35 18.19 32.65
CA THR B 308 3.69 16.81 32.35
C THR B 308 4.87 16.76 31.37
N SER B 309 5.26 15.52 31.01
CA SER B 309 6.44 15.33 30.19
C SER B 309 6.22 15.69 28.72
N ASP B 310 4.97 15.74 28.26
CA ASP B 310 4.70 16.08 26.88
C ASP B 310 4.45 17.56 26.65
N ILE B 311 4.12 18.31 27.70
CA ILE B 311 4.04 19.76 27.57
C ILE B 311 5.41 20.42 27.73
N LYS B 312 6.28 19.85 28.56
CA LYS B 312 7.61 20.44 28.75
C LYS B 312 8.49 20.23 27.53
N HIS B 313 8.19 19.22 26.70
CA HIS B 313 8.95 18.95 25.49
C HIS B 313 8.18 19.27 24.23
N SER B 314 7.00 19.87 24.34
CA SER B 314 6.32 20.35 23.16
C SER B 314 6.97 21.64 22.66
N LYS B 315 6.77 21.94 21.38
CA LYS B 315 7.31 23.17 20.83
C LYS B 315 6.32 24.31 20.87
N ILE B 316 5.04 24.04 20.61
CA ILE B 316 4.01 25.07 20.62
C ILE B 316 2.91 24.63 21.57
N TRP B 317 2.12 25.60 22.05
CA TRP B 317 0.81 25.36 22.60
C TRP B 317 -0.15 26.44 22.12
N PHE B 318 -1.40 26.32 22.53
CA PHE B 318 -2.42 27.32 22.27
C PHE B 318 -3.48 27.17 23.35
N GLY B 319 -4.63 27.81 23.16
CA GLY B 319 -5.70 27.72 24.12
C GLY B 319 -6.26 29.06 24.52
N SER B 320 -7.28 29.07 25.37
CA SER B 320 -7.90 30.32 25.81
C SER B 320 -8.51 30.10 27.18
N ASN B 321 -9.28 31.08 27.64
CA ASN B 321 -9.80 31.14 28.99
C ASN B 321 -11.26 30.70 29.02
N MET B 322 -11.58 29.81 29.96
CA MET B 322 -12.96 29.33 30.09
C MET B 322 -13.83 30.24 30.96
N GLY B 323 -13.22 31.09 31.80
CA GLY B 323 -13.94 32.10 32.53
C GLY B 323 -14.07 31.86 34.02
N ASN B 324 -13.96 30.62 34.48
CA ASN B 324 -14.10 30.29 35.90
C ASN B 324 -12.74 30.18 36.59
N GLY B 325 -11.78 30.98 36.17
CA GLY B 325 -10.42 30.83 36.65
C GLY B 325 -9.77 29.55 36.15
N THR B 326 -10.19 29.06 34.99
CA THR B 326 -9.78 27.76 34.48
C THR B 326 -9.32 27.92 33.04
N ILE B 327 -8.14 27.38 32.73
CA ILE B 327 -7.55 27.47 31.40
C ILE B 327 -7.75 26.15 30.66
N PHE B 328 -8.04 26.24 29.37
CA PHE B 328 -8.12 25.08 28.49
C PHE B 328 -7.03 25.22 27.42
N LEU B 329 -5.91 24.54 27.60
CA LEU B 329 -4.80 24.64 26.67
C LEU B 329 -4.56 23.32 25.96
N GLY B 330 -3.99 23.40 24.76
CA GLY B 330 -3.75 22.23 23.94
C GLY B 330 -2.31 22.03 23.54
N ILE B 331 -1.97 20.80 23.19
CA ILE B 331 -0.60 20.41 22.82
C ILE B 331 -0.72 19.61 21.52
N PRO B 332 0.15 19.81 20.52
CA PRO B 332 0.10 19.00 19.29
C PRO B 332 0.37 17.52 19.55
N GLY B 333 -0.40 16.67 18.88
CA GLY B 333 -0.47 15.26 19.22
C GLY B 333 0.68 14.45 18.64
N ASP B 334 0.39 13.17 18.44
CA ASP B 334 1.39 12.17 17.96
C ASP B 334 1.58 12.28 16.45
N ASN B 335 2.35 13.28 16.00
CA ASN B 335 2.68 13.52 14.57
C ASN B 335 1.46 13.32 13.68
N LYS B 336 0.36 14.03 13.99
CA LYS B 336 -0.96 14.02 13.28
C LYS B 336 -1.27 12.68 12.62
N GLN B 337 -0.69 12.43 11.43
CA GLN B 337 -0.89 11.22 10.57
C GLN B 337 -2.33 11.22 10.08
N ALA B 338 -2.93 10.03 9.91
CA ALA B 338 -4.33 9.93 9.43
C ALA B 338 -5.26 10.51 10.51
N MET B 339 -5.48 9.76 11.60
CA MET B 339 -6.35 10.22 12.72
C MET B 339 -5.65 9.95 14.05
N SER B 340 -6.37 9.34 14.99
CA SER B 340 -5.88 8.94 16.35
C SER B 340 -5.46 10.14 17.20
N GLU B 341 -6.18 11.27 17.08
CA GLU B 341 -6.01 12.55 17.84
C GLU B 341 -4.77 13.34 17.40
N ALA B 342 -4.97 14.56 16.90
CA ALA B 342 -3.85 15.42 16.45
C ALA B 342 -3.39 16.33 17.59
N PHE B 343 -4.27 16.60 18.56
CA PHE B 343 -3.92 17.49 19.69
C PHE B 343 -4.22 16.82 21.04
N TYR B 344 -3.38 17.12 22.04
CA TYR B 344 -3.51 16.60 23.42
C TYR B 344 -3.97 17.77 24.30
N PHE B 345 -5.24 17.75 24.73
CA PHE B 345 -5.82 18.87 25.46
C PHE B 345 -5.72 18.65 26.97
N TYR B 346 -5.67 19.76 27.70
CA TYR B 346 -5.56 19.74 29.16
C TYR B 346 -6.49 20.81 29.73
N THR B 347 -6.66 20.76 31.05
CA THR B 347 -7.42 21.76 31.78
C THR B 347 -6.63 22.13 33.02
N LEU B 348 -6.39 23.43 33.19
CA LEU B 348 -5.63 23.95 34.32
C LEU B 348 -6.56 24.79 35.17
N ARG B 349 -6.63 24.50 36.47
CA ARG B 349 -7.47 25.24 37.39
C ARG B 349 -6.63 26.14 38.28
N CYS B 350 -7.22 27.27 38.68
CA CYS B 350 -6.57 28.22 39.57
C CYS B 350 -7.49 28.51 40.76
N GLY C 461 31.30 4.16 -34.06
CA GLY C 461 31.20 2.72 -34.20
C GLY C 461 31.35 1.98 -32.89
N LEU C 462 30.28 1.32 -32.47
CA LEU C 462 30.24 0.57 -31.21
C LEU C 462 29.89 -0.88 -31.49
N GLN C 463 30.56 -1.79 -30.81
CA GLN C 463 30.24 -3.20 -30.92
C GLN C 463 28.93 -3.49 -30.19
N PRO C 464 28.17 -4.50 -30.64
CA PRO C 464 26.84 -4.75 -30.03
C PRO C 464 26.89 -5.20 -28.59
N ALA C 465 28.01 -5.78 -28.12
CA ALA C 465 28.14 -6.07 -26.70
C ALA C 465 28.25 -4.80 -25.86
N VAL C 466 28.91 -3.77 -26.41
CA VAL C 466 29.04 -2.50 -25.71
C VAL C 466 27.69 -1.78 -25.65
N CYS C 467 26.95 -1.78 -26.75
CA CYS C 467 25.61 -1.20 -26.74
C CYS C 467 24.66 -1.98 -25.86
N LEU C 468 24.84 -3.30 -25.77
CA LEU C 468 24.03 -4.10 -24.86
C LEU C 468 24.34 -3.76 -23.41
N ALA C 469 25.62 -3.56 -23.08
CA ALA C 469 25.99 -3.18 -21.72
C ALA C 469 25.48 -1.78 -21.38
N ILE C 470 25.47 -0.87 -22.35
CA ILE C 470 24.96 0.47 -22.13
C ILE C 470 23.44 0.45 -21.93
N ARG C 471 22.73 -0.36 -22.73
CA ARG C 471 21.29 -0.47 -22.57
C ARG C 471 20.90 -1.17 -21.27
N VAL C 472 21.69 -2.13 -20.84
CA VAL C 472 21.34 -2.89 -19.64
C VAL C 472 21.68 -2.10 -18.37
N ASN C 473 22.91 -1.59 -18.28
CA ASN C 473 23.39 -1.06 -17.00
C ASN C 473 22.82 0.31 -16.66
N THR C 474 22.38 1.09 -17.65
CA THR C 474 21.73 2.36 -17.38
C THR C 474 20.21 2.24 -17.30
N PHE C 475 19.70 1.03 -17.08
CA PHE C 475 18.29 0.72 -16.87
C PHE C 475 17.41 1.16 -18.05
N LEU C 476 17.98 1.14 -19.25
CA LEU C 476 17.22 1.52 -20.44
C LEU C 476 16.39 0.35 -20.90
N SER C 477 15.14 0.61 -21.23
CA SER C 477 14.31 -0.40 -21.84
C SER C 477 14.66 -0.53 -23.32
N CYS C 478 14.04 -1.50 -24.00
CA CYS C 478 14.30 -1.69 -25.42
C CYS C 478 13.66 -0.59 -26.24
N SER C 479 12.50 -0.08 -25.81
CA SER C 479 11.81 0.97 -26.56
C SER C 479 12.53 2.30 -26.44
N GLN C 480 13.01 2.63 -25.24
CA GLN C 480 13.74 3.88 -25.05
C GLN C 480 15.10 3.83 -25.75
N TYR C 481 15.74 2.66 -25.75
CA TYR C 481 16.97 2.49 -26.51
C TYR C 481 16.72 2.62 -28.00
N HIS C 482 15.61 2.09 -28.48
CA HIS C 482 15.29 2.21 -29.90
C HIS C 482 15.04 3.67 -30.27
N LYS C 483 14.40 4.43 -29.39
CA LYS C 483 14.22 5.86 -29.61
C LYS C 483 15.55 6.60 -29.67
N MET C 484 16.45 6.29 -28.72
CA MET C 484 17.76 6.96 -28.67
C MET C 484 18.60 6.63 -29.89
N TYR C 485 18.62 5.35 -30.29
CA TYR C 485 19.36 4.91 -31.46
C TYR C 485 18.80 5.55 -32.73
N ARG C 486 17.47 5.63 -32.83
CA ARG C 486 16.83 6.20 -34.00
C ARG C 486 17.15 7.68 -34.15
N THR C 487 17.09 8.45 -33.07
CA THR C 487 17.40 9.87 -33.19
C THR C 487 18.89 10.16 -33.34
N VAL C 488 19.77 9.34 -32.75
CA VAL C 488 21.20 9.54 -32.95
C VAL C 488 21.59 9.23 -34.39
N LYS C 489 21.06 8.14 -34.95
CA LYS C 489 21.31 7.82 -36.35
C LYS C 489 20.66 8.83 -37.29
N ALA C 490 19.54 9.43 -36.90
CA ALA C 490 18.88 10.39 -37.77
C ALA C 490 19.53 11.77 -37.75
N ILE C 491 20.11 12.18 -36.61
CA ILE C 491 20.68 13.52 -36.52
C ILE C 491 22.19 13.52 -36.79
N THR C 492 22.86 12.37 -36.67
CA THR C 492 24.29 12.30 -36.94
C THR C 492 24.59 11.88 -38.37
N GLY C 493 23.79 10.96 -38.91
CA GLY C 493 24.05 10.37 -40.20
C GLY C 493 24.89 9.12 -40.15
N ARG C 494 25.61 8.90 -39.05
CA ARG C 494 26.38 7.70 -38.84
C ARG C 494 25.54 6.69 -38.06
N GLN C 495 26.14 5.55 -37.76
CA GLN C 495 25.52 4.49 -36.97
C GLN C 495 26.38 4.31 -35.73
N ILE C 496 26.10 5.09 -34.70
CA ILE C 496 26.88 5.00 -33.47
C ILE C 496 26.47 3.76 -32.67
N PHE C 497 25.19 3.68 -32.31
CA PHE C 497 24.68 2.50 -31.62
C PHE C 497 24.31 1.42 -32.62
N GLN C 498 23.92 0.26 -32.11
CA GLN C 498 23.56 -0.87 -32.93
C GLN C 498 22.07 -1.13 -32.82
N PRO C 499 21.42 -1.64 -33.88
CA PRO C 499 19.98 -1.92 -33.78
C PRO C 499 19.70 -3.10 -32.87
N LEU C 500 18.44 -3.21 -32.46
CA LEU C 500 18.07 -4.12 -31.38
C LEU C 500 18.21 -5.59 -31.74
N HIS C 501 18.17 -5.96 -33.02
CA HIS C 501 18.38 -7.35 -33.38
C HIS C 501 19.84 -7.74 -33.23
N ALA C 502 20.77 -6.80 -33.41
CA ALA C 502 22.17 -7.08 -33.12
C ALA C 502 22.41 -7.25 -31.62
N LEU C 503 21.69 -6.49 -30.80
CA LEU C 503 21.76 -6.67 -29.36
C LEU C 503 21.18 -8.00 -28.94
N ARG C 504 20.09 -8.43 -29.60
CA ARG C 504 19.52 -9.73 -29.33
C ARG C 504 20.45 -10.86 -29.77
N ASN C 505 21.17 -10.67 -30.87
CA ASN C 505 22.12 -11.69 -31.32
C ASN C 505 23.33 -11.80 -30.40
N ALA C 506 23.84 -10.66 -29.92
CA ALA C 506 24.93 -10.68 -28.95
C ALA C 506 24.46 -11.06 -27.55
N GLU C 507 23.15 -11.03 -27.31
CA GLU C 507 22.60 -11.32 -26.00
C GLU C 507 22.58 -12.81 -25.69
N LYS C 508 22.42 -13.66 -26.71
CA LYS C 508 22.36 -15.10 -26.53
C LYS C 508 23.69 -15.73 -26.13
N VAL C 509 24.80 -15.01 -26.27
CA VAL C 509 26.09 -15.54 -25.85
C VAL C 509 26.21 -15.57 -24.34
N LEU C 510 25.52 -14.65 -23.66
CA LEU C 510 25.65 -14.48 -22.21
C LEU C 510 24.61 -15.24 -21.42
N LEU C 511 23.68 -15.85 -22.06
CA LEU C 511 22.61 -16.62 -21.46
C LEU C 511 23.00 -18.09 -21.33
N PRO C 512 22.47 -18.80 -20.35
CA PRO C 512 22.76 -20.24 -20.23
C PRO C 512 22.15 -21.03 -21.38
N GLY C 513 22.85 -22.08 -21.76
CA GLY C 513 22.49 -22.87 -22.90
C GLY C 513 23.31 -22.59 -24.15
N TYR C 514 24.54 -22.13 -24.00
CA TYR C 514 25.36 -21.77 -25.13
C TYR C 514 26.70 -22.49 -25.15
N HIS C 515 27.29 -22.72 -24.01
CA HIS C 515 28.59 -23.33 -24.01
C HIS C 515 28.49 -24.83 -23.80
N PRO C 516 29.40 -25.61 -24.38
CA PRO C 516 29.43 -27.05 -24.08
C PRO C 516 30.15 -27.31 -22.77
N PHE C 517 29.61 -28.27 -22.01
CA PHE C 517 30.21 -28.69 -20.76
C PHE C 517 30.05 -30.20 -20.63
N GLU C 518 30.71 -30.77 -19.62
CA GLU C 518 30.69 -32.22 -19.43
C GLU C 518 30.91 -32.52 -17.97
N TRP C 519 30.14 -33.48 -17.45
CA TRP C 519 30.23 -33.89 -16.06
C TRP C 519 30.88 -35.26 -15.96
N GLN C 520 31.66 -35.45 -14.90
CA GLN C 520 32.38 -36.70 -14.69
C GLN C 520 32.38 -37.06 -13.20
N PRO C 521 31.54 -38.00 -12.74
CA PRO C 521 30.54 -38.83 -13.42
C PRO C 521 29.32 -38.02 -13.84
N PRO C 522 28.55 -38.49 -14.81
CA PRO C 522 27.35 -37.76 -15.23
C PRO C 522 26.33 -37.69 -14.09
N LEU C 523 25.56 -36.61 -14.10
CA LEU C 523 24.67 -36.31 -13.00
C LEU C 523 23.46 -37.24 -13.03
N LYS C 524 23.10 -37.76 -11.87
CA LYS C 524 21.96 -38.67 -11.77
C LYS C 524 20.66 -37.90 -11.86
N ASN C 525 19.74 -38.40 -12.68
CA ASN C 525 18.41 -37.83 -12.95
C ASN C 525 18.46 -36.44 -13.59
N VAL C 526 19.61 -36.03 -14.13
CA VAL C 526 19.77 -34.78 -14.85
C VAL C 526 20.13 -35.11 -16.28
N SER C 527 19.56 -34.35 -17.22
CA SER C 527 19.80 -34.57 -18.64
C SER C 527 21.25 -34.26 -19.01
N SER C 528 21.66 -34.77 -20.15
CA SER C 528 23.01 -34.54 -20.67
C SER C 528 23.07 -33.42 -21.69
N ARG C 529 21.92 -32.88 -22.10
CA ARG C 529 21.90 -31.81 -23.09
C ARG C 529 22.43 -30.51 -22.49
N THR C 530 23.10 -29.72 -23.32
CA THR C 530 23.77 -28.51 -22.87
C THR C 530 23.14 -27.23 -23.40
N ASP C 531 22.14 -27.33 -24.28
CA ASP C 531 21.52 -26.15 -24.89
C ASP C 531 20.17 -25.82 -24.26
N VAL C 532 20.03 -26.03 -22.95
CA VAL C 532 18.80 -25.73 -22.23
C VAL C 532 18.90 -24.34 -21.62
N GLY C 533 17.86 -23.54 -21.81
CA GLY C 533 17.83 -22.18 -21.30
C GLY C 533 16.76 -21.97 -20.25
N ILE C 534 15.71 -21.24 -20.61
CA ILE C 534 14.62 -20.93 -19.69
C ILE C 534 13.55 -22.01 -19.87
N ILE C 535 13.37 -22.82 -18.84
CA ILE C 535 12.44 -23.94 -18.86
C ILE C 535 11.31 -23.66 -17.88
N ASP C 536 10.25 -24.45 -17.98
CA ASP C 536 9.09 -24.28 -17.13
C ASP C 536 9.41 -24.73 -15.71
N GLY C 537 9.14 -23.87 -14.73
CA GLY C 537 9.44 -24.17 -13.34
C GLY C 537 8.51 -25.18 -12.71
N LEU C 538 7.37 -25.48 -13.34
CA LEU C 538 6.47 -26.49 -12.82
C LEU C 538 7.05 -27.89 -12.98
N SER C 539 7.92 -28.08 -13.99
CA SER C 539 8.61 -29.34 -14.30
C SER C 539 7.62 -30.45 -14.61
N GLY C 540 6.66 -30.15 -15.48
CA GLY C 540 5.68 -31.14 -15.88
C GLY C 540 4.65 -31.47 -14.83
N LEU C 541 4.36 -30.54 -13.92
CA LEU C 541 3.36 -30.79 -12.90
C LEU C 541 1.98 -30.84 -13.51
N ALA C 542 1.22 -31.88 -13.16
CA ALA C 542 -0.04 -32.15 -13.82
C ALA C 542 -1.11 -31.15 -13.39
N SER C 543 -1.88 -30.68 -14.37
CA SER C 543 -2.82 -29.57 -14.17
C SER C 543 -4.22 -29.90 -14.65
N SER C 544 -4.58 -31.17 -14.72
CA SER C 544 -5.94 -31.53 -15.06
C SER C 544 -6.85 -31.41 -13.84
N VAL C 545 -8.15 -31.60 -14.07
CA VAL C 545 -9.13 -31.35 -13.02
C VAL C 545 -9.24 -32.46 -12.00
N ASP C 546 -8.50 -33.56 -12.17
CA ASP C 546 -8.64 -34.68 -11.26
C ASP C 546 -7.75 -34.53 -10.03
N GLU C 547 -6.57 -33.94 -10.18
CA GLU C 547 -5.56 -33.91 -9.15
C GLU C 547 -5.53 -32.57 -8.45
N TYR C 548 -4.49 -32.36 -7.64
CA TYR C 548 -4.34 -31.15 -6.83
C TYR C 548 -4.15 -29.94 -7.74
N PRO C 549 -4.81 -28.81 -7.45
CA PRO C 549 -4.79 -27.69 -8.37
C PRO C 549 -3.49 -26.91 -8.34
N VAL C 550 -3.16 -26.29 -9.47
CA VAL C 550 -1.99 -25.44 -9.58
C VAL C 550 -2.46 -23.99 -9.65
N ASP C 551 -1.58 -23.08 -9.22
CA ASP C 551 -1.93 -21.66 -9.18
C ASP C 551 -0.79 -20.74 -9.56
N THR C 552 0.34 -21.26 -10.03
CA THR C 552 1.54 -20.46 -10.21
C THR C 552 1.97 -20.41 -11.67
N ILE C 553 2.78 -19.40 -11.96
CA ILE C 553 3.46 -19.23 -13.23
C ILE C 553 4.94 -19.13 -12.92
N ALA C 554 5.69 -20.19 -13.20
CA ALA C 554 7.09 -20.27 -12.78
C ALA C 554 7.99 -20.57 -13.97
N LYS C 555 9.14 -19.90 -14.01
CA LYS C 555 10.17 -20.12 -15.02
C LYS C 555 11.52 -20.17 -14.33
N ARG C 556 12.42 -20.98 -14.87
CA ARG C 556 13.71 -21.18 -14.21
C ARG C 556 14.75 -21.61 -15.24
N PHE C 557 16.01 -21.54 -14.82
CA PHE C 557 17.12 -22.17 -15.51
C PHE C 557 17.36 -23.56 -14.94
N ARG C 558 18.14 -24.35 -15.66
CA ARG C 558 18.75 -25.52 -15.03
C ARG C 558 19.90 -25.05 -14.15
N TYR C 559 20.19 -25.83 -13.12
CA TYR C 559 21.20 -25.41 -12.15
C TYR C 559 22.60 -25.53 -12.72
N ASP C 560 22.88 -26.61 -13.45
CA ASP C 560 24.20 -26.82 -14.03
C ASP C 560 24.47 -25.85 -15.17
N SER C 561 23.47 -25.57 -16.00
CA SER C 561 23.65 -24.62 -17.10
C SER C 561 23.87 -23.21 -16.58
N ALA C 562 23.15 -22.83 -15.51
CA ALA C 562 23.32 -21.51 -14.93
C ALA C 562 24.68 -21.37 -14.25
N LEU C 563 25.16 -22.42 -13.57
CA LEU C 563 26.49 -22.33 -12.98
C LEU C 563 27.60 -22.33 -14.04
N VAL C 564 27.39 -23.03 -15.16
CA VAL C 564 28.38 -23.01 -16.24
C VAL C 564 28.42 -21.62 -16.88
N SER C 565 27.26 -21.00 -17.12
CA SER C 565 27.23 -19.66 -17.71
C SER C 565 27.80 -18.62 -16.75
N ALA C 566 27.51 -18.75 -15.45
CA ALA C 566 28.04 -17.84 -14.46
C ALA C 566 29.55 -17.99 -14.31
N LEU C 567 30.06 -19.21 -14.44
CA LEU C 567 31.51 -19.41 -14.41
C LEU C 567 32.17 -18.90 -15.68
N MET C 568 31.43 -18.89 -16.80
CA MET C 568 32.03 -18.51 -18.06
C MET C 568 32.00 -17.01 -18.32
N ASP C 569 31.13 -16.27 -17.63
CA ASP C 569 31.11 -14.80 -17.83
C ASP C 569 32.09 -14.11 -16.87
N MET C 570 32.81 -14.88 -16.05
CA MET C 570 33.84 -14.34 -15.17
C MET C 570 35.19 -14.95 -15.51
N GLU C 571 35.38 -15.28 -16.79
CA GLU C 571 36.58 -15.98 -17.25
C GLU C 571 37.83 -15.13 -17.08
N GLU C 572 37.75 -13.87 -17.50
CA GLU C 572 38.89 -12.96 -17.36
C GLU C 572 39.17 -12.64 -15.89
N ASP C 573 38.13 -12.68 -15.05
CA ASP C 573 38.32 -12.49 -13.62
C ASP C 573 39.13 -13.62 -13.02
N ILE C 574 38.82 -14.86 -13.39
CA ILE C 574 39.54 -16.02 -12.89
C ILE C 574 40.96 -16.04 -13.43
N LEU C 575 41.14 -15.67 -14.70
CA LEU C 575 42.49 -15.66 -15.29
C LEU C 575 43.36 -14.59 -14.67
N GLU C 576 42.81 -13.39 -14.43
CA GLU C 576 43.59 -12.34 -13.79
C GLU C 576 43.84 -12.65 -12.31
N GLY C 577 42.88 -13.31 -11.66
CA GLY C 577 43.08 -13.68 -10.26
C GLY C 577 44.12 -14.76 -10.07
N MET C 578 44.24 -15.67 -11.04
CA MET C 578 45.34 -16.62 -10.97
C MET C 578 46.63 -16.06 -11.54
N ARG C 579 46.57 -14.94 -12.28
CA ARG C 579 47.80 -14.25 -12.64
C ARG C 579 48.38 -13.52 -11.44
N SER C 580 47.54 -12.82 -10.68
CA SER C 580 47.99 -11.98 -9.57
C SER C 580 48.48 -12.77 -8.37
N GLN C 581 48.18 -14.07 -8.29
CA GLN C 581 48.72 -14.92 -7.24
C GLN C 581 49.98 -15.66 -7.68
N ASP C 582 50.64 -15.16 -8.73
CA ASP C 582 51.91 -15.69 -9.27
C ASP C 582 51.77 -17.16 -9.71
N LEU C 583 50.66 -17.47 -10.36
CA LEU C 583 50.41 -18.81 -10.86
C LEU C 583 50.39 -18.79 -12.38
N ASP C 584 50.20 -19.98 -12.96
CA ASP C 584 50.20 -20.15 -14.40
C ASP C 584 48.77 -20.14 -14.93
N ASP C 585 48.58 -19.56 -16.10
CA ASP C 585 47.25 -19.46 -16.69
C ASP C 585 46.82 -20.72 -17.43
N TYR C 586 47.67 -21.74 -17.51
CA TYR C 586 47.32 -23.00 -18.15
C TYR C 586 47.06 -24.12 -17.14
N LEU C 587 46.84 -23.77 -15.88
CA LEU C 587 46.52 -24.76 -14.87
C LEU C 587 45.11 -25.31 -15.07
N ASN C 588 44.98 -26.62 -14.97
CA ASN C 588 43.70 -27.30 -15.12
C ASN C 588 43.28 -27.99 -13.82
N GLY C 589 43.76 -27.48 -12.70
CA GLY C 589 43.56 -28.12 -11.42
C GLY C 589 42.11 -28.04 -10.94
N PRO C 590 41.80 -28.79 -9.89
CA PRO C 590 40.42 -28.77 -9.37
C PRO C 590 40.09 -27.47 -8.66
N PHE C 591 39.30 -26.63 -9.31
CA PHE C 591 38.84 -25.39 -8.71
C PHE C 591 37.67 -25.67 -7.79
N THR C 592 37.75 -25.18 -6.56
CA THR C 592 36.66 -25.29 -5.59
C THR C 592 35.88 -23.99 -5.61
N VAL C 593 34.62 -24.07 -5.99
CA VAL C 593 33.75 -22.90 -6.14
C VAL C 593 32.67 -22.99 -5.08
N VAL C 594 32.69 -22.07 -4.10
CA VAL C 594 31.64 -22.00 -3.09
C VAL C 594 30.67 -20.89 -3.46
N VAL C 595 29.39 -21.22 -3.48
CA VAL C 595 28.34 -20.26 -3.84
C VAL C 595 27.45 -20.05 -2.63
N LYS C 596 26.65 -18.98 -2.70
CA LYS C 596 25.76 -18.60 -1.61
C LYS C 596 24.34 -18.55 -2.14
N GLU C 597 23.51 -19.48 -1.69
CA GLU C 597 22.14 -19.61 -2.18
C GLU C 597 21.19 -18.85 -1.28
N SER C 598 20.23 -18.15 -1.89
CA SER C 598 19.29 -17.31 -1.17
C SER C 598 17.91 -17.46 -1.76
N CYS C 599 16.90 -17.43 -0.89
CA CYS C 599 15.51 -17.52 -1.30
C CYS C 599 14.67 -16.64 -0.39
N ASP C 600 13.76 -15.88 -0.98
CA ASP C 600 12.91 -14.98 -0.21
C ASP C 600 11.60 -14.75 -0.93
N GLY C 601 10.52 -14.79 -0.19
CA GLY C 601 9.21 -14.47 -0.73
C GLY C 601 8.93 -12.98 -0.64
N MET C 602 8.09 -12.49 -1.55
CA MET C 602 7.72 -11.08 -1.58
C MET C 602 6.20 -10.93 -1.55
N GLY C 603 5.75 -9.77 -1.12
CA GLY C 603 4.36 -9.42 -1.12
C GLY C 603 4.10 -8.20 -1.99
N ASP C 604 2.81 -7.90 -2.17
CA ASP C 604 2.31 -6.79 -3.00
C ASP C 604 2.81 -6.89 -4.44
N VAL C 605 3.03 -8.10 -4.93
CA VAL C 605 3.37 -8.33 -6.33
C VAL C 605 2.04 -8.55 -7.05
N SER C 606 1.51 -7.48 -7.62
CA SER C 606 0.12 -7.43 -8.02
C SER C 606 -0.16 -8.34 -9.23
N GLU C 607 -1.35 -8.94 -9.22
CA GLU C 607 -1.77 -9.81 -10.31
C GLU C 607 -2.11 -8.97 -11.53
N LYS C 608 -2.10 -9.62 -12.70
CA LYS C 608 -2.50 -9.00 -13.95
C LYS C 608 -3.84 -9.55 -14.40
N HIS C 609 -4.54 -8.76 -15.20
CA HIS C 609 -5.70 -9.28 -15.90
C HIS C 609 -5.23 -10.22 -17.01
N GLY C 610 -6.11 -11.13 -17.41
CA GLY C 610 -5.87 -11.95 -18.57
C GLY C 610 -6.09 -13.43 -18.31
N SER C 611 -5.93 -14.20 -19.37
CA SER C 611 -6.05 -15.65 -19.28
C SER C 611 -4.86 -16.24 -18.55
N GLY C 612 -5.13 -17.30 -17.79
CA GLY C 612 -4.12 -17.92 -16.96
C GLY C 612 -4.73 -18.47 -15.69
N PRO C 613 -3.90 -18.97 -14.79
CA PRO C 613 -4.40 -19.52 -13.53
C PRO C 613 -4.82 -18.43 -12.57
N ALA C 614 -5.42 -18.86 -11.45
CA ALA C 614 -5.75 -17.96 -10.36
C ALA C 614 -4.48 -17.77 -9.55
N VAL C 615 -3.73 -16.72 -9.88
CA VAL C 615 -2.40 -16.49 -9.33
C VAL C 615 -2.50 -15.73 -8.01
N PRO C 616 -1.72 -16.07 -7.00
CA PRO C 616 -1.67 -15.23 -5.80
C PRO C 616 -0.89 -13.95 -6.08
N GLU C 617 -1.08 -12.97 -5.21
CA GLU C 617 -0.35 -11.70 -5.32
C GLU C 617 0.91 -11.72 -4.46
N LYS C 618 1.71 -12.77 -4.61
CA LYS C 618 2.99 -12.92 -3.92
C LYS C 618 3.97 -13.53 -4.91
N ALA C 619 5.26 -13.45 -4.58
CA ALA C 619 6.28 -14.00 -5.46
C ALA C 619 7.44 -14.52 -4.63
N VAL C 620 8.02 -15.63 -5.07
CA VAL C 620 9.18 -16.23 -4.42
C VAL C 620 10.31 -16.26 -5.45
N ARG C 621 11.50 -15.84 -5.03
CA ARG C 621 12.68 -15.79 -5.89
C ARG C 621 13.78 -16.63 -5.29
N PHE C 622 14.39 -17.48 -6.11
CA PHE C 622 15.58 -18.24 -5.72
C PHE C 622 16.77 -17.70 -6.48
N SER C 623 17.90 -17.54 -5.77
CA SER C 623 19.07 -16.92 -6.36
C SER C 623 20.33 -17.55 -5.78
N PHE C 624 21.45 -17.33 -6.47
CA PHE C 624 22.76 -17.76 -5.99
C PHE C 624 23.76 -16.64 -6.25
N THR C 625 24.94 -16.80 -5.64
CA THR C 625 26.01 -15.80 -5.71
C THR C 625 27.33 -16.52 -5.57
N VAL C 626 28.18 -16.43 -6.58
CA VAL C 626 29.52 -17.03 -6.52
C VAL C 626 30.39 -16.17 -5.61
N MET C 627 30.80 -16.73 -4.48
CA MET C 627 31.52 -15.96 -3.48
C MET C 627 33.03 -15.97 -3.71
N ARG C 628 33.64 -17.15 -3.70
CA ARG C 628 35.07 -17.23 -3.98
C ARG C 628 35.39 -18.54 -4.67
N ILE C 629 36.42 -18.49 -5.52
CA ILE C 629 36.91 -19.64 -6.26
C ILE C 629 38.34 -19.93 -5.81
N THR C 630 38.67 -21.21 -5.65
CA THR C 630 39.90 -21.60 -4.99
C THR C 630 40.56 -22.75 -5.73
N ILE C 631 41.84 -22.61 -6.07
CA ILE C 631 42.62 -23.66 -6.72
C ILE C 631 43.55 -24.29 -5.69
N GLU C 632 43.72 -25.61 -5.79
CA GLU C 632 44.67 -26.34 -4.95
C GLU C 632 46.04 -26.31 -5.63
N HIS C 633 46.99 -25.63 -5.00
CA HIS C 633 48.37 -25.56 -5.48
C HIS C 633 49.30 -25.92 -4.34
N GLY C 634 50.10 -26.95 -4.53
CA GLY C 634 50.99 -27.40 -3.47
C GLY C 634 50.19 -28.14 -2.43
N SER C 635 50.35 -27.73 -1.18
CA SER C 635 49.61 -28.32 -0.07
C SER C 635 48.46 -27.44 0.42
N GLN C 636 48.49 -26.15 0.13
CA GLN C 636 47.49 -25.21 0.61
C GLN C 636 46.57 -24.79 -0.52
N ASN C 637 45.44 -24.20 -0.13
CA ASN C 637 44.37 -23.82 -1.03
C ASN C 637 44.39 -22.30 -1.20
N VAL C 638 45.06 -21.83 -2.25
CA VAL C 638 45.11 -20.40 -2.53
C VAL C 638 43.87 -19.99 -3.31
N LYS C 639 43.31 -18.83 -2.95
CA LYS C 639 42.11 -18.36 -3.60
C LYS C 639 42.44 -17.53 -4.83
N VAL C 640 41.59 -17.64 -5.84
CA VAL C 640 41.76 -16.93 -7.10
C VAL C 640 40.81 -15.75 -7.21
N PHE C 641 39.52 -16.00 -6.96
CA PHE C 641 38.50 -14.98 -7.01
C PHE C 641 37.97 -14.75 -5.60
N GLU C 642 37.50 -13.54 -5.34
CA GLU C 642 36.77 -13.22 -4.12
C GLU C 642 35.85 -12.05 -4.42
N GLU C 643 34.58 -12.20 -4.10
CA GLU C 643 33.59 -11.17 -4.40
C GLU C 643 33.80 -9.94 -3.52
N PRO C 644 34.08 -8.77 -4.08
CA PRO C 644 34.38 -7.60 -3.25
C PRO C 644 33.14 -6.98 -2.61
N LYS C 645 32.01 -7.03 -3.32
CA LYS C 645 30.74 -6.50 -2.83
C LYS C 645 29.76 -7.67 -2.74
N PRO C 646 29.76 -8.41 -1.63
CA PRO C 646 28.94 -9.62 -1.57
C PRO C 646 27.46 -9.37 -1.43
N ASN C 647 27.06 -8.32 -0.71
CA ASN C 647 25.66 -7.99 -0.52
C ASN C 647 25.13 -7.05 -1.60
N SER C 648 25.81 -6.96 -2.73
CA SER C 648 25.41 -6.09 -3.81
C SER C 648 24.38 -6.77 -4.69
N GLU C 649 23.62 -5.96 -5.42
CA GLU C 649 22.66 -6.47 -6.38
C GLU C 649 23.29 -6.73 -7.74
N LEU C 650 24.58 -6.42 -7.90
CA LEU C 650 25.31 -6.70 -9.12
C LEU C 650 25.90 -8.10 -9.14
N CYS C 651 25.72 -8.88 -8.08
CA CYS C 651 26.33 -10.20 -7.97
C CYS C 651 25.36 -11.29 -7.55
N CYS C 652 24.08 -11.00 -7.39
CA CYS C 652 23.09 -11.98 -6.97
C CYS C 652 22.33 -12.44 -8.22
N LYS C 653 22.69 -13.60 -8.72
CA LYS C 653 22.15 -14.06 -9.98
C LYS C 653 20.83 -14.79 -9.76
N PRO C 654 19.78 -14.44 -10.48
CA PRO C 654 18.50 -15.13 -10.31
C PRO C 654 18.53 -16.51 -10.93
N LEU C 655 17.81 -17.43 -10.30
CA LEU C 655 17.74 -18.81 -10.76
C LEU C 655 16.33 -19.26 -11.08
N CYS C 656 15.37 -19.01 -10.19
CA CYS C 656 14.00 -19.43 -10.39
C CYS C 656 13.05 -18.37 -9.85
N LEU C 657 12.11 -17.96 -10.67
CA LEU C 657 11.05 -17.04 -10.28
C LEU C 657 9.72 -17.77 -10.30
N MET C 658 8.90 -17.54 -9.28
CA MET C 658 7.61 -18.18 -9.18
C MET C 658 6.66 -17.24 -8.47
N LEU C 659 5.37 -17.49 -8.62
CA LEU C 659 4.31 -16.65 -8.06
C LEU C 659 3.53 -17.47 -7.04
N ALA C 660 4.01 -17.53 -5.81
CA ALA C 660 3.31 -18.31 -4.79
C ALA C 660 3.60 -17.73 -3.42
N ASP C 661 2.82 -18.18 -2.44
CA ASP C 661 3.10 -17.86 -1.05
C ASP C 661 4.25 -18.74 -0.57
N GLU C 662 5.12 -18.16 0.25
CA GLU C 662 6.16 -18.96 0.89
C GLU C 662 5.57 -19.82 2.01
N SER C 663 4.38 -19.49 2.50
CA SER C 663 3.69 -20.26 3.51
C SER C 663 2.77 -21.33 2.93
N ASP C 664 2.77 -21.49 1.62
CA ASP C 664 2.08 -22.61 0.96
C ASP C 664 3.13 -23.68 0.72
N HIS C 665 3.14 -24.69 1.59
CA HIS C 665 4.25 -25.64 1.63
C HIS C 665 4.24 -26.60 0.44
N GLU C 666 3.04 -27.01 0.00
CA GLU C 666 2.94 -28.00 -1.06
C GLU C 666 3.41 -27.44 -2.39
N THR C 667 2.99 -26.23 -2.73
CA THR C 667 3.41 -25.62 -3.99
C THR C 667 4.89 -25.24 -3.97
N LEU C 668 5.37 -24.78 -2.81
CA LEU C 668 6.80 -24.46 -2.66
C LEU C 668 7.67 -25.69 -2.83
N THR C 669 7.27 -26.83 -2.25
CA THR C 669 8.01 -28.07 -2.45
C THR C 669 7.91 -28.56 -3.89
N ALA C 670 6.74 -28.43 -4.51
CA ALA C 670 6.55 -28.92 -5.88
C ALA C 670 7.36 -28.11 -6.88
N ILE C 671 7.60 -26.83 -6.63
CA ILE C 671 8.43 -26.06 -7.54
C ILE C 671 9.92 -26.19 -7.18
N LEU C 672 10.26 -26.23 -5.90
CA LEU C 672 11.67 -26.21 -5.52
C LEU C 672 12.34 -27.59 -5.54
N SER C 673 11.58 -28.68 -5.61
CA SER C 673 12.17 -30.02 -5.61
C SER C 673 13.06 -30.37 -6.82
N PRO C 674 12.78 -29.94 -8.07
CA PRO C 674 13.78 -30.17 -9.13
C PRO C 674 15.10 -29.45 -8.91
N LEU C 675 15.08 -28.26 -8.32
CA LEU C 675 16.33 -27.54 -8.06
C LEU C 675 17.15 -28.24 -6.97
N ILE C 676 16.47 -28.74 -5.93
CA ILE C 676 17.18 -29.46 -4.89
C ILE C 676 17.68 -30.80 -5.41
N ALA C 677 16.96 -31.41 -6.36
CA ALA C 677 17.44 -32.64 -6.99
C ALA C 677 18.69 -32.38 -7.82
N GLU C 678 18.70 -31.30 -8.60
CA GLU C 678 19.89 -30.95 -9.38
C GLU C 678 21.07 -30.59 -8.49
N ARG C 679 20.82 -29.88 -7.39
CA ARG C 679 21.88 -29.49 -6.47
C ARG C 679 22.45 -30.71 -5.74
N GLU C 680 21.59 -31.65 -5.34
CA GLU C 680 22.05 -32.88 -4.71
C GLU C 680 22.79 -33.77 -5.69
N ALA C 681 22.42 -33.73 -6.97
CA ALA C 681 23.19 -34.45 -7.98
C ALA C 681 24.57 -33.83 -8.19
N MET C 682 24.65 -32.50 -8.19
CA MET C 682 25.92 -31.83 -8.42
C MET C 682 26.80 -31.73 -7.19
N LYS C 683 26.30 -32.09 -6.02
CA LYS C 683 27.11 -32.03 -4.80
C LYS C 683 28.27 -33.02 -4.79
N SER C 684 28.21 -34.09 -5.59
CA SER C 684 29.22 -35.14 -5.56
C SER C 684 29.66 -35.51 -6.96
N SER C 685 30.00 -34.50 -7.77
CA SER C 685 30.44 -34.74 -9.14
C SER C 685 31.54 -33.74 -9.46
N GLU C 686 31.83 -33.58 -10.75
CA GLU C 686 32.96 -32.78 -11.21
C GLU C 686 32.64 -32.26 -12.60
N LEU C 687 32.92 -30.97 -12.84
CA LEU C 687 32.56 -30.32 -14.10
C LEU C 687 33.81 -29.97 -14.87
N THR C 688 33.83 -30.33 -16.16
CA THR C 688 34.90 -29.96 -17.07
C THR C 688 34.43 -28.81 -17.95
N LEU C 689 35.27 -27.79 -18.09
CA LEU C 689 34.89 -26.58 -18.80
C LEU C 689 36.10 -26.02 -19.53
N GLU C 690 35.96 -25.78 -20.83
CA GLU C 690 37.05 -25.21 -21.61
C GLU C 690 37.06 -23.70 -21.42
N MET C 691 38.05 -23.21 -20.68
CA MET C 691 38.13 -21.81 -20.31
C MET C 691 39.51 -21.29 -20.69
N GLY C 692 39.55 -20.34 -21.61
CA GLY C 692 40.80 -19.84 -22.13
C GLY C 692 41.46 -20.72 -23.16
N GLY C 693 40.72 -21.66 -23.74
CA GLY C 693 41.27 -22.64 -24.64
C GLY C 693 41.85 -23.87 -23.97
N ILE C 694 41.84 -23.91 -22.64
CA ILE C 694 42.34 -25.05 -21.88
C ILE C 694 41.17 -25.59 -21.06
N PRO C 695 40.91 -26.89 -21.05
CA PRO C 695 39.83 -27.43 -20.22
C PRO C 695 40.18 -27.36 -18.74
N ARG C 696 39.31 -26.74 -17.95
CA ARG C 696 39.47 -26.63 -16.52
C ARG C 696 38.48 -27.52 -15.81
N THR C 697 38.75 -27.80 -14.54
CA THR C 697 38.01 -28.79 -13.79
C THR C 697 37.49 -28.14 -12.51
N PHE C 698 36.16 -28.12 -12.37
CA PHE C 698 35.50 -27.39 -11.30
C PHE C 698 34.74 -28.35 -10.40
N LYS C 699 34.69 -28.02 -9.11
CA LYS C 699 33.85 -28.72 -8.15
C LYS C 699 33.24 -27.68 -7.22
N PHE C 700 32.04 -27.98 -6.71
CA PHE C 700 31.19 -26.94 -6.15
C PHE C 700 30.83 -27.22 -4.70
N ILE C 701 30.55 -26.14 -3.96
CA ILE C 701 30.12 -26.18 -2.57
C ILE C 701 28.97 -25.20 -2.42
N PHE C 702 27.86 -25.65 -1.86
CA PHE C 702 26.65 -24.84 -1.78
C PHE C 702 26.36 -24.47 -0.34
N ARG C 703 26.16 -23.19 -0.08
CA ARG C 703 25.92 -22.67 1.26
C ARG C 703 24.63 -21.87 1.26
N GLY C 704 23.61 -22.38 1.92
CA GLY C 704 22.33 -21.73 1.99
C GLY C 704 22.19 -20.77 3.16
N THR C 705 22.81 -19.60 3.07
CA THR C 705 22.79 -18.64 4.16
C THR C 705 21.83 -17.47 3.93
N GLY C 706 21.21 -17.39 2.76
CA GLY C 706 20.36 -16.25 2.45
C GLY C 706 18.90 -16.42 2.81
N TYR C 707 18.64 -17.00 3.98
CA TYR C 707 17.28 -17.22 4.45
C TYR C 707 17.08 -16.54 5.80
N ASP C 708 15.89 -15.98 6.01
CA ASP C 708 15.53 -15.49 7.32
C ASP C 708 15.09 -16.64 8.22
N GLU C 709 14.77 -16.32 9.48
CA GLU C 709 14.49 -17.36 10.46
C GLU C 709 13.16 -18.06 10.19
N LYS C 710 12.16 -17.32 9.69
CA LYS C 710 10.85 -17.91 9.43
C LYS C 710 10.91 -18.96 8.32
N LEU C 711 11.65 -18.66 7.25
CA LEU C 711 11.79 -19.63 6.16
C LEU C 711 12.65 -20.81 6.57
N VAL C 712 13.68 -20.59 7.40
CA VAL C 712 14.49 -21.68 7.92
C VAL C 712 13.66 -22.62 8.77
N ARG C 713 12.80 -22.06 9.62
CA ARG C 713 11.94 -22.87 10.47
C ARG C 713 10.89 -23.62 9.65
N GLU C 714 10.37 -23.00 8.59
CA GLU C 714 9.34 -23.67 7.80
C GLU C 714 9.95 -24.78 6.95
N VAL C 715 11.14 -24.55 6.41
CA VAL C 715 11.74 -25.45 5.43
C VAL C 715 12.51 -26.59 6.11
N GLU C 716 13.27 -26.31 7.17
CA GLU C 716 14.05 -27.35 7.82
C GLU C 716 13.24 -28.21 8.79
N GLY C 717 11.92 -28.16 8.74
CA GLY C 717 11.10 -29.06 9.54
C GLY C 717 11.04 -28.71 11.00
N LEU C 718 11.22 -27.44 11.35
CA LEU C 718 11.22 -27.00 12.73
C LEU C 718 9.91 -26.28 13.07
N GLU C 719 9.71 -26.03 14.35
CA GLU C 719 8.50 -25.37 14.80
C GLU C 719 8.55 -23.88 14.50
N ALA C 720 7.45 -23.19 14.76
CA ALA C 720 7.32 -21.78 14.40
C ALA C 720 8.11 -20.91 15.37
N SER C 721 8.01 -19.59 15.17
CA SER C 721 8.88 -18.65 15.86
C SER C 721 8.51 -18.50 17.33
N GLY C 722 7.22 -18.63 17.65
CA GLY C 722 6.78 -18.45 19.02
C GLY C 722 6.80 -19.72 19.85
N SER C 723 7.58 -20.71 19.41
CA SER C 723 7.63 -22.00 20.09
C SER C 723 8.46 -21.89 21.36
N VAL C 724 8.54 -22.99 22.09
CA VAL C 724 9.36 -23.00 23.30
C VAL C 724 10.80 -23.34 22.98
N TYR C 725 11.07 -23.92 21.81
CA TYR C 725 12.42 -24.15 21.31
C TYR C 725 12.73 -23.01 20.34
N ILE C 726 13.70 -22.16 20.71
CA ILE C 726 13.85 -20.87 20.04
C ILE C 726 15.05 -20.82 19.09
N CYS C 727 16.02 -21.72 19.22
CA CYS C 727 17.25 -21.61 18.45
C CYS C 727 17.21 -22.61 17.31
N THR C 728 17.45 -22.13 16.09
CA THR C 728 17.61 -22.98 14.92
C THR C 728 19.01 -23.55 14.79
N LEU C 729 19.87 -23.33 15.78
CA LEU C 729 21.23 -23.82 15.78
C LEU C 729 21.51 -24.80 16.91
N CYS C 730 20.76 -24.76 18.00
CA CYS C 730 20.98 -25.63 19.14
C CYS C 730 19.62 -26.09 19.67
N ASP C 731 19.66 -26.83 20.78
CA ASP C 731 18.47 -27.48 21.33
C ASP C 731 18.03 -26.86 22.65
N THR C 732 18.32 -25.58 22.87
CA THR C 732 17.90 -24.97 24.13
C THR C 732 16.44 -24.56 24.05
N THR C 733 15.87 -24.31 25.23
CA THR C 733 14.50 -23.83 25.35
C THR C 733 14.54 -22.38 25.83
N ARG C 734 13.38 -21.72 25.75
CA ARG C 734 13.32 -20.27 25.97
C ARG C 734 13.64 -19.90 27.42
N LEU C 735 13.24 -20.75 28.37
CA LEU C 735 13.54 -20.48 29.77
C LEU C 735 15.03 -20.66 30.07
N GLU C 736 15.61 -21.76 29.59
CA GLU C 736 17.04 -21.98 29.80
C GLU C 736 17.89 -21.06 28.93
N ALA C 737 17.32 -20.50 27.86
CA ALA C 737 18.02 -19.43 27.16
C ALA C 737 17.91 -18.11 27.92
N SER C 738 16.84 -17.94 28.68
CA SER C 738 16.68 -16.76 29.51
C SER C 738 17.44 -16.84 30.81
N GLN C 739 17.97 -18.01 31.16
CA GLN C 739 18.77 -18.16 32.36
C GLN C 739 20.28 -18.20 32.08
N ASN C 740 20.70 -18.86 31.00
CA ASN C 740 22.13 -19.00 30.72
C ASN C 740 22.64 -17.84 29.87
N LEU C 741 22.07 -17.68 28.68
CA LEU C 741 22.20 -16.58 27.72
C LEU C 741 23.53 -16.53 26.98
N VAL C 742 24.55 -17.27 27.41
CA VAL C 742 25.86 -17.16 26.76
C VAL C 742 26.38 -18.55 26.36
N PHE C 743 26.03 -19.57 27.14
CA PHE C 743 26.77 -20.84 27.10
C PHE C 743 25.98 -21.87 26.31
N HIS C 744 26.17 -21.87 25.00
CA HIS C 744 25.52 -22.83 24.11
C HIS C 744 26.50 -23.21 23.01
N SER C 745 26.18 -24.29 22.30
CA SER C 745 26.98 -24.77 21.19
C SER C 745 26.06 -25.22 20.07
N ILE C 746 26.53 -25.06 18.84
CA ILE C 746 25.71 -25.38 17.67
C ILE C 746 25.66 -26.90 17.49
N THR C 747 24.45 -27.45 17.57
CA THR C 747 24.23 -28.89 17.45
C THR C 747 23.38 -29.28 16.25
N ARG C 748 22.47 -28.42 15.80
CA ARG C 748 21.50 -28.83 14.80
C ARG C 748 22.11 -28.85 13.40
N SER C 749 21.59 -29.74 12.57
CA SER C 749 22.04 -29.90 11.19
C SER C 749 20.91 -30.52 10.38
N HIS C 750 21.16 -30.74 9.10
CA HIS C 750 20.13 -31.29 8.21
C HIS C 750 19.94 -32.78 8.41
N ALA C 751 21.04 -33.52 8.54
CA ALA C 751 20.96 -34.96 8.74
C ALA C 751 20.37 -35.31 10.11
N GLU C 752 20.70 -34.51 11.13
CA GLU C 752 20.12 -34.72 12.45
C GLU C 752 18.62 -34.42 12.44
N ASN C 753 18.20 -33.43 11.66
CA ASN C 753 16.78 -33.14 11.55
C ASN C 753 16.03 -34.23 10.80
N LEU C 754 16.66 -34.84 9.79
CA LEU C 754 16.06 -35.99 9.12
C LEU C 754 15.94 -37.19 10.06
N GLN C 755 16.98 -37.43 10.88
CA GLN C 755 16.91 -38.50 11.86
C GLN C 755 15.84 -38.24 12.91
N ARG C 756 15.68 -36.99 13.33
CA ARG C 756 14.67 -36.66 14.32
C ARG C 756 13.26 -36.76 13.74
N TYR C 757 13.08 -36.44 12.47
CA TYR C 757 11.77 -36.64 11.85
C TYR C 757 11.45 -38.13 11.71
N GLU C 758 12.47 -38.95 11.41
CA GLU C 758 12.23 -40.39 11.36
C GLU C 758 11.90 -40.96 12.73
N VAL C 759 12.53 -40.43 13.79
CA VAL C 759 12.19 -40.82 15.15
C VAL C 759 10.77 -40.40 15.51
N TRP C 760 10.35 -39.22 15.03
CA TRP C 760 8.99 -38.75 15.28
C TRP C 760 7.95 -39.60 14.55
N ARG C 761 8.22 -39.93 13.29
CA ARG C 761 7.23 -40.64 12.48
C ARG C 761 7.14 -42.11 12.86
N SER C 762 8.28 -42.75 13.13
CA SER C 762 8.25 -44.18 13.45
C SER C 762 7.79 -44.43 14.87
N ASN C 763 8.11 -43.52 15.81
CA ASN C 763 7.86 -43.61 17.25
C ASN C 763 8.38 -44.93 17.83
N PRO C 764 9.70 -45.13 17.90
CA PRO C 764 10.20 -46.46 18.27
C PRO C 764 10.17 -46.75 19.75
N TYR C 765 9.97 -45.75 20.61
CA TYR C 765 10.11 -45.91 22.05
C TYR C 765 8.79 -45.88 22.80
N HIS C 766 7.67 -45.73 22.09
CA HIS C 766 6.31 -45.79 22.64
C HIS C 766 6.08 -44.74 23.74
N GLU C 767 6.18 -43.49 23.34
CA GLU C 767 6.01 -42.35 24.23
C GLU C 767 4.73 -41.61 23.89
N SER C 768 4.33 -40.72 24.82
CA SER C 768 3.21 -39.82 24.55
C SER C 768 3.66 -38.71 23.61
N VAL C 769 2.76 -37.80 23.29
CA VAL C 769 3.10 -36.74 22.33
C VAL C 769 4.06 -35.73 22.95
N GLU C 770 3.96 -35.47 24.25
CA GLU C 770 4.82 -34.50 24.89
C GLU C 770 6.22 -35.05 25.13
N GLU C 771 6.32 -36.32 25.51
CA GLU C 771 7.62 -36.95 25.67
C GLU C 771 8.30 -37.14 24.32
N LEU C 772 7.53 -37.40 23.26
CA LEU C 772 8.11 -37.51 21.93
C LEU C 772 8.60 -36.15 21.44
N ARG C 773 7.87 -35.07 21.74
CA ARG C 773 8.36 -33.74 21.37
C ARG C 773 9.58 -33.35 22.18
N ASP C 774 9.66 -33.81 23.43
CA ASP C 774 10.86 -33.55 24.23
C ASP C 774 12.05 -34.34 23.71
N ARG C 775 11.82 -35.55 23.18
CA ARG C 775 12.91 -36.34 22.65
C ARG C 775 13.38 -35.80 21.30
N VAL C 776 12.44 -35.37 20.46
CA VAL C 776 12.76 -34.93 19.10
C VAL C 776 13.20 -33.46 19.07
N LYS C 777 12.79 -32.66 20.06
CA LYS C 777 13.00 -31.21 20.12
C LYS C 777 12.38 -30.49 18.93
N GLY C 778 11.09 -30.70 18.74
CA GLY C 778 10.30 -29.88 17.86
C GLY C 778 10.40 -30.15 16.38
N VAL C 779 11.05 -31.24 15.97
CA VAL C 779 11.15 -31.56 14.55
C VAL C 779 9.95 -32.45 14.23
N SER C 780 8.81 -31.80 13.97
CA SER C 780 7.57 -32.50 13.67
C SER C 780 7.27 -32.56 12.19
N ALA C 781 8.22 -32.13 11.35
CA ALA C 781 8.02 -32.14 9.91
C ALA C 781 9.29 -32.60 9.23
N LYS C 782 9.19 -32.90 7.96
CA LYS C 782 10.35 -33.39 7.23
C LYS C 782 11.07 -32.24 6.55
N PRO C 783 12.37 -32.09 6.74
CA PRO C 783 13.12 -31.07 6.01
C PRO C 783 13.39 -31.50 4.58
N PHE C 784 13.44 -30.52 3.68
CA PHE C 784 13.67 -30.83 2.28
C PHE C 784 14.71 -29.96 1.58
N ILE C 785 15.22 -28.91 2.22
CA ILE C 785 16.33 -28.14 1.69
C ILE C 785 17.43 -28.10 2.75
N GLU C 786 18.66 -28.43 2.34
CA GLU C 786 19.79 -28.38 3.24
C GLU C 786 20.28 -26.96 3.40
N THR C 787 20.12 -26.41 4.59
CA THR C 787 20.68 -25.11 4.94
C THR C 787 21.69 -25.30 6.07
N VAL C 788 22.61 -24.35 6.17
CA VAL C 788 23.66 -24.42 7.18
C VAL C 788 23.25 -23.56 8.38
N PRO C 789 23.69 -23.88 9.60
CA PRO C 789 23.30 -23.07 10.76
C PRO C 789 24.07 -21.75 10.84
N SER C 790 23.56 -20.71 10.17
CA SER C 790 24.15 -19.38 10.23
C SER C 790 23.10 -18.39 10.71
N ILE C 791 23.47 -17.11 10.73
CA ILE C 791 22.62 -16.04 11.23
C ILE C 791 22.52 -14.96 10.17
N ASP C 792 21.29 -14.58 9.82
CA ASP C 792 21.05 -13.46 8.93
C ASP C 792 21.29 -12.16 9.68
N ALA C 793 22.20 -11.33 9.17
CA ALA C 793 22.61 -10.14 9.91
C ALA C 793 21.63 -8.99 9.76
N LEU C 794 20.95 -8.89 8.62
CA LEU C 794 20.02 -7.79 8.38
C LEU C 794 18.82 -7.87 9.32
N HIS C 795 18.18 -9.05 9.38
CA HIS C 795 17.05 -9.22 10.28
C HIS C 795 17.49 -9.26 11.74
N CYS C 796 18.75 -9.63 12.01
CA CYS C 796 19.29 -9.49 13.36
C CYS C 796 19.34 -8.04 13.78
N ASP C 797 19.80 -7.16 12.88
CA ASP C 797 19.82 -5.72 13.14
C ASP C 797 18.41 -5.17 13.34
N ILE C 798 17.46 -5.58 12.49
CA ILE C 798 16.09 -5.07 12.58
C ILE C 798 15.42 -5.54 13.87
N GLY C 799 15.61 -6.81 14.24
CA GLY C 799 15.00 -7.32 15.46
C GLY C 799 15.60 -6.73 16.72
N ASN C 800 16.92 -6.55 16.75
CA ASN C 800 17.55 -5.91 17.90
C ASN C 800 17.17 -4.44 18.00
N ALA C 801 16.95 -3.77 16.87
CA ALA C 801 16.50 -2.38 16.90
C ALA C 801 15.08 -2.28 17.43
N ALA C 802 14.20 -3.20 17.03
CA ALA C 802 12.84 -3.19 17.56
C ALA C 802 12.81 -3.52 19.05
N GLU C 803 13.72 -4.39 19.49
CA GLU C 803 13.83 -4.69 20.92
C GLU C 803 14.31 -3.47 21.71
N PHE C 804 15.28 -2.73 21.18
CA PHE C 804 15.73 -1.53 21.87
C PHE C 804 14.70 -0.41 21.81
N TYR C 805 13.87 -0.39 20.76
CA TYR C 805 12.76 0.56 20.70
C TYR C 805 11.74 0.27 21.80
N LYS C 806 11.41 -1.02 22.01
CA LYS C 806 10.52 -1.38 23.10
C LYS C 806 11.14 -1.11 24.46
N ILE C 807 12.46 -1.28 24.57
CA ILE C 807 13.16 -0.96 25.82
C ILE C 807 13.07 0.53 26.14
N PHE C 808 13.21 1.38 25.11
CA PHE C 808 13.10 2.82 25.30
C PHE C 808 11.68 3.22 25.71
N GLN C 809 10.67 2.62 25.07
CA GLN C 809 9.28 2.91 25.42
C GLN C 809 8.95 2.48 26.84
N LEU C 810 9.43 1.31 27.26
CA LEU C 810 9.20 0.84 28.61
C LEU C 810 10.06 1.57 29.63
N GLU C 811 11.13 2.22 29.20
CA GLU C 811 11.96 3.00 30.10
C GLU C 811 11.46 4.42 30.30
N ILE C 812 10.69 4.95 29.35
CA ILE C 812 10.10 6.28 29.53
C ILE C 812 9.05 6.24 30.64
N GLY C 813 8.13 5.30 30.57
CA GLY C 813 7.02 5.26 31.50
C GLY C 813 7.28 4.57 32.81
N GLU C 814 8.51 4.11 33.04
CA GLU C 814 8.97 3.52 34.30
C GLU C 814 8.14 2.31 34.71
N VAL C 815 8.18 1.28 33.86
CA VAL C 815 7.52 0.02 34.17
C VAL C 815 8.29 -0.74 35.24
N TYR C 816 9.57 -0.42 35.44
CA TYR C 816 10.37 -1.02 36.49
C TYR C 816 9.90 -0.62 37.90
N LYS C 817 9.15 0.48 38.01
CA LYS C 817 8.59 0.90 39.29
C LYS C 817 7.10 0.67 39.40
N HIS C 818 6.37 0.85 38.30
CA HIS C 818 4.93 0.58 38.26
C HIS C 818 4.67 -0.47 37.19
N PRO C 819 4.49 -1.74 37.55
CA PRO C 819 4.42 -2.79 36.54
C PRO C 819 3.11 -2.85 35.78
N ASN C 820 2.03 -2.32 36.34
CA ASN C 820 0.73 -2.35 35.69
C ASN C 820 0.46 -1.04 34.99
N ALA C 821 -0.11 -1.12 33.79
CA ALA C 821 -0.42 0.06 32.99
C ALA C 821 -1.49 -0.30 31.98
N SER C 822 -2.31 0.69 31.64
CA SER C 822 -3.27 0.53 30.56
C SER C 822 -2.60 0.81 29.22
N LYS C 823 -3.27 0.44 28.14
CA LYS C 823 -2.70 0.64 26.81
C LYS C 823 -2.74 2.09 26.36
N GLU C 824 -3.57 2.93 26.98
CA GLU C 824 -3.64 4.33 26.59
C GLU C 824 -2.38 5.09 27.00
N GLU C 825 -1.90 4.88 28.22
CA GLU C 825 -0.63 5.49 28.59
C GLU C 825 0.57 4.84 27.92
N ARG C 826 0.44 3.60 27.46
CA ARG C 826 1.48 3.01 26.61
C ARG C 826 1.55 3.70 25.26
N LYS C 827 0.39 4.01 24.68
CA LYS C 827 0.36 4.83 23.47
C LYS C 827 0.89 6.24 23.73
N ARG C 828 0.68 6.75 24.94
CA ARG C 828 1.23 8.05 25.31
C ARG C 828 2.76 8.02 25.36
N TRP C 829 3.32 6.94 25.92
CA TRP C 829 4.78 6.80 25.96
C TRP C 829 5.36 6.67 24.56
N GLN C 830 4.68 5.90 23.69
CA GLN C 830 5.13 5.77 22.31
C GLN C 830 5.06 7.10 21.56
N ALA C 831 4.02 7.89 21.83
CA ALA C 831 3.89 9.21 21.22
C ALA C 831 4.99 10.15 21.66
N THR C 832 5.33 10.11 22.95
CA THR C 832 6.42 10.94 23.48
C THR C 832 7.75 10.57 22.84
N LEU C 833 8.02 9.26 22.72
CA LEU C 833 9.26 8.82 22.10
C LEU C 833 9.31 9.19 20.62
N ASP C 834 8.18 9.08 19.91
CA ASP C 834 8.14 9.43 18.50
C ASP C 834 8.39 10.92 18.27
N LYS C 835 7.76 11.77 19.09
CA LYS C 835 7.95 13.21 18.97
C LYS C 835 9.38 13.61 19.30
N HIS C 836 9.97 13.02 20.34
CA HIS C 836 11.34 13.41 20.69
C HIS C 836 12.37 12.85 19.73
N LEU C 837 12.12 11.69 19.12
CA LEU C 837 13.04 11.19 18.11
C LEU C 837 12.91 11.95 16.80
N ARG C 838 11.73 12.49 16.49
CA ARG C 838 11.62 13.38 15.33
C ARG C 838 12.31 14.72 15.61
N LYS C 839 12.22 15.21 16.84
CA LYS C 839 12.82 16.50 17.17
C LYS C 839 14.34 16.42 17.23
N ARG C 840 14.87 15.42 17.95
CA ARG C 840 16.31 15.37 18.20
C ARG C 840 17.08 14.67 17.09
N MET C 841 16.76 13.42 16.82
CA MET C 841 17.53 12.59 15.88
C MET C 841 17.02 12.67 14.46
N ASN C 842 16.03 13.53 14.19
CA ASN C 842 15.43 13.75 12.87
C ASN C 842 14.85 12.47 12.27
N LEU C 843 14.34 11.59 13.12
CA LEU C 843 13.84 10.29 12.69
C LEU C 843 12.33 10.35 12.53
N LYS C 844 11.87 10.10 11.31
CA LYS C 844 10.44 10.00 11.05
C LYS C 844 9.89 8.74 11.71
N PRO C 845 8.75 8.82 12.41
CA PRO C 845 8.19 7.62 13.06
C PRO C 845 7.68 6.61 12.04
N ILE C 846 8.23 5.40 12.10
CA ILE C 846 7.95 4.34 11.14
C ILE C 846 7.05 3.32 11.81
N MET C 847 6.29 2.57 11.01
CA MET C 847 5.46 1.49 11.53
C MET C 847 6.22 0.16 11.51
N ARG C 848 6.81 -0.19 10.38
CA ARG C 848 7.63 -1.39 10.26
C ARG C 848 9.10 -0.97 10.28
N MET C 849 9.83 -1.49 11.25
CA MET C 849 11.23 -1.15 11.41
C MET C 849 12.07 -1.73 10.28
N ASN C 850 12.89 -0.89 9.65
CA ASN C 850 13.78 -1.30 8.58
C ASN C 850 15.23 -1.09 9.00
N GLY C 851 16.15 -1.27 8.05
CA GLY C 851 17.56 -1.25 8.35
C GLY C 851 18.17 0.12 8.56
N ASN C 852 17.68 1.12 7.84
CA ASN C 852 18.21 2.48 8.01
C ASN C 852 17.78 3.06 9.35
N PHE C 853 16.55 2.77 9.78
CA PHE C 853 16.11 3.12 11.13
C PHE C 853 16.93 2.40 12.18
N ALA C 854 17.37 1.17 11.89
CA ALA C 854 18.26 0.47 12.81
C ALA C 854 19.63 1.12 12.87
N ARG C 855 20.13 1.59 11.72
CA ARG C 855 21.46 2.21 11.70
C ARG C 855 21.44 3.58 12.36
N LYS C 856 20.34 4.31 12.24
CA LYS C 856 20.25 5.62 12.88
C LYS C 856 19.82 5.53 14.35
N LEU C 857 19.13 4.47 14.74
CA LEU C 857 18.72 4.30 16.12
C LEU C 857 19.85 3.81 17.01
N MET C 858 20.77 3.03 16.45
CA MET C 858 21.87 2.44 17.22
C MET C 858 23.06 3.38 17.29
N THR C 859 22.83 4.53 17.93
CA THR C 859 23.86 5.53 18.15
C THR C 859 23.84 5.95 19.61
N GLN C 860 24.97 6.50 20.07
CA GLN C 860 25.00 7.07 21.41
C GLN C 860 24.24 8.40 21.47
N GLU C 861 24.11 9.07 20.33
CA GLU C 861 23.30 10.29 20.28
C GLU C 861 21.83 10.00 20.50
N THR C 862 21.36 8.83 20.07
CA THR C 862 19.96 8.47 20.28
C THR C 862 19.67 8.20 21.75
N VAL C 863 20.56 7.50 22.45
CA VAL C 863 20.32 7.25 23.87
C VAL C 863 20.56 8.52 24.68
N ASP C 864 21.44 9.41 24.21
CA ASP C 864 21.58 10.71 24.85
C ASP C 864 20.35 11.59 24.64
N ALA C 865 19.64 11.41 23.53
CA ALA C 865 18.38 12.12 23.32
C ALA C 865 17.25 11.50 24.13
N VAL C 866 17.23 10.18 24.28
CA VAL C 866 16.21 9.49 25.05
C VAL C 866 16.35 9.81 26.54
N CYS C 867 17.59 9.98 27.00
CA CYS C 867 17.86 10.24 28.41
C CYS C 867 17.38 11.61 28.89
N GLU C 868 16.91 12.48 28.00
CA GLU C 868 16.23 13.71 28.39
C GLU C 868 14.80 13.46 28.86
N LEU C 869 14.20 12.33 28.50
CA LEU C 869 12.80 12.06 28.83
C LEU C 869 12.61 11.22 30.08
N ILE C 870 13.67 10.63 30.61
CA ILE C 870 13.54 9.78 31.79
C ILE C 870 14.17 10.49 32.98
N PRO C 871 13.56 10.42 34.18
CA PRO C 871 14.03 11.26 35.30
C PRO C 871 15.31 10.77 35.94
N SER C 872 15.41 9.47 36.19
CA SER C 872 16.50 8.94 36.99
C SER C 872 17.80 8.85 36.19
N GLU C 873 18.91 9.01 36.89
CA GLU C 873 20.22 8.86 36.26
C GLU C 873 20.78 7.45 36.39
N GLU C 874 20.18 6.62 37.26
CA GLU C 874 20.48 5.20 37.25
C GLU C 874 20.07 4.56 35.93
N ARG C 875 18.91 4.97 35.41
CA ARG C 875 18.48 4.47 34.11
C ARG C 875 19.32 5.06 32.98
N HIS C 876 19.85 6.27 33.18
CA HIS C 876 20.82 6.83 32.25
C HIS C 876 22.06 5.97 32.16
N GLU C 877 22.61 5.58 33.32
CA GLU C 877 23.79 4.72 33.35
C GLU C 877 23.51 3.36 32.73
N ALA C 878 22.35 2.78 33.04
CA ALA C 878 22.00 1.47 32.50
C ALA C 878 21.83 1.50 30.99
N LEU C 879 21.11 2.49 30.46
CA LEU C 879 20.88 2.58 29.02
C LEU C 879 22.17 2.91 28.26
N ARG C 880 23.01 3.78 28.82
CA ARG C 880 24.26 4.12 28.14
C ARG C 880 25.23 2.94 28.14
N GLU C 881 25.28 2.19 29.24
CA GLU C 881 26.11 0.98 29.27
C GLU C 881 25.59 -0.07 28.30
N LEU C 882 24.26 -0.21 28.20
CA LEU C 882 23.67 -1.19 27.29
C LEU C 882 23.95 -0.85 25.83
N MET C 883 23.79 0.42 25.46
CA MET C 883 24.06 0.83 24.08
C MET C 883 25.54 0.77 23.76
N ASP C 884 26.41 1.06 24.74
CA ASP C 884 27.85 0.93 24.53
C ASP C 884 28.25 -0.52 24.29
N LEU C 885 27.66 -1.46 25.05
CA LEU C 885 27.95 -2.87 24.85
C LEU C 885 27.43 -3.37 23.50
N TYR C 886 26.24 -2.91 23.11
CA TYR C 886 25.69 -3.33 21.82
C TYR C 886 26.52 -2.77 20.65
N LEU C 887 27.02 -1.54 20.77
CA LEU C 887 27.86 -1.01 19.71
C LEU C 887 29.27 -1.59 19.73
N LYS C 888 29.71 -2.12 20.87
CA LYS C 888 30.94 -2.90 20.87
C LYS C 888 30.75 -4.24 20.18
N MET C 889 29.55 -4.80 20.25
CA MET C 889 29.32 -6.14 19.70
C MET C 889 28.86 -6.16 18.24
N LYS C 890 28.23 -5.08 17.75
CA LYS C 890 27.66 -5.09 16.40
C LYS C 890 28.66 -5.18 15.22
N PRO C 891 29.84 -4.53 15.21
CA PRO C 891 30.73 -4.71 14.06
C PRO C 891 31.36 -6.08 13.94
N VAL C 892 31.14 -6.98 14.89
CA VAL C 892 31.63 -8.35 14.74
C VAL C 892 30.75 -9.13 13.78
N TRP C 893 29.44 -8.95 13.84
CA TRP C 893 28.56 -9.60 12.88
C TRP C 893 28.17 -8.71 11.72
N ARG C 894 28.62 -7.46 11.68
CA ARG C 894 28.34 -6.65 10.49
C ARG C 894 29.50 -6.59 9.51
N SER C 895 30.74 -6.75 9.95
CA SER C 895 31.88 -6.59 9.06
C SER C 895 32.11 -7.86 8.24
N SER C 896 32.67 -7.67 7.04
CA SER C 896 32.91 -8.78 6.12
C SER C 896 34.21 -9.52 6.40
N CYS C 897 35.04 -9.02 7.31
CA CYS C 897 36.21 -9.76 7.77
C CYS C 897 36.59 -9.28 9.16
N PRO C 898 35.97 -9.83 10.22
CA PRO C 898 36.28 -9.37 11.58
C PRO C 898 37.68 -9.73 12.06
N ALA C 899 38.35 -10.68 11.42
CA ALA C 899 39.71 -11.02 11.83
C ALA C 899 40.73 -9.98 11.41
N LYS C 900 40.38 -9.11 10.46
CA LYS C 900 41.29 -8.08 9.99
C LYS C 900 40.77 -6.66 10.19
N GLU C 901 39.45 -6.45 10.13
CA GLU C 901 38.90 -5.10 10.30
C GLU C 901 38.74 -4.71 11.76
N CYS C 902 38.38 -5.65 12.62
CA CYS C 902 38.25 -5.39 14.05
C CYS C 902 38.62 -6.65 14.83
N PRO C 903 39.92 -6.96 14.93
CA PRO C 903 40.31 -8.15 15.72
C PRO C 903 40.22 -7.91 17.23
N GLU C 904 40.45 -6.68 17.67
CA GLU C 904 40.28 -6.37 19.09
C GLU C 904 38.82 -6.44 19.49
N SER C 905 37.91 -5.97 18.63
CA SER C 905 36.48 -6.07 18.91
C SER C 905 35.97 -7.50 18.77
N LEU C 906 36.69 -8.36 18.04
CA LEU C 906 36.31 -9.75 17.92
C LEU C 906 36.77 -10.58 19.12
N CYS C 907 37.98 -10.31 19.62
CA CYS C 907 38.57 -11.19 20.62
C CYS C 907 37.93 -11.04 21.99
N GLN C 908 37.12 -10.01 22.22
CA GLN C 908 36.42 -9.84 23.49
C GLN C 908 34.91 -9.79 23.31
N TYR C 909 34.39 -10.54 22.34
CA TYR C 909 32.94 -10.69 22.22
C TYR C 909 32.34 -11.45 23.38
N SER C 910 33.10 -12.40 23.94
CA SER C 910 32.57 -13.24 25.01
C SER C 910 32.39 -12.43 26.30
N PHE C 911 33.38 -11.59 26.64
CA PHE C 911 33.29 -10.76 27.83
C PHE C 911 32.19 -9.71 27.70
N ASN C 912 32.07 -9.10 26.52
CA ASN C 912 31.03 -8.11 26.30
C ASN C 912 29.64 -8.74 26.27
N SER C 913 29.51 -9.95 25.75
CA SER C 913 28.20 -10.60 25.73
C SER C 913 27.80 -11.08 27.11
N GLN C 914 28.75 -11.51 27.93
CA GLN C 914 28.44 -11.85 29.31
C GLN C 914 28.03 -10.61 30.11
N ARG C 915 28.70 -9.48 29.86
CA ARG C 915 28.32 -8.23 30.51
C ARG C 915 26.94 -7.75 30.06
N PHE C 916 26.63 -7.91 28.77
CA PHE C 916 25.32 -7.56 28.24
C PHE C 916 24.23 -8.44 28.84
N ALA C 917 24.51 -9.74 29.00
CA ALA C 917 23.53 -10.65 29.56
C ALA C 917 23.29 -10.37 31.04
N GLU C 918 24.35 -10.05 31.79
CA GLU C 918 24.18 -9.68 33.19
C GLU C 918 23.42 -8.37 33.34
N LEU C 919 23.67 -7.41 32.45
CA LEU C 919 22.93 -6.15 32.51
C LEU C 919 21.47 -6.33 32.12
N LEU C 920 21.17 -7.27 31.23
CA LEU C 920 19.77 -7.58 30.94
C LEU C 920 19.10 -8.29 32.10
N SER C 921 19.85 -9.16 32.81
CA SER C 921 19.26 -9.91 33.91
C SER C 921 19.03 -9.05 35.14
N THR C 922 19.88 -8.05 35.39
CA THR C 922 19.75 -7.23 36.60
C THR C 922 18.96 -5.94 36.37
N LYS C 923 19.45 -5.06 35.48
CA LYS C 923 18.86 -3.74 35.36
C LYS C 923 17.60 -3.72 34.50
N PHE C 924 17.23 -4.85 33.91
CA PHE C 924 16.03 -4.97 33.09
C PHE C 924 15.28 -6.24 33.45
N LYS C 925 15.17 -6.52 34.75
CA LYS C 925 14.51 -7.73 35.25
C LYS C 925 13.03 -7.75 34.95
N TYR C 926 12.40 -6.58 34.82
CA TYR C 926 10.96 -6.49 34.59
C TYR C 926 10.52 -6.97 33.22
N ARG C 927 11.45 -7.24 32.30
CA ARG C 927 11.07 -7.65 30.97
C ARG C 927 11.73 -8.98 30.57
N TYR C 928 12.97 -9.20 31.01
CA TYR C 928 13.76 -10.33 30.57
C TYR C 928 14.03 -11.33 31.69
N GLU C 929 13.02 -11.60 32.50
CA GLU C 929 13.04 -12.68 33.48
C GLU C 929 12.05 -13.73 33.03
N GLY C 930 12.55 -14.83 32.46
CA GLY C 930 11.71 -15.90 31.97
C GLY C 930 11.40 -15.85 30.49
N LYS C 931 11.69 -14.75 29.81
CA LYS C 931 11.47 -14.66 28.38
C LYS C 931 12.57 -13.81 27.76
N ILE C 932 13.07 -14.26 26.62
CA ILE C 932 14.06 -13.53 25.85
C ILE C 932 13.72 -13.72 24.37
N THR C 933 14.06 -12.73 23.56
CA THR C 933 13.74 -12.82 22.15
C THR C 933 14.79 -13.69 21.45
N ASN C 934 14.45 -14.15 20.24
CA ASN C 934 15.28 -15.15 19.56
C ASN C 934 16.60 -14.56 19.09
N TYR C 935 16.56 -13.35 18.53
CA TYR C 935 17.77 -12.76 17.99
C TYR C 935 18.74 -12.32 19.07
N PHE C 936 18.27 -12.06 20.29
CA PHE C 936 19.18 -11.78 21.39
C PHE C 936 19.98 -13.02 21.77
N HIS C 937 19.32 -14.18 21.82
CA HIS C 937 20.03 -15.43 22.10
C HIS C 937 20.97 -15.80 20.97
N LYS C 938 20.54 -15.59 19.73
CA LYS C 938 21.39 -15.81 18.57
C LYS C 938 22.62 -14.91 18.59
N THR C 939 22.44 -13.67 18.99
CA THR C 939 23.54 -12.71 19.03
C THR C 939 24.51 -13.01 20.16
N LEU C 940 23.99 -13.28 21.35
CA LEU C 940 24.85 -13.43 22.51
C LEU C 940 25.49 -14.81 22.63
N ALA C 941 24.92 -15.85 22.02
CA ALA C 941 25.37 -17.20 22.31
C ALA C 941 26.19 -17.85 21.21
N HIS C 942 26.04 -17.44 19.95
CA HIS C 942 26.48 -18.29 18.86
C HIS C 942 27.59 -17.72 17.98
N VAL C 943 27.60 -16.42 17.71
CA VAL C 943 28.45 -15.87 16.64
C VAL C 943 29.97 -16.01 16.77
N PRO C 944 30.61 -16.22 17.94
CA PRO C 944 32.01 -16.66 17.88
C PRO C 944 32.19 -18.00 17.20
N GLU C 945 31.26 -18.93 17.40
CA GLU C 945 31.35 -20.23 16.73
C GLU C 945 31.11 -20.09 15.24
N ILE C 946 30.20 -19.21 14.83
CA ILE C 946 29.92 -19.03 13.41
C ILE C 946 31.08 -18.35 12.70
N ILE C 947 31.72 -17.38 13.37
CA ILE C 947 32.85 -16.71 12.75
C ILE C 947 34.09 -17.62 12.76
N GLU C 948 34.23 -18.47 13.78
CA GLU C 948 35.28 -19.49 13.75
C GLU C 948 35.04 -20.51 12.65
N ARG C 949 33.79 -20.84 12.37
CA ARG C 949 33.47 -21.80 11.33
C ARG C 949 33.66 -21.22 9.94
N ASP C 950 33.21 -20.00 9.70
CA ASP C 950 33.20 -19.40 8.36
C ASP C 950 34.26 -18.32 8.16
N GLY C 951 34.33 -17.34 9.05
CA GLY C 951 35.18 -16.19 8.87
C GLY C 951 34.41 -14.89 8.74
N SER C 952 33.14 -14.96 8.36
CA SER C 952 32.32 -13.76 8.25
C SER C 952 30.85 -14.14 8.37
N ILE C 953 30.05 -13.16 8.78
CA ILE C 953 28.60 -13.32 8.89
C ILE C 953 27.87 -12.35 7.98
N GLY C 954 28.31 -11.09 7.96
CA GLY C 954 27.66 -10.07 7.15
C GLY C 954 27.81 -10.26 5.67
N ALA C 955 28.85 -10.97 5.23
CA ALA C 955 29.00 -11.25 3.81
C ALA C 955 27.99 -12.27 3.33
N TRP C 956 27.63 -13.23 4.19
CA TRP C 956 26.67 -14.28 3.86
C TRP C 956 25.24 -13.86 4.15
N ALA C 957 24.99 -12.59 4.44
CA ALA C 957 23.65 -12.12 4.77
C ALA C 957 22.79 -12.03 3.51
N SER C 958 21.51 -11.73 3.72
CA SER C 958 20.53 -11.73 2.65
C SER C 958 20.19 -10.32 2.17
N GLU C 959 21.07 -9.35 2.38
CA GLU C 959 20.81 -8.00 1.89
C GLU C 959 20.87 -7.93 0.36
N GLY C 960 21.72 -8.77 -0.25
CA GLY C 960 21.78 -8.82 -1.70
C GLY C 960 20.50 -9.33 -2.32
N ASN C 961 19.82 -10.26 -1.65
CA ASN C 961 18.55 -10.75 -2.16
C ASN C 961 17.44 -9.72 -2.00
N GLN C 962 17.51 -8.86 -0.98
CA GLN C 962 16.51 -7.79 -0.87
C GLN C 962 16.75 -6.70 -1.90
N SER C 963 18.01 -6.40 -2.19
CA SER C 963 18.30 -5.50 -3.31
C SER C 963 17.87 -6.12 -4.63
N GLY C 964 17.96 -7.45 -4.75
CA GLY C 964 17.39 -8.13 -5.90
C GLY C 964 15.88 -8.06 -5.95
N ASN C 965 15.22 -8.01 -4.79
CA ASN C 965 13.78 -7.81 -4.76
C ASN C 965 13.41 -6.42 -5.27
N LYS C 966 14.22 -5.42 -4.92
CA LYS C 966 14.06 -4.08 -5.47
C LYS C 966 14.23 -4.08 -6.99
N LEU C 967 15.25 -4.79 -7.48
CA LEU C 967 15.47 -4.90 -8.92
C LEU C 967 14.34 -5.66 -9.61
N PHE C 968 13.77 -6.65 -8.93
CA PHE C 968 12.65 -7.41 -9.48
C PHE C 968 11.42 -6.53 -9.61
N ARG C 969 11.14 -5.71 -8.59
CA ARG C 969 10.03 -4.77 -8.65
C ARG C 969 10.22 -3.74 -9.76
N ARG C 970 11.47 -3.34 -10.03
CA ARG C 970 11.70 -2.42 -11.14
C ARG C 970 11.53 -3.10 -12.49
N PHE C 971 12.12 -4.29 -12.66
CA PHE C 971 12.12 -4.98 -13.95
C PHE C 971 10.76 -5.54 -14.31
N ARG C 972 9.89 -5.79 -13.33
CA ARG C 972 8.56 -6.32 -13.63
C ARG C 972 7.71 -5.31 -14.38
N LYS C 973 7.93 -4.02 -14.14
CA LYS C 973 7.15 -2.98 -14.78
C LYS C 973 7.90 -2.25 -15.89
N MET C 974 9.22 -2.20 -15.85
CA MET C 974 9.95 -1.39 -16.81
C MET C 974 10.65 -2.18 -17.91
N ASN C 975 10.97 -3.44 -17.69
CA ASN C 975 11.77 -4.21 -18.64
C ASN C 975 11.19 -5.59 -18.88
N ALA C 976 9.87 -5.67 -19.06
CA ALA C 976 9.22 -6.95 -19.29
C ALA C 976 7.91 -6.72 -20.01
N ARG C 977 7.45 -7.77 -20.69
CA ARG C 977 6.13 -7.75 -21.30
C ARG C 977 5.05 -7.82 -20.23
N GLN C 978 3.94 -7.15 -20.48
CA GLN C 978 2.83 -7.12 -19.52
C GLN C 978 1.86 -8.24 -19.86
N SER C 979 2.29 -9.46 -19.62
CA SER C 979 1.45 -10.64 -19.84
C SER C 979 1.75 -11.64 -18.75
N LYS C 980 0.73 -12.44 -18.40
CA LYS C 980 0.92 -13.44 -17.36
C LYS C 980 1.82 -14.57 -17.84
N CYS C 981 1.78 -14.89 -19.13
CA CYS C 981 2.59 -15.97 -19.68
C CYS C 981 3.97 -15.51 -20.14
N TYR C 982 4.27 -14.22 -20.07
CA TYR C 982 5.51 -13.69 -20.62
C TYR C 982 6.33 -12.84 -19.65
N GLU C 983 5.81 -12.53 -18.46
CA GLU C 983 6.53 -11.62 -17.59
C GLU C 983 7.71 -12.28 -16.88
N MET C 984 7.59 -13.56 -16.53
CA MET C 984 8.62 -14.20 -15.71
C MET C 984 9.85 -14.53 -16.53
N GLU C 985 9.67 -14.92 -17.80
CA GLU C 985 10.79 -15.17 -18.69
C GLU C 985 11.58 -13.90 -18.96
N ASP C 986 10.88 -12.78 -19.22
CA ASP C 986 11.55 -11.52 -19.51
C ASP C 986 12.27 -10.99 -18.28
N VAL C 987 11.64 -11.08 -17.11
CA VAL C 987 12.28 -10.59 -15.88
C VAL C 987 13.50 -11.45 -15.53
N LEU C 988 13.39 -12.78 -15.70
CA LEU C 988 14.51 -13.67 -15.41
C LEU C 988 15.67 -13.43 -16.35
N LYS C 989 15.39 -13.23 -17.65
CA LYS C 989 16.46 -12.99 -18.61
C LYS C 989 17.13 -11.63 -18.38
N HIS C 990 16.34 -10.58 -18.10
CA HIS C 990 16.94 -9.28 -17.91
C HIS C 990 17.69 -9.17 -16.59
N HIS C 991 17.21 -9.85 -15.54
CA HIS C 991 17.95 -9.87 -14.29
C HIS C 991 19.20 -10.74 -14.40
N TRP C 992 19.18 -11.73 -15.30
CA TRP C 992 20.41 -12.46 -15.58
C TRP C 992 21.42 -11.59 -16.32
N LEU C 993 20.94 -10.79 -17.27
CA LEU C 993 21.83 -9.93 -18.05
C LEU C 993 22.37 -8.78 -17.23
N TYR C 994 21.60 -8.28 -16.25
CA TYR C 994 22.06 -7.18 -15.41
C TYR C 994 23.19 -7.61 -14.49
N THR C 995 23.24 -8.89 -14.16
CA THR C 995 24.21 -9.40 -13.20
C THR C 995 25.49 -9.88 -13.90
N SER C 996 25.57 -9.72 -15.22
CA SER C 996 26.71 -10.22 -15.99
C SER C 996 27.93 -9.35 -15.77
N LYS C 997 29.02 -9.96 -15.28
CA LYS C 997 30.24 -9.21 -15.03
C LYS C 997 30.97 -8.85 -16.32
N TYR C 998 30.72 -9.60 -17.40
CA TYR C 998 31.30 -9.27 -18.69
C TYR C 998 30.76 -7.95 -19.22
N LEU C 999 29.48 -7.67 -18.98
CA LEU C 999 28.93 -6.39 -19.35
C LEU C 999 29.27 -5.32 -18.32
N GLN C 1000 29.45 -5.71 -17.05
CA GLN C 1000 29.77 -4.73 -16.02
C GLN C 1000 31.20 -4.23 -16.12
N LYS C 1001 32.09 -5.01 -16.72
CA LYS C 1001 33.46 -4.53 -16.94
C LYS C 1001 33.55 -3.58 -18.12
N PHE C 1002 32.51 -3.49 -18.96
CA PHE C 1002 32.52 -2.52 -20.04
C PHE C 1002 32.30 -1.11 -19.52
N MET C 1003 31.58 -0.96 -18.41
CA MET C 1003 31.27 0.34 -17.85
C MET C 1003 32.37 0.88 -16.95
N ASN C 1004 33.44 0.11 -16.74
CA ASN C 1004 34.61 0.57 -16.00
C ASN C 1004 35.81 0.71 -16.92
N ALA C 1005 35.57 1.22 -18.13
CA ALA C 1005 36.62 1.40 -19.13
C ALA C 1005 37.48 2.63 -18.87
N HIS C 1006 37.24 3.38 -17.81
CA HIS C 1006 38.09 4.49 -17.41
C HIS C 1006 39.15 4.05 -16.41
N ASN C 1007 39.92 3.03 -16.79
CA ASN C 1007 40.98 2.52 -15.92
C ASN C 1007 42.13 1.95 -16.73
N MET D 1 -32.72 -35.60 -2.93
CA MET D 1 -31.50 -35.31 -2.20
C MET D 1 -31.47 -33.84 -1.76
N SER D 2 -31.31 -33.61 -0.45
CA SER D 2 -31.26 -32.26 0.09
C SER D 2 -29.81 -31.79 0.14
N LEU D 3 -29.56 -30.63 -0.44
CA LEU D 3 -28.24 -30.01 -0.46
C LEU D 3 -28.24 -28.84 0.51
N GLN D 4 -27.27 -28.81 1.42
CA GLN D 4 -27.28 -27.85 2.50
C GLN D 4 -25.88 -27.31 2.75
N MET D 5 -25.78 -25.99 2.87
CA MET D 5 -24.48 -25.34 3.01
C MET D 5 -24.05 -25.32 4.47
N VAL D 6 -22.76 -25.55 4.69
CA VAL D 6 -22.20 -25.76 6.03
C VAL D 6 -21.15 -24.69 6.29
N THR D 7 -21.28 -23.99 7.42
CA THR D 7 -20.27 -23.02 7.85
C THR D 7 -19.21 -23.71 8.71
N VAL D 8 -17.96 -23.29 8.53
CA VAL D 8 -16.83 -23.93 9.20
C VAL D 8 -16.24 -22.91 10.17
N GLY D 9 -15.66 -23.40 11.27
CA GLY D 9 -15.12 -22.56 12.32
C GLY D 9 -13.81 -21.86 12.00
N HIS D 10 -12.93 -21.74 12.99
CA HIS D 10 -11.74 -20.92 12.89
C HIS D 10 -10.58 -21.61 12.18
N ASN D 11 -10.81 -22.76 11.57
CA ASN D 11 -9.77 -23.51 10.86
C ASN D 11 -10.29 -24.00 9.51
N ILE D 12 -10.81 -23.05 8.72
CA ILE D 12 -11.21 -23.31 7.34
C ILE D 12 -10.04 -23.81 6.50
N ALA D 13 -8.82 -23.31 6.77
CA ALA D 13 -7.71 -23.57 5.86
C ALA D 13 -7.02 -24.89 6.11
N LEU D 14 -7.60 -25.84 6.83
CA LEU D 14 -7.03 -27.18 6.93
C LEU D 14 -7.61 -28.14 5.90
N ILE D 15 -8.83 -27.89 5.45
CA ILE D 15 -9.46 -28.75 4.46
C ILE D 15 -8.93 -28.38 3.08
N GLN D 16 -8.31 -29.35 2.42
CA GLN D 16 -7.72 -29.21 1.10
C GLN D 16 -8.34 -30.25 0.19
N PRO D 17 -8.22 -30.09 -1.13
CA PRO D 17 -8.62 -31.18 -2.05
C PRO D 17 -7.77 -32.42 -1.83
N GLY D 18 -8.45 -33.53 -1.53
CA GLY D 18 -7.79 -34.78 -1.27
C GLY D 18 -7.88 -35.29 0.16
N PHE D 19 -8.71 -34.68 1.00
CA PHE D 19 -8.90 -35.15 2.36
C PHE D 19 -9.72 -36.45 2.36
N SER D 20 -9.70 -37.13 3.50
CA SER D 20 -10.40 -38.40 3.64
C SER D 20 -11.09 -38.45 5.00
N LEU D 21 -12.38 -38.78 4.99
CA LEU D 21 -13.18 -38.89 6.20
C LEU D 21 -13.36 -40.36 6.56
N MET D 22 -12.94 -40.74 7.76
CA MET D 22 -13.17 -42.08 8.28
C MET D 22 -14.32 -42.05 9.28
N ASN D 23 -14.88 -43.23 9.54
CA ASN D 23 -16.07 -43.35 10.37
C ASN D 23 -15.83 -44.39 11.46
N PHE D 24 -16.02 -44.00 12.72
CA PHE D 24 -15.82 -44.90 13.84
C PHE D 24 -16.99 -44.75 14.80
N ASP D 25 -17.77 -45.82 14.95
CA ASP D 25 -18.91 -45.91 15.87
C ASP D 25 -19.97 -44.84 15.59
N GLY D 26 -20.15 -44.48 14.32
CA GLY D 26 -21.06 -43.41 13.96
C GLY D 26 -20.47 -42.02 13.97
N GLN D 27 -19.28 -41.84 14.53
CA GLN D 27 -18.63 -40.53 14.53
C GLN D 27 -17.74 -40.40 13.31
N VAL D 28 -17.66 -39.18 12.77
CA VAL D 28 -16.89 -38.89 11.58
C VAL D 28 -15.59 -38.21 12.00
N PHE D 29 -14.48 -38.60 11.38
CA PHE D 29 -13.19 -38.00 11.66
C PHE D 29 -12.56 -37.48 10.38
N PHE D 30 -11.43 -36.80 10.52
CA PHE D 30 -10.80 -36.06 9.45
C PHE D 30 -9.33 -36.44 9.37
N PHE D 31 -8.80 -36.51 8.14
CA PHE D 31 -7.40 -36.85 7.94
C PHE D 31 -6.94 -36.25 6.62
N GLY D 32 -5.70 -35.80 6.58
CA GLY D 32 -5.15 -35.23 5.36
C GLY D 32 -5.26 -33.72 5.30
N GLN D 33 -4.78 -33.05 6.34
CA GLN D 33 -4.89 -31.60 6.43
C GLN D 33 -3.88 -30.94 5.50
N LYS D 34 -4.02 -29.62 5.32
CA LYS D 34 -3.11 -28.86 4.48
C LYS D 34 -1.89 -28.43 5.27
N GLY D 35 -0.71 -28.79 4.78
CA GLY D 35 0.52 -28.51 5.46
C GLY D 35 0.82 -29.55 6.53
N TRP D 36 1.99 -29.40 7.14
CA TRP D 36 2.39 -30.29 8.21
C TRP D 36 1.58 -29.99 9.47
N PRO D 37 1.40 -30.99 10.36
CA PRO D 37 0.60 -30.76 11.57
C PRO D 37 1.22 -29.74 12.51
N LYS D 38 0.39 -28.82 12.98
CA LYS D 38 0.82 -27.74 13.85
C LYS D 38 0.94 -28.22 15.30
N ARG D 39 1.18 -27.27 16.20
CA ARG D 39 1.28 -27.58 17.62
C ARG D 39 -0.08 -27.62 18.29
N SER D 40 -1.10 -26.99 17.70
CA SER D 40 -2.45 -27.11 18.21
C SER D 40 -3.04 -28.50 17.96
N CYS D 41 -2.56 -29.21 16.95
CA CYS D 41 -2.98 -30.59 16.70
C CYS D 41 -1.81 -31.34 16.09
N PRO D 42 -0.97 -31.94 16.94
CA PRO D 42 0.25 -32.60 16.43
C PRO D 42 0.00 -33.89 15.66
N THR D 43 -1.20 -34.46 15.73
CA THR D 43 -1.48 -35.71 15.05
C THR D 43 -2.04 -35.50 13.65
N GLY D 44 -2.75 -34.40 13.42
CA GLY D 44 -3.37 -34.16 12.15
C GLY D 44 -4.73 -34.79 11.96
N VAL D 45 -5.18 -35.62 12.90
CA VAL D 45 -6.48 -36.26 12.85
C VAL D 45 -7.46 -35.42 13.66
N PHE D 46 -8.60 -35.08 13.06
CA PHE D 46 -9.54 -34.16 13.66
C PHE D 46 -10.90 -34.81 13.85
N HIS D 47 -11.75 -34.18 14.64
N HIS D 47 -11.71 -34.18 14.69
CA HIS D 47 -13.08 -34.69 14.92
CA HIS D 47 -13.09 -34.60 14.93
C HIS D 47 -14.06 -33.95 14.02
C HIS D 47 -13.99 -33.89 13.94
N PHE D 48 -14.48 -34.61 12.94
CA PHE D 48 -15.38 -34.01 11.95
C PHE D 48 -16.78 -33.99 12.54
N ASP D 49 -17.21 -32.81 13.00
CA ASP D 49 -18.46 -32.68 13.73
C ASP D 49 -19.32 -31.59 13.08
N ILE D 50 -20.36 -32.01 12.35
CA ILE D 50 -21.34 -31.10 11.77
C ILE D 50 -22.64 -31.31 12.54
N LYS D 51 -23.12 -30.24 13.18
CA LYS D 51 -24.41 -30.25 13.87
C LYS D 51 -24.97 -28.83 13.82
N GLN D 52 -26.27 -28.74 13.50
CA GLN D 52 -27.01 -27.54 13.09
C GLN D 52 -26.19 -26.66 12.14
N ASN D 53 -25.71 -27.32 11.09
CA ASN D 53 -25.00 -26.76 9.93
C ASN D 53 -23.72 -26.01 10.28
N HIS D 54 -23.08 -26.31 11.40
CA HIS D 54 -21.81 -25.71 11.76
C HIS D 54 -20.77 -26.81 11.95
N LEU D 55 -19.59 -26.60 11.37
CA LEU D 55 -18.53 -27.59 11.40
C LEU D 55 -17.43 -27.12 12.35
N LYS D 56 -17.10 -27.96 13.32
CA LYS D 56 -16.03 -27.70 14.27
C LYS D 56 -15.03 -28.85 14.21
N LEU D 57 -13.77 -28.53 13.93
CA LEU D 57 -12.71 -29.52 13.89
C LEU D 57 -12.01 -29.50 15.24
N LYS D 58 -12.21 -30.55 16.03
CA LYS D 58 -11.55 -30.70 17.30
C LYS D 58 -10.40 -31.70 17.18
N PRO D 59 -9.29 -31.48 17.88
CA PRO D 59 -8.16 -32.41 17.80
C PRO D 59 -8.48 -33.76 18.41
N ALA D 60 -7.79 -34.78 17.91
CA ALA D 60 -7.92 -36.15 18.39
C ALA D 60 -6.54 -36.70 18.65
N ILE D 61 -6.29 -37.14 19.88
CA ILE D 61 -4.97 -37.62 20.26
C ILE D 61 -4.78 -39.05 19.79
N PHE D 62 -3.54 -39.53 19.85
CA PHE D 62 -3.20 -40.91 19.54
C PHE D 62 -2.85 -41.64 20.84
N SER D 63 -2.73 -42.95 20.72
CA SER D 63 -2.28 -43.75 21.86
C SER D 63 -0.76 -43.67 21.98
N LYS D 64 -0.22 -44.31 23.01
CA LYS D 64 1.22 -44.28 23.21
C LYS D 64 1.96 -45.20 22.26
N ASP D 65 1.30 -46.20 21.70
CA ASP D 65 1.93 -47.16 20.80
C ASP D 65 1.74 -46.79 19.33
N SER D 66 1.19 -45.62 19.06
CA SER D 66 0.87 -45.21 17.71
C SER D 66 2.11 -44.73 16.96
N CYS D 67 1.99 -44.72 15.63
CA CYS D 67 2.95 -44.11 14.74
C CYS D 67 2.35 -42.81 14.23
N TYR D 68 3.11 -41.72 14.29
CA TYR D 68 2.61 -40.40 13.91
C TYR D 68 2.83 -40.23 12.42
N LEU D 69 1.74 -40.33 11.68
CA LEU D 69 1.76 -40.46 10.24
C LEU D 69 1.64 -39.10 9.56
N PRO D 70 2.24 -38.93 8.38
CA PRO D 70 2.14 -37.65 7.67
C PRO D 70 0.77 -37.48 7.06
N PRO D 71 0.36 -36.25 6.76
CA PRO D 71 -0.92 -36.06 6.07
C PRO D 71 -0.84 -36.49 4.61
N LEU D 72 -1.40 -37.64 4.29
CA LEU D 72 -1.40 -38.15 2.93
C LEU D 72 -2.51 -37.49 2.14
N ARG D 73 -2.20 -37.13 0.89
CA ARG D 73 -3.08 -36.25 0.14
C ARG D 73 -3.98 -36.96 -0.85
N TYR D 74 -3.67 -38.18 -1.28
CA TYR D 74 -4.58 -38.97 -2.11
C TYR D 74 -4.38 -40.45 -1.83
N PRO D 75 -4.79 -40.91 -0.65
CA PRO D 75 -4.52 -42.31 -0.30
C PRO D 75 -5.57 -43.25 -0.84
N ALA D 76 -5.50 -44.52 -0.46
CA ALA D 76 -6.53 -45.51 -0.78
C ALA D 76 -7.09 -46.01 0.54
N THR D 77 -8.32 -45.61 0.85
CA THR D 77 -8.94 -45.92 2.14
C THR D 77 -9.96 -47.04 1.98
N CYS D 78 -10.04 -47.88 3.01
CA CYS D 78 -11.05 -48.93 3.06
C CYS D 78 -11.31 -49.29 4.51
N SER D 79 -12.53 -49.71 4.78
CA SER D 79 -12.92 -50.18 6.10
C SER D 79 -12.74 -51.69 6.18
N TYR D 80 -12.39 -52.17 7.37
CA TYR D 80 -12.01 -53.57 7.55
C TYR D 80 -12.53 -54.04 8.90
N LYS D 81 -13.70 -54.68 8.90
CA LYS D 81 -14.29 -55.20 10.13
C LYS D 81 -13.83 -56.63 10.39
N LYS D 88 -11.58 -56.13 15.29
CA LYS D 88 -12.16 -54.81 15.53
C LYS D 88 -12.28 -54.03 14.24
N HIS D 89 -13.18 -53.05 14.24
CA HIS D 89 -13.37 -52.19 13.08
C HIS D 89 -12.20 -51.23 12.94
N GLN D 90 -11.61 -51.19 11.75
CA GLN D 90 -10.44 -50.36 11.53
C GLN D 90 -10.41 -49.88 10.08
N TYR D 91 -9.40 -49.09 9.77
CA TYR D 91 -9.24 -48.47 8.46
C TYR D 91 -7.84 -48.75 7.92
N ILE D 92 -7.75 -49.04 6.63
CA ILE D 92 -6.49 -49.30 5.95
C ILE D 92 -6.27 -48.18 4.95
N ILE D 93 -5.12 -47.51 5.05
CA ILE D 93 -4.74 -46.49 4.08
C ILE D 93 -3.40 -46.85 3.46
N HIS D 94 -3.26 -46.56 2.17
CA HIS D 94 -2.08 -46.90 1.40
C HIS D 94 -1.82 -45.81 0.39
N GLY D 95 -0.55 -45.49 0.18
CA GLY D 95 -0.20 -44.48 -0.80
C GLY D 95 -0.48 -43.08 -0.29
N GLY D 96 -0.57 -42.17 -1.25
CA GLY D 96 -0.83 -40.78 -0.96
C GLY D 96 0.41 -39.92 -1.13
N LYS D 97 0.20 -38.61 -1.01
CA LYS D 97 1.26 -37.63 -1.18
C LYS D 97 1.59 -36.96 0.14
N THR D 98 2.85 -37.12 0.57
CA THR D 98 3.42 -36.34 1.65
C THR D 98 3.42 -34.87 1.23
N PRO D 99 3.26 -33.93 2.19
CA PRO D 99 3.33 -32.49 1.84
C PRO D 99 4.63 -32.01 1.20
N ASN D 100 5.69 -32.81 1.19
CA ASN D 100 6.87 -32.52 0.39
C ASN D 100 6.78 -33.11 -1.01
N ASN D 101 5.57 -33.50 -1.44
CA ASN D 101 5.27 -34.05 -2.77
C ASN D 101 6.07 -35.32 -3.08
N GLU D 102 6.29 -36.16 -2.09
CA GLU D 102 6.80 -37.50 -2.33
C GLU D 102 5.72 -38.52 -1.99
N LEU D 103 5.70 -39.59 -2.76
CA LEU D 103 4.70 -40.64 -2.60
C LEU D 103 5.18 -41.67 -1.59
N SER D 104 4.24 -42.26 -0.86
CA SER D 104 4.55 -43.21 0.18
C SER D 104 4.04 -44.59 -0.19
N ASP D 105 4.71 -45.61 0.34
CA ASP D 105 4.33 -47.00 0.12
C ASP D 105 3.92 -47.69 1.41
N LYS D 106 3.75 -46.95 2.51
CA LYS D 106 3.43 -47.54 3.79
C LYS D 106 1.95 -47.89 3.86
N ILE D 107 1.63 -48.77 4.81
CA ILE D 107 0.26 -49.12 5.14
C ILE D 107 0.04 -48.78 6.60
N TYR D 108 -0.88 -47.86 6.87
CA TYR D 108 -1.23 -47.49 8.23
C TYR D 108 -2.61 -48.03 8.57
N ILE D 109 -2.73 -48.55 9.78
CA ILE D 109 -3.97 -49.14 10.28
C ILE D 109 -4.49 -48.28 11.41
N MET D 110 -5.60 -47.59 11.18
CA MET D 110 -6.17 -46.68 12.15
C MET D 110 -7.35 -47.36 12.85
N SER D 111 -7.28 -47.45 14.17
CA SER D 111 -8.33 -48.05 14.96
C SER D 111 -8.46 -47.29 16.29
N VAL D 112 -9.62 -47.41 16.91
CA VAL D 112 -9.91 -46.74 18.17
C VAL D 112 -9.22 -47.50 19.29
N ALA D 113 -8.36 -46.81 20.03
CA ALA D 113 -7.68 -47.41 21.18
C ALA D 113 -8.56 -47.39 22.42
N CYS D 114 -9.07 -46.21 22.78
CA CYS D 114 -9.98 -46.09 23.91
C CYS D 114 -10.92 -44.92 23.65
N LYS D 115 -12.15 -45.06 24.11
CA LYS D 115 -13.16 -44.03 23.93
C LYS D 115 -13.68 -43.59 25.29
N ASN D 116 -13.75 -42.28 25.49
CA ASN D 116 -14.28 -41.63 26.67
C ASN D 116 -15.50 -40.82 26.26
N ASN D 117 -15.99 -39.98 27.17
CA ASN D 117 -17.18 -39.18 26.91
C ASN D 117 -16.88 -38.15 25.83
N LYS D 118 -17.22 -38.51 24.59
CA LYS D 118 -17.10 -37.67 23.38
C LYS D 118 -15.65 -37.24 23.12
N LYS D 119 -14.70 -38.13 23.44
CA LYS D 119 -13.29 -37.90 23.13
C LYS D 119 -12.66 -39.24 22.84
N VAL D 120 -12.07 -39.39 21.66
CA VAL D 120 -11.60 -40.67 21.13
C VAL D 120 -10.09 -40.63 20.97
N THR D 121 -9.43 -41.70 21.38
CA THR D 121 -7.99 -41.88 21.22
C THR D 121 -7.75 -42.99 20.20
N PHE D 122 -6.98 -42.68 19.16
CA PHE D 122 -6.74 -43.59 18.06
C PHE D 122 -5.46 -44.40 18.26
N ARG D 123 -5.34 -45.46 17.45
CA ARG D 123 -4.13 -46.28 17.39
C ARG D 123 -3.75 -46.44 15.92
N CYS D 124 -2.61 -45.89 15.56
CA CYS D 124 -2.11 -45.94 14.18
C CYS D 124 -0.89 -46.86 14.15
N THR D 125 -0.99 -47.95 13.39
CA THR D 125 0.08 -48.92 13.29
C THR D 125 0.55 -49.04 11.85
N GLU D 126 1.86 -49.02 11.65
CA GLU D 126 2.46 -49.17 10.33
C GLU D 126 2.76 -50.64 10.08
N LYS D 127 2.30 -51.16 8.96
CA LYS D 127 2.42 -52.58 8.66
C LYS D 127 3.52 -52.81 7.63
N ASP D 128 4.40 -53.76 7.91
CA ASP D 128 5.41 -54.19 6.95
C ASP D 128 4.77 -54.91 5.78
N LEU D 129 5.25 -54.62 4.57
CA LEU D 129 4.76 -55.25 3.36
C LEU D 129 5.94 -55.88 2.64
N VAL D 130 5.94 -57.22 2.57
CA VAL D 130 7.01 -57.95 1.91
C VAL D 130 6.40 -58.73 0.74
N GLY D 131 7.24 -59.04 -0.24
CA GLY D 131 6.80 -59.80 -1.39
C GLY D 131 6.71 -58.96 -2.65
N ASP D 132 5.70 -59.22 -3.47
CA ASP D 132 5.46 -58.45 -4.69
C ASP D 132 4.73 -57.16 -4.31
N VAL D 133 5.49 -56.22 -3.76
CA VAL D 133 4.93 -54.99 -3.21
C VAL D 133 4.55 -54.03 -4.33
N PRO D 134 3.51 -53.23 -4.15
CA PRO D 134 3.22 -52.18 -5.12
C PRO D 134 4.15 -50.99 -4.91
N GLU D 135 4.41 -50.27 -5.99
CA GLU D 135 5.23 -49.08 -5.93
C GLU D 135 4.44 -47.94 -5.28
N PRO D 136 5.13 -46.90 -4.78
CA PRO D 136 4.41 -45.73 -4.25
C PRO D 136 3.55 -45.05 -5.31
N ARG D 137 2.29 -44.79 -4.97
CA ARG D 137 1.33 -44.29 -5.93
C ARG D 137 0.25 -43.51 -5.21
N TYR D 138 -0.64 -42.90 -6.00
CA TYR D 138 -1.80 -42.21 -5.47
C TYR D 138 -2.92 -42.31 -6.49
N GLY D 139 -4.14 -42.00 -6.04
CA GLY D 139 -5.30 -42.08 -6.89
C GLY D 139 -5.81 -43.47 -7.16
N HIS D 140 -5.37 -44.45 -6.39
CA HIS D 140 -5.75 -45.84 -6.56
C HIS D 140 -6.83 -46.21 -5.54
N SER D 141 -7.16 -47.50 -5.46
CA SER D 141 -8.21 -47.97 -4.57
C SER D 141 -7.81 -49.28 -3.92
N ILE D 142 -8.43 -49.56 -2.78
CA ILE D 142 -8.21 -50.81 -2.05
C ILE D 142 -9.55 -51.23 -1.45
N ASP D 143 -9.78 -52.55 -1.39
CA ASP D 143 -10.99 -53.12 -0.83
C ASP D 143 -10.67 -54.45 -0.18
N VAL D 144 -11.56 -54.89 0.71
CA VAL D 144 -11.42 -56.16 1.40
C VAL D 144 -12.52 -57.10 0.92
N VAL D 145 -12.13 -58.33 0.58
CA VAL D 145 -13.06 -59.34 0.12
C VAL D 145 -13.07 -60.49 1.12
N TYR D 146 -14.20 -61.18 1.20
CA TYR D 146 -14.39 -62.29 2.11
C TYR D 146 -14.75 -63.53 1.29
N SER D 147 -13.85 -64.51 1.29
CA SER D 147 -14.08 -65.76 0.57
C SER D 147 -13.64 -66.92 1.45
N ARG D 148 -14.61 -67.76 1.83
CA ARG D 148 -14.40 -68.98 2.62
C ARG D 148 -13.73 -68.70 3.96
N GLY D 149 -14.24 -67.70 4.68
CA GLY D 149 -13.77 -67.42 6.02
C GLY D 149 -12.42 -66.73 6.09
N LYS D 150 -11.92 -66.21 4.97
CA LYS D 150 -10.65 -65.50 4.95
C LYS D 150 -10.85 -64.12 4.35
N SER D 151 -9.88 -63.24 4.61
CA SER D 151 -9.94 -61.86 4.13
C SER D 151 -8.70 -61.56 3.29
N MET D 152 -8.86 -60.70 2.29
CA MET D 152 -7.77 -60.33 1.42
C MET D 152 -8.01 -58.92 0.91
N GLY D 153 -6.93 -58.15 0.77
CA GLY D 153 -7.00 -56.80 0.29
C GLY D 153 -6.67 -56.72 -1.20
N VAL D 154 -7.62 -56.21 -1.97
CA VAL D 154 -7.48 -56.13 -3.43
C VAL D 154 -7.12 -54.70 -3.81
N LEU D 155 -5.91 -54.52 -4.33
CA LEU D 155 -5.42 -53.21 -4.74
C LEU D 155 -5.31 -53.15 -6.25
N PHE D 156 -5.86 -52.10 -6.84
CA PHE D 156 -5.75 -51.82 -8.26
C PHE D 156 -4.85 -50.61 -8.46
N GLY D 157 -4.40 -50.40 -9.69
CA GLY D 157 -3.36 -49.43 -9.94
C GLY D 157 -3.86 -47.99 -9.91
N GLY D 158 -2.88 -47.08 -9.82
CA GLY D 158 -3.15 -45.65 -9.79
C GLY D 158 -2.13 -44.86 -10.58
N ARG D 159 -1.72 -43.71 -10.06
CA ARG D 159 -0.73 -42.84 -10.70
C ARG D 159 0.52 -42.77 -9.87
N SER D 160 1.66 -42.78 -10.54
CA SER D 160 2.96 -42.69 -9.88
C SER D 160 3.89 -41.84 -10.73
N TYR D 161 5.08 -41.61 -10.22
CA TYR D 161 6.08 -40.88 -10.99
C TYR D 161 6.79 -41.83 -11.94
N MET D 162 7.70 -41.27 -12.74
CA MET D 162 8.57 -42.07 -13.56
C MET D 162 9.56 -42.83 -12.68
N PRO D 163 10.06 -43.99 -13.12
CA PRO D 163 11.06 -44.71 -12.34
C PRO D 163 12.39 -43.98 -12.28
N SER D 164 13.25 -44.46 -11.40
CA SER D 164 14.48 -43.74 -11.05
C SER D 164 15.51 -43.75 -12.18
N THR D 165 15.37 -44.63 -13.16
CA THR D 165 16.24 -44.64 -14.32
C THR D 165 15.60 -43.96 -15.53
N GLN D 166 14.49 -43.25 -15.33
CA GLN D 166 13.78 -42.63 -16.44
C GLN D 166 13.27 -41.24 -16.08
N ARG D 167 13.61 -40.75 -14.89
CA ARG D 167 13.08 -39.50 -14.37
C ARG D 167 14.14 -38.41 -14.51
N THR D 168 13.80 -37.35 -15.23
CA THR D 168 14.67 -36.20 -15.40
C THR D 168 14.15 -35.02 -14.60
N THR D 169 15.05 -34.11 -14.26
CA THR D 169 14.65 -32.95 -13.47
C THR D 169 13.89 -31.90 -14.27
N GLU D 170 13.94 -31.95 -15.59
CA GLU D 170 13.10 -31.07 -16.40
C GLU D 170 11.67 -31.55 -16.45
N LYS D 171 11.42 -32.81 -16.11
CA LYS D 171 10.10 -33.42 -16.06
C LYS D 171 9.95 -34.18 -14.75
N TRP D 172 10.29 -33.51 -13.64
CA TRP D 172 10.38 -34.15 -12.34
C TRP D 172 9.00 -34.49 -11.79
N ASN D 173 8.03 -33.60 -11.99
CA ASN D 173 6.68 -33.79 -11.45
C ASN D 173 5.74 -34.43 -12.45
N SER D 174 6.25 -35.01 -13.52
CA SER D 174 5.40 -35.68 -14.51
C SER D 174 5.00 -37.05 -14.00
N VAL D 175 3.70 -37.35 -14.07
CA VAL D 175 3.17 -38.61 -13.58
C VAL D 175 2.82 -39.51 -14.75
N ALA D 176 2.79 -40.81 -14.48
CA ALA D 176 2.38 -41.81 -15.44
C ALA D 176 1.55 -42.86 -14.71
N ASP D 177 0.59 -43.44 -15.43
CA ASP D 177 -0.30 -44.43 -14.84
C ASP D 177 0.45 -45.70 -14.50
N CYS D 178 0.01 -46.36 -13.43
CA CYS D 178 0.67 -47.58 -12.98
C CYS D 178 0.29 -48.74 -13.88
N LEU D 179 0.95 -49.87 -13.65
CA LEU D 179 0.63 -51.08 -14.39
C LEU D 179 -0.72 -51.64 -13.95
N PRO D 180 -1.47 -52.29 -14.86
CA PRO D 180 -2.82 -52.75 -14.51
C PRO D 180 -2.86 -54.05 -13.71
N HIS D 181 -1.76 -54.41 -13.06
CA HIS D 181 -1.71 -55.59 -12.20
C HIS D 181 -2.64 -55.41 -11.00
N VAL D 182 -3.07 -56.54 -10.44
CA VAL D 182 -3.93 -56.57 -9.26
C VAL D 182 -3.17 -57.25 -8.13
N PHE D 183 -3.09 -56.58 -6.98
CA PHE D 183 -2.34 -57.06 -5.84
C PHE D 183 -3.29 -57.62 -4.80
N LEU D 184 -2.92 -58.75 -4.20
CA LEU D 184 -3.68 -59.37 -3.13
C LEU D 184 -2.91 -59.17 -1.83
N ILE D 185 -3.39 -58.27 -0.99
CA ILE D 185 -2.70 -57.89 0.23
C ILE D 185 -3.32 -58.63 1.41
N ASP D 186 -2.50 -59.40 2.12
CA ASP D 186 -2.96 -60.11 3.30
C ASP D 186 -2.57 -59.30 4.53
N PHE D 187 -3.56 -58.99 5.36
CA PHE D 187 -3.33 -58.15 6.53
C PHE D 187 -2.91 -58.93 7.75
N GLU D 188 -2.95 -60.26 7.70
CA GLU D 188 -2.39 -61.08 8.77
C GLU D 188 -0.88 -61.10 8.78
N PHE D 189 -0.25 -61.29 7.63
CA PHE D 189 1.19 -61.47 7.56
C PHE D 189 1.91 -60.35 6.83
N GLY D 190 1.19 -59.51 6.08
CA GLY D 190 1.84 -58.42 5.37
C GLY D 190 2.51 -58.87 4.09
N CYS D 191 1.86 -59.78 3.38
CA CYS D 191 2.36 -60.27 2.10
C CYS D 191 1.47 -59.76 0.97
N ALA D 192 2.06 -59.63 -0.20
CA ALA D 192 1.34 -59.14 -1.37
C ALA D 192 1.83 -59.86 -2.61
N THR D 193 0.91 -60.40 -3.40
CA THR D 193 1.22 -61.05 -4.65
C THR D 193 0.48 -60.35 -5.78
N SER D 194 1.18 -60.15 -6.90
CA SER D 194 0.61 -59.49 -8.06
C SER D 194 0.06 -60.52 -9.05
N TYR D 195 -0.88 -60.06 -9.88
CA TYR D 195 -1.52 -60.91 -10.85
C TYR D 195 -1.76 -60.14 -12.13
N ILE D 196 -1.21 -60.64 -13.24
CA ILE D 196 -1.41 -60.06 -14.56
C ILE D 196 -2.67 -60.68 -15.15
N LEU D 197 -3.66 -59.83 -15.43
CA LEU D 197 -4.93 -60.29 -15.98
C LEU D 197 -5.09 -59.74 -17.39
N PRO D 198 -5.46 -60.57 -18.38
CA PRO D 198 -5.53 -60.09 -19.76
C PRO D 198 -6.72 -59.21 -20.06
N GLU D 199 -7.74 -59.17 -19.19
CA GLU D 199 -8.89 -58.32 -19.44
C GLU D 199 -8.65 -56.87 -19.05
N LEU D 200 -7.53 -56.56 -18.40
CA LEU D 200 -7.21 -55.21 -17.97
C LEU D 200 -5.95 -54.76 -18.72
N GLN D 201 -6.14 -53.94 -19.75
CA GLN D 201 -5.02 -53.48 -20.58
C GLN D 201 -4.60 -52.05 -20.26
N ASP D 202 -5.55 -51.17 -20.00
CA ASP D 202 -5.24 -49.77 -19.74
C ASP D 202 -5.04 -49.53 -18.25
N GLY D 203 -4.22 -48.52 -17.94
CA GLY D 203 -4.12 -48.04 -16.58
C GLY D 203 -5.33 -47.22 -16.20
N LEU D 204 -5.57 -47.12 -14.88
CA LEU D 204 -6.78 -46.48 -14.40
C LEU D 204 -6.46 -45.71 -13.13
N SER D 205 -7.17 -44.60 -12.93
CA SER D 205 -6.94 -43.76 -11.77
C SER D 205 -8.22 -43.01 -11.43
N PHE D 206 -8.38 -42.73 -10.13
CA PHE D 206 -9.52 -41.99 -9.57
C PHE D 206 -10.85 -42.67 -9.90
N HIS D 207 -10.87 -43.99 -9.78
CA HIS D 207 -12.04 -44.79 -10.10
C HIS D 207 -12.81 -45.16 -8.84
N VAL D 208 -13.98 -45.76 -9.04
CA VAL D 208 -14.86 -46.19 -7.96
C VAL D 208 -14.77 -47.71 -7.85
N SER D 209 -14.73 -48.20 -6.62
CA SER D 209 -14.55 -49.63 -6.36
C SER D 209 -15.49 -50.05 -5.25
N ILE D 210 -16.53 -50.83 -5.61
CA ILE D 210 -17.53 -51.32 -4.68
C ILE D 210 -17.20 -52.77 -4.34
N ALA D 211 -17.35 -53.13 -3.07
CA ALA D 211 -16.94 -54.45 -2.57
C ALA D 211 -18.15 -55.24 -2.14
N ARG D 212 -18.40 -56.36 -2.82
CA ARG D 212 -19.35 -57.38 -2.41
C ARG D 212 -18.57 -58.42 -1.59
N ASN D 213 -19.11 -59.63 -1.42
CA ASN D 213 -18.48 -60.65 -0.59
C ASN D 213 -17.11 -61.04 -1.11
N ASP D 214 -17.03 -61.53 -2.35
CA ASP D 214 -15.77 -61.95 -2.94
C ASP D 214 -15.47 -61.24 -4.25
N THR D 215 -16.23 -60.22 -4.60
CA THR D 215 -16.01 -59.48 -5.84
C THR D 215 -15.64 -58.03 -5.53
N VAL D 216 -14.97 -57.40 -6.49
CA VAL D 216 -14.71 -55.96 -6.47
C VAL D 216 -15.16 -55.41 -7.81
N TYR D 217 -16.16 -54.54 -7.79
CA TYR D 217 -16.66 -53.92 -9.02
C TYR D 217 -15.94 -52.60 -9.24
N ILE D 218 -15.08 -52.55 -10.24
CA ILE D 218 -14.30 -51.36 -10.56
C ILE D 218 -14.91 -50.72 -11.79
N LEU D 219 -15.40 -49.50 -11.63
CA LEU D 219 -16.03 -48.75 -12.71
C LEU D 219 -15.50 -47.34 -12.74
N GLY D 220 -15.63 -46.71 -13.90
CA GLY D 220 -15.11 -45.37 -14.09
C GLY D 220 -13.60 -45.36 -14.24
N GLY D 221 -13.02 -44.19 -14.00
CA GLY D 221 -11.59 -44.02 -14.05
C GLY D 221 -11.16 -43.11 -15.18
N HIS D 222 -9.85 -42.87 -15.23
CA HIS D 222 -9.25 -42.02 -16.25
C HIS D 222 -7.84 -42.51 -16.53
N SER D 223 -7.51 -42.65 -17.82
CA SER D 223 -6.20 -43.13 -18.23
C SER D 223 -5.36 -41.96 -18.74
N LEU D 224 -4.05 -42.06 -18.57
CA LEU D 224 -3.15 -40.99 -18.97
C LEU D 224 -2.55 -41.19 -20.35
N ALA D 225 -2.48 -42.44 -20.83
CA ALA D 225 -1.83 -42.69 -22.11
C ALA D 225 -2.68 -42.21 -23.28
N SER D 226 -3.96 -42.56 -23.28
CA SER D 226 -4.89 -42.14 -24.32
C SER D 226 -5.69 -40.90 -23.94
N ASN D 227 -5.68 -40.51 -22.66
CA ASN D 227 -6.30 -39.30 -22.12
C ASN D 227 -7.81 -39.29 -22.37
N ILE D 228 -8.46 -40.41 -22.07
CA ILE D 228 -9.92 -40.49 -22.11
C ILE D 228 -10.39 -41.11 -20.80
N ARG D 229 -11.69 -40.94 -20.55
CA ARG D 229 -12.33 -41.58 -19.40
C ARG D 229 -13.21 -42.70 -19.92
N PRO D 230 -12.76 -43.95 -19.86
CA PRO D 230 -13.53 -45.04 -20.49
C PRO D 230 -14.72 -45.45 -19.66
N ALA D 231 -15.79 -45.83 -20.36
CA ALA D 231 -17.02 -46.30 -19.71
C ALA D 231 -16.99 -47.82 -19.58
N ASN D 232 -15.98 -48.32 -18.87
CA ASN D 232 -15.76 -49.74 -18.69
C ASN D 232 -16.11 -50.15 -17.26
N LEU D 233 -16.49 -51.42 -17.11
CA LEU D 233 -16.86 -51.97 -15.82
C LEU D 233 -16.23 -53.35 -15.72
N TYR D 234 -15.49 -53.59 -14.64
CA TYR D 234 -14.78 -54.84 -14.43
C TYR D 234 -15.20 -55.43 -13.09
N ARG D 235 -15.51 -56.73 -13.08
CA ARG D 235 -15.76 -57.46 -11.85
C ARG D 235 -14.58 -58.38 -11.59
N ILE D 236 -13.88 -58.14 -10.48
CA ILE D 236 -12.72 -58.93 -10.10
C ILE D 236 -13.19 -59.93 -9.04
N ARG D 237 -13.38 -61.18 -9.45
CA ARG D 237 -13.79 -62.23 -8.53
C ARG D 237 -12.56 -62.92 -7.96
N VAL D 238 -12.47 -62.99 -6.65
CA VAL D 238 -11.35 -63.61 -5.95
C VAL D 238 -11.86 -64.85 -5.24
N ASP D 239 -11.26 -65.98 -5.55
CA ASP D 239 -11.50 -67.23 -4.83
C ASP D 239 -10.33 -67.51 -3.90
N LEU D 240 -10.63 -67.94 -2.68
CA LEU D 240 -9.64 -68.16 -1.64
C LEU D 240 -9.68 -69.61 -1.18
N PRO D 241 -9.06 -70.53 -1.91
CA PRO D 241 -8.99 -71.92 -1.44
C PRO D 241 -7.83 -72.12 -0.48
N LEU D 242 -7.56 -73.37 -0.12
CA LEU D 242 -6.41 -73.67 0.74
C LEU D 242 -5.09 -73.38 0.03
N GLY D 243 -5.04 -73.55 -1.29
CA GLY D 243 -3.83 -73.28 -2.05
C GLY D 243 -3.71 -71.83 -2.47
N THR D 244 -3.17 -71.60 -3.66
CA THR D 244 -3.02 -70.25 -4.19
C THR D 244 -4.38 -69.68 -4.58
N PRO D 245 -4.57 -68.37 -4.44
CA PRO D 245 -5.85 -67.76 -4.84
C PRO D 245 -6.00 -67.69 -6.35
N ALA D 246 -7.25 -67.58 -6.77
CA ALA D 246 -7.60 -67.48 -8.18
C ALA D 246 -8.30 -66.16 -8.43
N VAL D 247 -7.66 -65.29 -9.20
CA VAL D 247 -8.18 -63.96 -9.51
C VAL D 247 -8.70 -63.98 -10.94
N ASN D 248 -9.96 -63.64 -11.13
CA ASN D 248 -10.60 -63.65 -12.44
C ASN D 248 -11.32 -62.33 -12.66
N CYS D 249 -10.94 -61.61 -13.70
CA CYS D 249 -11.62 -60.38 -14.08
C CYS D 249 -12.64 -60.68 -15.17
N THR D 250 -13.67 -59.84 -15.21
CA THR D 250 -14.75 -60.02 -16.19
C THR D 250 -15.24 -58.65 -16.62
N VAL D 251 -15.23 -58.40 -17.92
CA VAL D 251 -15.73 -57.14 -18.46
C VAL D 251 -17.25 -57.23 -18.58
N LEU D 252 -17.95 -56.22 -18.08
CA LEU D 252 -19.40 -56.17 -18.18
C LEU D 252 -19.84 -54.89 -18.89
N PRO D 253 -20.98 -54.92 -19.56
CA PRO D 253 -21.55 -53.68 -20.10
C PRO D 253 -22.34 -52.93 -19.04
N GLY D 254 -22.49 -51.62 -19.27
CA GLY D 254 -23.25 -50.79 -18.36
C GLY D 254 -22.39 -49.81 -17.57
N GLY D 255 -21.11 -49.74 -17.91
CA GLY D 255 -20.22 -48.82 -17.22
C GLY D 255 -20.49 -47.37 -17.59
N ILE D 256 -19.95 -46.46 -16.77
CA ILE D 256 -20.15 -45.04 -16.96
C ILE D 256 -18.80 -44.35 -17.03
N SER D 257 -18.73 -43.28 -17.83
CA SER D 257 -17.50 -42.50 -18.00
C SER D 257 -17.40 -41.55 -16.83
N VAL D 258 -16.58 -41.92 -15.85
CA VAL D 258 -16.57 -41.26 -14.54
C VAL D 258 -15.14 -41.20 -14.02
N SER D 259 -14.75 -40.06 -13.48
CA SER D 259 -13.47 -39.92 -12.80
C SER D 259 -13.63 -39.03 -11.59
N SER D 260 -12.94 -39.40 -10.50
CA SER D 260 -12.93 -38.69 -9.22
C SER D 260 -14.34 -38.52 -8.65
N ALA D 261 -15.06 -39.64 -8.54
CA ALA D 261 -16.42 -39.60 -8.01
C ALA D 261 -16.42 -39.95 -6.53
N ILE D 262 -17.56 -39.70 -5.89
CA ILE D 262 -17.76 -39.97 -4.47
C ILE D 262 -18.76 -41.11 -4.34
N LEU D 263 -18.43 -42.10 -3.51
CA LEU D 263 -19.24 -43.29 -3.35
C LEU D 263 -19.74 -43.37 -1.92
N THR D 264 -21.04 -43.62 -1.76
CA THR D 264 -21.63 -43.81 -0.45
C THR D 264 -22.51 -45.05 -0.45
N GLN D 265 -22.81 -45.54 0.75
CA GLN D 265 -23.66 -46.71 0.93
C GLN D 265 -24.86 -46.29 1.76
N THR D 266 -25.96 -45.96 1.07
CA THR D 266 -27.15 -45.51 1.77
C THR D 266 -27.92 -46.67 2.39
N ASN D 267 -28.14 -47.72 1.63
CA ASN D 267 -28.85 -48.91 2.09
C ASN D 267 -27.91 -50.10 1.92
N ASN D 268 -28.31 -51.24 2.48
CA ASN D 268 -27.58 -52.48 2.28
C ASN D 268 -27.73 -52.94 0.84
N ASP D 269 -26.59 -53.29 0.21
CA ASP D 269 -26.50 -53.66 -1.22
C ASP D 269 -27.06 -52.57 -2.14
N GLU D 270 -26.80 -51.32 -1.80
CA GLU D 270 -27.29 -50.18 -2.57
C GLU D 270 -26.31 -49.02 -2.41
N PHE D 271 -25.74 -48.56 -3.51
CA PHE D 271 -24.69 -47.55 -3.50
C PHE D 271 -25.07 -46.42 -4.44
N VAL D 272 -24.57 -45.21 -4.14
CA VAL D 272 -24.88 -44.02 -4.91
C VAL D 272 -23.56 -43.38 -5.35
N ILE D 273 -23.45 -43.08 -6.63
CA ILE D 273 -22.31 -42.37 -7.19
C ILE D 273 -22.66 -40.89 -7.27
N VAL D 274 -21.91 -40.05 -6.55
CA VAL D 274 -22.14 -38.60 -6.52
C VAL D 274 -20.90 -37.90 -7.03
N GLY D 275 -21.08 -36.93 -7.91
CA GLY D 275 -20.00 -36.07 -8.33
C GLY D 275 -19.07 -36.74 -9.33
N GLY D 276 -18.05 -35.99 -9.72
CA GLY D 276 -17.03 -36.47 -10.63
C GLY D 276 -16.95 -35.60 -11.87
N TYR D 277 -16.12 -36.04 -12.82
CA TYR D 277 -15.89 -35.33 -14.06
C TYR D 277 -16.12 -36.27 -15.23
N GLN D 278 -16.99 -35.88 -16.15
CA GLN D 278 -17.17 -36.66 -17.37
C GLN D 278 -16.15 -36.28 -18.43
N LEU D 279 -15.87 -34.99 -18.58
CA LEU D 279 -14.78 -34.52 -19.44
C LEU D 279 -13.91 -33.55 -18.67
N GLU D 280 -13.00 -32.86 -19.35
CA GLU D 280 -12.11 -31.92 -18.67
C GLU D 280 -12.86 -30.65 -18.29
N ASN D 281 -13.38 -29.94 -19.29
CA ASN D 281 -14.13 -28.72 -19.05
C ASN D 281 -15.59 -28.97 -18.71
N GLN D 282 -16.05 -30.22 -18.80
CA GLN D 282 -17.43 -30.58 -18.54
C GLN D 282 -17.50 -31.33 -17.22
N LYS D 283 -18.46 -30.95 -16.39
CA LYS D 283 -18.63 -31.49 -15.05
C LYS D 283 -19.86 -32.38 -15.02
N ARG D 284 -19.83 -33.39 -14.15
CA ARG D 284 -20.90 -34.38 -14.08
C ARG D 284 -21.89 -33.99 -13.00
N MET D 285 -23.07 -33.52 -13.41
CA MET D 285 -24.09 -33.06 -12.49
C MET D 285 -25.14 -34.12 -12.19
N VAL D 286 -24.99 -35.32 -12.73
CA VAL D 286 -25.95 -36.39 -12.51
C VAL D 286 -25.40 -37.35 -11.48
N CYS D 287 -26.28 -38.17 -10.92
CA CYS D 287 -25.91 -39.18 -9.95
C CYS D 287 -26.38 -40.54 -10.42
N SER D 288 -25.67 -41.58 -9.98
CA SER D 288 -25.93 -42.95 -10.42
C SER D 288 -26.22 -43.83 -9.22
N LEU D 289 -27.29 -44.61 -9.31
CA LEU D 289 -27.71 -45.50 -8.25
C LEU D 289 -27.29 -46.92 -8.60
N VAL D 290 -26.41 -47.49 -7.79
CA VAL D 290 -25.88 -48.83 -7.99
C VAL D 290 -26.50 -49.76 -6.95
N SER D 291 -27.19 -50.79 -7.42
CA SER D 291 -27.82 -51.78 -6.55
C SER D 291 -27.14 -53.12 -6.77
N LEU D 292 -26.39 -53.58 -5.77
CA LEU D 292 -25.69 -54.85 -5.87
C LEU D 292 -26.65 -56.01 -5.72
N GLY D 293 -26.24 -57.18 -6.22
CA GLY D 293 -26.99 -58.39 -6.05
C GLY D 293 -26.10 -59.56 -5.67
N ASP D 294 -26.53 -60.77 -6.05
CA ASP D 294 -25.66 -61.93 -5.84
C ASP D 294 -24.72 -62.12 -7.03
N ASN D 295 -25.21 -61.89 -8.24
CA ASN D 295 -24.38 -61.97 -9.43
C ASN D 295 -24.47 -60.73 -10.31
N THR D 296 -25.63 -60.08 -10.40
CA THR D 296 -25.85 -59.00 -11.35
C THR D 296 -25.91 -57.67 -10.61
N ILE D 297 -25.40 -56.62 -11.27
CA ILE D 297 -25.53 -55.25 -10.80
C ILE D 297 -26.20 -54.45 -11.91
N GLU D 298 -26.83 -53.35 -11.51
CA GLU D 298 -27.45 -52.44 -12.46
C GLU D 298 -27.25 -51.00 -11.97
N ILE D 299 -27.04 -50.11 -12.93
CA ILE D 299 -26.75 -48.72 -12.66
C ILE D 299 -27.85 -47.91 -13.33
N SER D 300 -28.70 -47.29 -12.52
CA SER D 300 -29.85 -46.56 -13.04
C SER D 300 -29.73 -45.09 -12.68
N GLU D 301 -30.70 -44.32 -13.18
CA GLU D 301 -30.72 -42.88 -12.94
C GLU D 301 -31.46 -42.62 -11.64
N MET D 302 -30.99 -41.65 -10.88
CA MET D 302 -31.81 -41.06 -9.85
C MET D 302 -32.10 -39.61 -10.24
N GLU D 303 -32.88 -38.90 -9.43
CA GLU D 303 -33.20 -37.52 -9.75
C GLU D 303 -32.01 -36.62 -9.45
N THR D 304 -31.89 -35.56 -10.22
CA THR D 304 -30.79 -34.62 -10.01
C THR D 304 -31.08 -33.76 -8.80
N PRO D 305 -30.15 -33.64 -7.86
CA PRO D 305 -30.36 -32.74 -6.73
C PRO D 305 -30.25 -31.29 -7.16
N ASP D 306 -30.86 -30.42 -6.37
CA ASP D 306 -30.93 -29.00 -6.71
C ASP D 306 -29.58 -28.36 -6.43
N TRP D 307 -28.71 -28.39 -7.44
CA TRP D 307 -27.43 -27.70 -7.35
C TRP D 307 -27.65 -26.19 -7.34
N THR D 308 -26.91 -25.48 -6.50
CA THR D 308 -27.03 -24.04 -6.45
C THR D 308 -26.28 -23.39 -7.61
N SER D 309 -26.31 -22.06 -7.65
CA SER D 309 -25.76 -21.33 -8.78
C SER D 309 -24.23 -21.29 -8.76
N ASP D 310 -23.60 -21.54 -7.62
CA ASP D 310 -22.14 -21.50 -7.53
C ASP D 310 -21.51 -22.87 -7.73
N ILE D 311 -22.26 -23.95 -7.57
CA ILE D 311 -21.75 -25.27 -7.91
C ILE D 311 -21.92 -25.57 -9.40
N LYS D 312 -22.98 -25.07 -10.03
CA LYS D 312 -23.19 -25.31 -11.45
C LYS D 312 -22.20 -24.54 -12.31
N HIS D 313 -21.65 -23.45 -11.78
CA HIS D 313 -20.68 -22.64 -12.50
C HIS D 313 -19.27 -22.77 -11.94
N SER D 314 -19.04 -23.66 -10.98
CA SER D 314 -17.70 -23.95 -10.54
C SER D 314 -16.98 -24.81 -11.56
N LYS D 315 -15.66 -24.76 -11.54
CA LYS D 315 -14.89 -25.59 -12.45
C LYS D 315 -14.48 -26.92 -11.82
N ILE D 316 -14.12 -26.93 -10.54
CA ILE D 316 -13.71 -28.14 -9.84
C ILE D 316 -14.59 -28.30 -8.60
N TRP D 317 -14.67 -29.53 -8.11
CA TRP D 317 -15.08 -29.81 -6.74
C TRP D 317 -14.20 -30.91 -6.18
N PHE D 318 -14.46 -31.25 -4.92
CA PHE D 318 -13.79 -32.36 -4.24
C PHE D 318 -14.72 -32.81 -3.12
N GLY D 319 -14.21 -33.64 -2.23
CA GLY D 319 -15.00 -34.11 -1.11
C GLY D 319 -14.96 -35.61 -0.94
N SER D 320 -15.62 -36.13 0.08
CA SER D 320 -15.62 -37.56 0.34
C SER D 320 -16.90 -37.93 1.07
N ASN D 321 -16.97 -39.16 1.56
CA ASN D 321 -18.18 -39.75 2.11
C ASN D 321 -18.12 -39.73 3.64
N MET D 322 -19.20 -39.26 4.27
CA MET D 322 -19.25 -39.22 5.72
C MET D 322 -19.73 -40.54 6.33
N GLY D 323 -20.38 -41.40 5.57
CA GLY D 323 -20.72 -42.74 6.01
C GLY D 323 -22.18 -42.98 6.30
N ASN D 324 -22.97 -41.94 6.59
CA ASN D 324 -24.38 -42.09 6.89
C ASN D 324 -25.26 -41.84 5.66
N GLY D 325 -24.79 -42.20 4.48
CA GLY D 325 -25.48 -41.85 3.26
C GLY D 325 -25.43 -40.37 2.97
N THR D 326 -24.40 -39.68 3.44
CA THR D 326 -24.31 -38.23 3.40
C THR D 326 -22.96 -37.84 2.83
N ILE D 327 -22.96 -36.94 1.84
CA ILE D 327 -21.75 -36.49 1.17
C ILE D 327 -21.37 -35.11 1.70
N PHE D 328 -20.07 -34.89 1.87
CA PHE D 328 -19.52 -33.58 2.23
C PHE D 328 -18.62 -33.13 1.08
N LEU D 329 -19.13 -32.25 0.22
CA LEU D 329 -18.37 -31.78 -0.93
C LEU D 329 -18.07 -30.29 -0.83
N GLY D 330 -16.98 -29.88 -1.46
CA GLY D 330 -16.53 -28.51 -1.40
C GLY D 330 -16.41 -27.83 -2.75
N ILE D 331 -16.45 -26.50 -2.75
CA ILE D 331 -16.38 -25.68 -3.95
C ILE D 331 -15.35 -24.60 -3.69
N PRO D 332 -14.41 -24.37 -4.63
CA PRO D 332 -13.37 -23.35 -4.47
C PRO D 332 -13.97 -22.00 -4.07
N GLY D 333 -13.42 -21.39 -3.01
CA GLY D 333 -13.88 -20.09 -2.50
C GLY D 333 -14.08 -19.08 -3.61
N ASP D 334 -15.25 -18.44 -3.65
CA ASP D 334 -15.63 -17.44 -4.68
C ASP D 334 -14.47 -16.46 -4.94
N ASN D 335 -13.54 -16.81 -5.84
CA ASN D 335 -12.34 -16.02 -6.25
C ASN D 335 -11.20 -16.06 -5.22
N LYS D 336 -11.51 -15.76 -3.95
CA LYS D 336 -10.62 -15.73 -2.75
C LYS D 336 -9.77 -14.45 -2.74
N GLN D 337 -9.93 -13.66 -1.68
CA GLN D 337 -9.14 -12.41 -1.49
C GLN D 337 -8.04 -12.69 -0.46
N ALA D 338 -7.53 -13.92 -0.47
CA ALA D 338 -6.47 -14.47 0.44
C ALA D 338 -6.97 -14.60 1.88
N MET D 339 -8.30 -14.68 2.09
CA MET D 339 -8.93 -14.77 3.42
C MET D 339 -10.45 -14.94 3.27
N SER D 340 -11.14 -14.90 4.41
CA SER D 340 -12.63 -14.97 4.51
C SER D 340 -13.17 -16.20 3.78
N GLU D 341 -12.60 -17.38 4.08
CA GLU D 341 -12.95 -18.72 3.55
C GLU D 341 -12.51 -18.88 2.08
N ALA D 342 -11.50 -19.73 1.84
CA ALA D 342 -10.98 -19.97 0.49
C ALA D 342 -11.80 -21.05 -0.22
N PHE D 343 -12.70 -21.72 0.51
CA PHE D 343 -13.54 -22.79 -0.08
C PHE D 343 -14.96 -22.74 0.49
N TYR D 344 -15.95 -23.09 -0.33
CA TYR D 344 -17.35 -23.15 0.07
C TYR D 344 -17.77 -24.60 0.18
N PHE D 345 -18.26 -25.00 1.35
CA PHE D 345 -18.59 -26.38 1.63
C PHE D 345 -20.09 -26.59 1.69
N TYR D 346 -20.50 -27.82 1.38
CA TYR D 346 -21.92 -28.20 1.36
C TYR D 346 -22.05 -29.59 1.96
N THR D 347 -23.31 -29.97 2.24
CA THR D 347 -23.63 -31.30 2.71
C THR D 347 -24.83 -31.80 1.93
N LEU D 348 -24.68 -32.99 1.34
CA LEU D 348 -25.73 -33.60 0.52
C LEU D 348 -26.20 -34.86 1.23
N ARG D 349 -27.49 -34.99 1.45
CA ARG D 349 -28.07 -36.16 2.10
C ARG D 349 -28.80 -37.03 1.09
N CYS D 350 -28.80 -38.34 1.36
CA CYS D 350 -29.50 -39.31 0.52
C CYS D 350 -30.43 -40.15 1.38
N SER D 351 -31.64 -39.64 1.60
CA SER D 351 -32.71 -40.26 2.41
C SER D 351 -32.26 -40.64 3.82
CA CA K . -6.20 11.98 -6.50
ZN ZN L . -27.90 19.19 -12.51
CA CA M . 10.27 -10.80 2.03
ZN ZN N . 21.31 -21.54 20.65
#